data_5LQV
#
_entry.id   5LQV
#
loop_
_entity.id
_entity.type
_entity.pdbx_description
1 polymer 'Non-specific lipid-transfer protein 2'
2 non-polymer 1-MYRISTOYL-2-HYDROXY-SN-GLYCERO-3-[PHOSPHO-RAC-(1-GLYCEROL)]
#
_entity_poly.entity_id   1
_entity_poly.type   'polypeptide(L)'
_entity_poly.pdbx_seq_one_letter_code
;AISCGAVTSDLSPCLTYLTGGPGPSPQCCGGVKKLLAAANTTPDRQAACNCLKSAAGSITKLNTNNAAALPGKCGVNIPY
KISTTTNCNTVKF
;
_entity_poly.pdbx_strand_id   A
#
# COMPACT_ATOMS: atom_id res chain seq x y z
N ALA A 1 3.98 11.43 12.04
CA ALA A 1 3.00 10.36 12.09
C ALA A 1 1.88 10.60 11.08
N ILE A 2 0.90 9.70 11.07
CA ILE A 2 -0.22 9.81 10.14
C ILE A 2 -1.46 9.12 10.71
N SER A 3 -2.54 9.13 9.94
CA SER A 3 -3.79 8.50 10.35
C SER A 3 -3.93 7.11 9.74
N CYS A 4 -3.80 6.09 10.57
CA CYS A 4 -3.90 4.70 10.12
C CYS A 4 -5.18 4.50 9.32
N GLY A 5 -6.28 5.07 9.81
CA GLY A 5 -7.56 4.93 9.13
C GLY A 5 -7.49 5.41 7.69
N ALA A 6 -6.59 6.35 7.42
CA ALA A 6 -6.44 6.89 6.08
C ALA A 6 -5.51 6.02 5.24
N VAL A 7 -4.67 5.24 5.91
CA VAL A 7 -3.73 4.36 5.23
C VAL A 7 -4.45 3.22 4.51
N THR A 8 -5.31 2.52 5.24
CA THR A 8 -6.07 1.41 4.68
C THR A 8 -7.21 1.92 3.80
N SER A 9 -7.82 3.02 4.20
CA SER A 9 -8.92 3.60 3.44
C SER A 9 -8.48 3.97 2.03
N ASP A 10 -7.28 4.55 1.92
CA ASP A 10 -6.75 4.96 0.63
C ASP A 10 -6.65 3.76 -0.31
N LEU A 11 -6.59 2.56 0.27
CA LEU A 11 -6.48 1.33 -0.52
C LEU A 11 -7.83 0.64 -0.63
N SER A 12 -8.90 1.39 -0.36
CA SER A 12 -10.25 0.85 -0.42
C SER A 12 -10.52 0.23 -1.79
N PRO A 13 -10.43 1.06 -2.84
CA PRO A 13 -10.66 0.62 -4.22
C PRO A 13 -9.56 -0.31 -4.72
N CYS A 14 -8.45 -0.35 -4.00
CA CYS A 14 -7.33 -1.20 -4.37
C CYS A 14 -7.47 -2.60 -3.78
N LEU A 15 -8.17 -2.69 -2.65
CA LEU A 15 -8.38 -3.96 -1.97
C LEU A 15 -8.77 -5.04 -2.99
N THR A 16 -9.63 -4.68 -3.93
CA THR A 16 -10.09 -5.61 -4.95
C THR A 16 -8.91 -6.22 -5.70
N TYR A 17 -8.19 -5.39 -6.44
CA TYR A 17 -7.04 -5.85 -7.20
C TYR A 17 -5.98 -6.47 -6.29
N LEU A 18 -5.91 -5.96 -5.06
CA LEU A 18 -4.94 -6.47 -4.09
C LEU A 18 -5.35 -7.84 -3.58
N THR A 19 -6.65 -8.12 -3.64
CA THR A 19 -7.16 -9.40 -3.19
C THR A 19 -7.29 -10.39 -4.34
N GLY A 20 -6.46 -10.19 -5.38
CA GLY A 20 -6.49 -11.08 -6.52
C GLY A 20 -7.46 -10.61 -7.60
N GLY A 21 -8.21 -9.57 -7.29
CA GLY A 21 -9.17 -9.03 -8.24
C GLY A 21 -8.48 -8.35 -9.42
N PRO A 22 -9.29 -7.88 -10.38
CA PRO A 22 -8.79 -7.20 -11.58
C PRO A 22 -8.21 -5.82 -11.26
N GLY A 23 -7.21 -5.41 -12.04
CA GLY A 23 -6.59 -4.11 -11.82
C GLY A 23 -5.12 -4.10 -12.21
N PRO A 24 -4.38 -3.11 -11.71
CA PRO A 24 -4.94 -2.08 -10.83
C PRO A 24 -5.88 -1.13 -11.57
N SER A 25 -7.10 -1.01 -11.05
CA SER A 25 -8.09 -0.13 -11.67
C SER A 25 -7.65 1.32 -11.62
N PRO A 26 -8.30 2.17 -12.43
CA PRO A 26 -7.99 3.61 -12.50
C PRO A 26 -8.38 4.35 -11.23
N GLN A 27 -9.43 3.86 -10.56
CA GLN A 27 -9.91 4.48 -9.33
C GLN A 27 -9.00 4.14 -8.16
N CYS A 28 -8.36 2.97 -8.23
CA CYS A 28 -7.46 2.53 -7.18
C CYS A 28 -6.16 3.33 -7.19
N CYS A 29 -5.54 3.42 -8.37
CA CYS A 29 -4.29 4.15 -8.53
C CYS A 29 -4.41 5.56 -7.93
N GLY A 30 -5.60 6.15 -8.03
CA GLY A 30 -5.81 7.47 -7.50
C GLY A 30 -5.46 7.58 -6.03
N GLY A 31 -5.83 6.57 -5.25
CA GLY A 31 -5.53 6.58 -3.83
C GLY A 31 -4.07 6.25 -3.55
N VAL A 32 -3.55 5.27 -4.26
CA VAL A 32 -2.15 4.86 -4.08
C VAL A 32 -1.21 6.06 -4.14
N LYS A 33 -1.43 6.93 -5.12
CA LYS A 33 -0.61 8.12 -5.29
C LYS A 33 -0.78 9.06 -4.12
N LYS A 34 -2.03 9.26 -3.69
CA LYS A 34 -2.32 10.15 -2.57
C LYS A 34 -1.69 9.62 -1.29
N LEU A 35 -1.72 8.30 -1.12
CA LEU A 35 -1.15 7.67 0.08
C LEU A 35 0.36 7.85 0.12
N LEU A 36 1.03 7.47 -0.97
CA LEU A 36 2.48 7.59 -1.06
C LEU A 36 2.90 9.05 -1.04
N ALA A 37 2.09 9.91 -1.65
CA ALA A 37 2.38 11.33 -1.71
C ALA A 37 2.36 11.95 -0.32
N ALA A 38 1.64 11.32 0.60
CA ALA A 38 1.54 11.79 1.97
C ALA A 38 2.72 11.34 2.81
N ALA A 39 3.17 10.11 2.57
CA ALA A 39 4.29 9.54 3.29
C ALA A 39 5.62 10.11 2.80
N ASN A 40 5.87 11.37 3.14
CA ASN A 40 7.10 12.04 2.73
C ASN A 40 8.12 12.05 3.86
N THR A 41 7.66 11.75 5.07
CA THR A 41 8.53 11.73 6.24
C THR A 41 8.90 10.30 6.62
N THR A 42 9.90 10.16 7.48
CA THR A 42 10.35 8.85 7.93
C THR A 42 9.29 8.15 8.76
N PRO A 43 8.81 8.84 9.81
CA PRO A 43 7.77 8.30 10.71
C PRO A 43 6.42 8.21 10.03
N ASP A 44 6.31 8.78 8.84
CA ASP A 44 5.06 8.73 8.08
C ASP A 44 4.97 7.47 7.24
N ARG A 45 6.10 7.06 6.68
CA ARG A 45 6.14 5.86 5.85
C ARG A 45 6.09 4.60 6.70
N GLN A 46 6.83 4.61 7.81
CA GLN A 46 6.86 3.47 8.72
C GLN A 46 5.45 3.08 9.17
N ALA A 47 4.70 4.07 9.63
CA ALA A 47 3.33 3.83 10.09
C ALA A 47 2.44 3.38 8.94
N ALA A 48 2.53 4.10 7.82
CA ALA A 48 1.72 3.79 6.64
C ALA A 48 1.85 2.31 6.29
N CYS A 49 3.08 1.85 6.08
CA CYS A 49 3.33 0.46 5.73
C CYS A 49 2.85 -0.48 6.82
N ASN A 50 3.37 -0.30 8.03
CA ASN A 50 2.99 -1.14 9.16
C ASN A 50 1.48 -1.26 9.26
N CYS A 51 0.79 -0.14 9.06
CA CYS A 51 -0.66 -0.10 9.13
C CYS A 51 -1.28 -1.11 8.17
N LEU A 52 -0.82 -1.08 6.92
CA LEU A 52 -1.32 -2.00 5.89
C LEU A 52 -0.83 -3.42 6.15
N LYS A 53 0.34 -3.53 6.77
CA LYS A 53 0.93 -4.83 7.07
C LYS A 53 0.07 -5.60 8.06
N SER A 54 -0.48 -4.89 9.04
CA SER A 54 -1.33 -5.50 10.06
C SER A 54 -2.70 -5.84 9.49
N ALA A 55 -3.27 -4.90 8.74
CA ALA A 55 -4.59 -5.11 8.13
C ALA A 55 -4.53 -6.18 7.05
N ALA A 56 -3.32 -6.52 6.62
CA ALA A 56 -3.13 -7.54 5.60
C ALA A 56 -3.04 -8.93 6.21
N GLY A 57 -2.64 -8.99 7.48
CA GLY A 57 -2.52 -10.26 8.16
C GLY A 57 -3.87 -10.91 8.42
N SER A 58 -4.91 -10.10 8.47
CA SER A 58 -6.26 -10.60 8.73
C SER A 58 -6.96 -10.96 7.41
N ILE A 59 -6.22 -10.86 6.31
CA ILE A 59 -6.77 -11.17 5.00
C ILE A 59 -6.25 -12.52 4.49
N THR A 60 -7.14 -13.33 3.93
CA THR A 60 -6.78 -14.63 3.40
C THR A 60 -6.66 -14.60 1.88
N LYS A 61 -7.41 -13.70 1.25
CA LYS A 61 -7.39 -13.57 -0.20
C LYS A 61 -6.38 -12.50 -0.62
N LEU A 62 -5.51 -12.11 0.30
CA LEU A 62 -4.49 -11.10 0.01
C LEU A 62 -3.50 -11.61 -1.03
N ASN A 63 -3.36 -10.85 -2.12
CA ASN A 63 -2.44 -11.22 -3.19
C ASN A 63 -1.20 -10.35 -3.17
N THR A 64 -0.17 -10.82 -2.47
CA THR A 64 1.08 -10.08 -2.37
C THR A 64 1.62 -9.69 -3.74
N ASN A 65 1.25 -10.48 -4.75
CA ASN A 65 1.68 -10.21 -6.12
C ASN A 65 1.11 -8.90 -6.63
N ASN A 66 -0.17 -8.67 -6.35
CA ASN A 66 -0.84 -7.45 -6.78
C ASN A 66 -0.43 -6.26 -5.91
N ALA A 67 0.07 -6.55 -4.71
CA ALA A 67 0.51 -5.52 -3.80
C ALA A 67 1.84 -4.92 -4.23
N ALA A 68 2.71 -5.77 -4.77
CA ALA A 68 4.02 -5.33 -5.23
C ALA A 68 3.92 -4.57 -6.55
N ALA A 69 3.06 -5.06 -7.43
CA ALA A 69 2.87 -4.42 -8.73
C ALA A 69 1.83 -3.31 -8.65
N LEU A 70 1.17 -3.21 -7.51
CA LEU A 70 0.15 -2.18 -7.30
C LEU A 70 0.72 -0.80 -7.56
N PRO A 71 1.76 -0.43 -6.79
CA PRO A 71 2.42 0.87 -6.92
C PRO A 71 3.20 1.00 -8.21
N GLY A 72 3.64 -0.13 -8.76
CA GLY A 72 4.39 -0.12 -10.00
C GLY A 72 3.52 0.18 -11.21
N LYS A 73 2.46 -0.62 -11.37
CA LYS A 73 1.56 -0.44 -12.50
C LYS A 73 0.93 0.95 -12.47
N CYS A 74 0.93 1.58 -11.31
CA CYS A 74 0.37 2.91 -11.15
C CYS A 74 1.42 3.99 -11.39
N GLY A 75 2.56 3.57 -11.94
CA GLY A 75 3.63 4.51 -12.22
C GLY A 75 4.08 5.26 -10.98
N VAL A 76 4.77 4.54 -10.08
CA VAL A 76 5.25 5.15 -8.85
C VAL A 76 6.70 4.75 -8.57
N ASN A 77 7.46 5.66 -7.96
CA ASN A 77 8.85 5.41 -7.65
C ASN A 77 8.98 4.49 -6.43
N ILE A 78 9.44 3.27 -6.67
CA ILE A 78 9.61 2.30 -5.59
C ILE A 78 10.68 1.27 -5.95
N PRO A 79 11.94 1.59 -5.62
CA PRO A 79 13.08 0.71 -5.90
C PRO A 79 13.07 -0.53 -5.01
N TYR A 80 12.14 -0.57 -4.07
CA TYR A 80 12.03 -1.70 -3.16
C TYR A 80 11.43 -2.92 -3.86
N LYS A 81 11.88 -4.10 -3.47
CA LYS A 81 11.38 -5.35 -4.06
C LYS A 81 10.04 -5.74 -3.47
N ILE A 82 9.56 -4.94 -2.52
CA ILE A 82 8.29 -5.20 -1.87
C ILE A 82 8.29 -6.56 -1.18
N SER A 83 8.47 -6.53 0.14
CA SER A 83 8.50 -7.77 0.93
C SER A 83 7.68 -7.61 2.20
N THR A 84 6.58 -8.37 2.29
CA THR A 84 5.71 -8.32 3.45
C THR A 84 6.47 -8.70 4.73
N THR A 85 7.61 -9.36 4.56
CA THR A 85 8.42 -9.77 5.69
C THR A 85 9.43 -8.70 6.08
N THR A 86 9.47 -7.63 5.29
CA THR A 86 10.38 -6.52 5.55
C THR A 86 9.88 -5.65 6.68
N ASN A 87 10.80 -5.13 7.49
CA ASN A 87 10.45 -4.28 8.62
C ASN A 87 10.34 -2.82 8.18
N CYS A 88 9.11 -2.37 7.95
CA CYS A 88 8.86 -0.99 7.53
C CYS A 88 9.18 -0.01 8.66
N ASN A 89 9.45 -0.55 9.85
CA ASN A 89 9.77 0.28 11.01
C ASN A 89 11.20 0.78 10.94
N THR A 90 12.04 0.08 10.18
CA THR A 90 13.44 0.45 10.04
C THR A 90 13.68 1.14 8.70
N VAL A 91 12.70 1.93 8.25
CA VAL A 91 12.82 2.64 6.99
C VAL A 91 12.89 4.14 7.21
N LYS A 92 13.62 4.83 6.34
CA LYS A 92 13.78 6.27 6.44
C LYS A 92 12.80 6.99 5.50
N PHE A 93 13.01 8.29 5.31
CA PHE A 93 12.14 9.08 4.46
C PHE A 93 12.67 9.11 3.03
N ALA A 1 2.76 10.80 11.74
CA ALA A 1 1.57 11.01 12.56
C ALA A 1 0.31 11.00 11.71
N ILE A 2 0.26 10.11 10.72
CA ILE A 2 -0.89 10.01 9.85
C ILE A 2 -2.02 9.23 10.51
N SER A 3 -3.10 9.01 9.76
CA SER A 3 -4.25 8.28 10.29
C SER A 3 -4.36 6.89 9.66
N CYS A 4 -4.13 5.86 10.47
CA CYS A 4 -4.19 4.49 9.99
C CYS A 4 -5.51 4.23 9.26
N GLY A 5 -6.55 4.93 9.67
CA GLY A 5 -7.86 4.76 9.05
C GLY A 5 -7.86 5.20 7.59
N ALA A 6 -7.04 6.20 7.27
CA ALA A 6 -6.96 6.72 5.92
C ALA A 6 -5.99 5.89 5.08
N VAL A 7 -5.18 5.07 5.74
CA VAL A 7 -4.22 4.22 5.07
C VAL A 7 -4.91 3.07 4.34
N THR A 8 -5.77 2.37 5.06
CA THR A 8 -6.50 1.24 4.50
C THR A 8 -7.62 1.71 3.57
N SER A 9 -8.36 2.72 4.01
CA SER A 9 -9.47 3.26 3.23
C SER A 9 -9.00 3.65 1.83
N ASP A 10 -7.83 4.27 1.76
CA ASP A 10 -7.27 4.70 0.48
C ASP A 10 -7.12 3.52 -0.46
N LEU A 11 -7.03 2.31 0.10
CA LEU A 11 -6.88 1.10 -0.69
C LEU A 11 -8.21 0.35 -0.80
N SER A 12 -9.30 1.07 -0.53
CA SER A 12 -10.62 0.47 -0.59
C SER A 12 -10.88 -0.15 -1.97
N PRO A 13 -10.82 0.68 -3.01
CA PRO A 13 -11.03 0.24 -4.39
C PRO A 13 -9.91 -0.64 -4.91
N CYS A 14 -8.82 -0.72 -4.12
CA CYS A 14 -7.68 -1.52 -4.50
C CYS A 14 -7.78 -2.93 -3.90
N LEU A 15 -8.40 -3.03 -2.74
CA LEU A 15 -8.57 -4.31 -2.07
C LEU A 15 -9.00 -5.39 -3.05
N THR A 16 -9.90 -5.03 -3.96
CA THR A 16 -10.40 -5.97 -4.96
C THR A 16 -9.25 -6.59 -5.76
N TYR A 17 -8.51 -5.75 -6.46
CA TYR A 17 -7.37 -6.21 -7.26
C TYR A 17 -6.30 -6.82 -6.38
N LEU A 18 -6.14 -6.27 -5.18
CA LEU A 18 -5.14 -6.77 -4.24
C LEU A 18 -5.52 -8.15 -3.72
N THR A 19 -6.81 -8.46 -3.76
CA THR A 19 -7.31 -9.74 -3.28
C THR A 19 -7.44 -10.74 -4.44
N GLY A 20 -6.68 -10.50 -5.50
CA GLY A 20 -6.73 -11.37 -6.66
C GLY A 20 -7.68 -10.88 -7.73
N GLY A 21 -8.53 -9.92 -7.36
CA GLY A 21 -9.48 -9.38 -8.31
C GLY A 21 -8.81 -8.69 -9.49
N PRO A 22 -9.63 -8.23 -10.45
CA PRO A 22 -9.13 -7.55 -11.64
C PRO A 22 -8.56 -6.17 -11.33
N GLY A 23 -7.56 -5.76 -12.10
CA GLY A 23 -6.95 -4.46 -11.89
C GLY A 23 -5.48 -4.44 -12.26
N PRO A 24 -4.74 -3.43 -11.76
CA PRO A 24 -5.32 -2.39 -10.90
C PRO A 24 -6.26 -1.47 -11.65
N SER A 25 -7.48 -1.32 -11.14
CA SER A 25 -8.49 -0.47 -11.77
C SER A 25 -8.04 0.99 -11.75
N PRO A 26 -8.69 1.82 -12.58
CA PRO A 26 -8.38 3.25 -12.67
C PRO A 26 -8.80 4.02 -11.41
N GLN A 27 -9.84 3.54 -10.75
CA GLN A 27 -10.33 4.18 -9.54
C GLN A 27 -9.43 3.86 -8.35
N CYS A 28 -8.80 2.69 -8.40
CA CYS A 28 -7.90 2.26 -7.33
C CYS A 28 -6.60 3.06 -7.34
N CYS A 29 -5.98 3.14 -8.51
CA CYS A 29 -4.73 3.87 -8.65
C CYS A 29 -4.85 5.28 -8.08
N GLY A 30 -6.04 5.86 -8.22
CA GLY A 30 -6.27 7.20 -7.71
C GLY A 30 -5.93 7.33 -6.23
N GLY A 31 -6.33 6.33 -5.44
CA GLY A 31 -6.05 6.36 -4.02
C GLY A 31 -4.61 6.03 -3.71
N VAL A 32 -4.05 5.06 -4.42
CA VAL A 32 -2.67 4.65 -4.21
C VAL A 32 -1.73 5.86 -4.26
N LYS A 33 -1.93 6.73 -5.22
CA LYS A 33 -1.11 7.93 -5.37
C LYS A 33 -1.30 8.86 -4.19
N LYS A 34 -2.55 9.03 -3.76
CA LYS A 34 -2.86 9.90 -2.63
C LYS A 34 -2.23 9.38 -1.34
N LEU A 35 -2.24 8.05 -1.18
CA LEU A 35 -1.65 7.43 0.00
C LEU A 35 -0.14 7.63 0.04
N LEU A 36 0.52 7.27 -1.05
CA LEU A 36 1.97 7.41 -1.14
C LEU A 36 2.38 8.88 -1.12
N ALA A 37 1.55 9.73 -1.72
CA ALA A 37 1.83 11.16 -1.75
C ALA A 37 1.80 11.76 -0.36
N ALA A 38 1.06 11.12 0.55
CA ALA A 38 0.94 11.59 1.92
C ALA A 38 2.14 11.14 2.75
N ALA A 39 2.61 9.93 2.50
CA ALA A 39 3.75 9.38 3.23
C ALA A 39 5.06 10.02 2.76
N ASN A 40 5.27 11.27 3.15
CA ASN A 40 6.48 11.99 2.76
C ASN A 40 7.50 11.99 3.90
N THR A 41 7.02 11.70 5.12
CA THR A 41 7.89 11.67 6.29
C THR A 41 8.30 10.24 6.63
N THR A 42 9.27 10.10 7.51
CA THR A 42 9.77 8.79 7.92
C THR A 42 8.70 8.04 8.72
N PRO A 43 8.19 8.68 9.77
CA PRO A 43 7.16 8.09 10.64
C PRO A 43 5.81 7.97 9.94
N ASP A 44 5.72 8.57 8.76
CA ASP A 44 4.48 8.54 7.98
C ASP A 44 4.43 7.29 7.09
N ARG A 45 5.58 6.93 6.53
CA ARG A 45 5.67 5.76 5.66
C ARG A 45 5.65 4.47 6.47
N GLN A 46 6.38 4.47 7.58
CA GLN A 46 6.45 3.30 8.45
C GLN A 46 5.06 2.91 8.95
N ALA A 47 4.32 3.89 9.44
CA ALA A 47 2.97 3.65 9.95
C ALA A 47 2.03 3.18 8.83
N ALA A 48 1.93 3.98 7.79
CA ALA A 48 1.08 3.66 6.65
C ALA A 48 1.35 2.25 6.15
N CYS A 49 2.63 1.90 6.06
CA CYS A 49 3.02 0.56 5.60
C CYS A 49 2.57 -0.51 6.57
N ASN A 50 3.08 -0.46 7.79
CA ASN A 50 2.74 -1.44 8.82
C ASN A 50 1.22 -1.59 8.92
N CYS A 51 0.51 -0.46 8.89
CA CYS A 51 -0.94 -0.47 8.99
C CYS A 51 -1.54 -1.44 7.97
N LEU A 52 -1.11 -1.32 6.72
CA LEU A 52 -1.61 -2.18 5.65
C LEU A 52 -1.12 -3.61 5.84
N LYS A 53 0.12 -3.76 6.29
CA LYS A 53 0.71 -5.07 6.51
C LYS A 53 -0.10 -5.85 7.55
N SER A 54 -0.56 -5.15 8.59
CA SER A 54 -1.34 -5.77 9.65
C SER A 54 -2.73 -6.16 9.15
N ALA A 55 -3.38 -5.24 8.46
CA ALA A 55 -4.71 -5.49 7.92
C ALA A 55 -4.70 -6.62 6.89
N ALA A 56 -3.52 -6.86 6.32
CA ALA A 56 -3.37 -7.92 5.32
C ALA A 56 -3.26 -9.28 5.98
N GLY A 57 -2.66 -9.31 7.16
CA GLY A 57 -2.50 -10.56 7.88
C GLY A 57 -3.83 -11.21 8.23
N SER A 58 -4.88 -10.40 8.29
CA SER A 58 -6.20 -10.90 8.62
C SER A 58 -6.95 -11.32 7.36
N ILE A 59 -6.27 -11.26 6.22
CA ILE A 59 -6.87 -11.64 4.96
C ILE A 59 -6.33 -12.98 4.47
N THR A 60 -7.20 -13.77 3.84
CA THR A 60 -6.82 -15.08 3.33
C THR A 60 -6.72 -15.07 1.80
N LYS A 61 -7.52 -14.22 1.17
CA LYS A 61 -7.52 -14.11 -0.28
C LYS A 61 -6.57 -13.00 -0.74
N LEU A 62 -5.71 -12.55 0.16
CA LEU A 62 -4.76 -11.50 -0.16
C LEU A 62 -3.75 -11.98 -1.21
N ASN A 63 -3.61 -11.21 -2.28
CA ASN A 63 -2.69 -11.55 -3.35
C ASN A 63 -1.46 -10.64 -3.31
N THR A 64 -0.43 -11.08 -2.60
CA THR A 64 0.80 -10.32 -2.48
C THR A 64 1.33 -9.92 -3.85
N ASN A 65 1.00 -10.71 -4.86
CA ASN A 65 1.44 -10.44 -6.22
C ASN A 65 0.85 -9.12 -6.74
N ASN A 66 -0.43 -8.92 -6.47
CA ASN A 66 -1.11 -7.70 -6.91
C ASN A 66 -0.72 -6.52 -6.03
N ALA A 67 -0.25 -6.81 -4.82
CA ALA A 67 0.17 -5.77 -3.89
C ALA A 67 1.51 -5.16 -4.30
N ALA A 68 2.38 -6.00 -4.85
CA ALA A 68 3.69 -5.55 -5.28
C ALA A 68 3.61 -4.78 -6.59
N ALA A 69 2.77 -5.26 -7.50
CA ALA A 69 2.60 -4.61 -8.79
C ALA A 69 1.54 -3.52 -8.72
N LEU A 70 0.87 -3.43 -7.57
CA LEU A 70 -0.17 -2.43 -7.37
C LEU A 70 0.36 -1.03 -7.62
N PRO A 71 1.40 -0.64 -6.86
CA PRO A 71 2.03 0.68 -6.99
C PRO A 71 2.81 0.82 -8.29
N GLY A 72 3.27 -0.30 -8.82
CA GLY A 72 4.03 -0.27 -10.06
C GLY A 72 3.16 -0.01 -11.27
N LYS A 73 2.13 -0.82 -11.44
CA LYS A 73 1.21 -0.67 -12.56
C LYS A 73 0.54 0.71 -12.55
N CYS A 74 0.54 1.34 -11.38
CA CYS A 74 -0.06 2.66 -11.23
C CYS A 74 0.96 3.76 -11.50
N GLY A 75 2.11 3.37 -12.06
CA GLY A 75 3.14 4.33 -12.35
C GLY A 75 3.58 5.10 -11.13
N VAL A 76 4.29 4.43 -10.21
CA VAL A 76 4.77 5.06 -9.00
C VAL A 76 6.24 4.77 -8.76
N ASN A 77 6.95 5.73 -8.17
CA ASN A 77 8.37 5.57 -7.89
C ASN A 77 8.59 4.77 -6.61
N ILE A 78 8.96 3.51 -6.76
CA ILE A 78 9.21 2.65 -5.62
C ILE A 78 10.27 1.61 -5.92
N PRO A 79 11.54 2.02 -5.84
CA PRO A 79 12.68 1.14 -6.11
C PRO A 79 12.86 0.07 -5.03
N TYR A 80 12.07 0.18 -3.97
CA TYR A 80 12.14 -0.77 -2.86
C TYR A 80 11.50 -2.10 -3.26
N LYS A 81 12.26 -3.18 -3.10
CA LYS A 81 11.77 -4.51 -3.44
C LYS A 81 10.61 -4.91 -2.53
N ILE A 82 9.40 -4.86 -3.06
CA ILE A 82 8.21 -5.23 -2.30
C ILE A 82 8.37 -6.59 -1.62
N SER A 83 7.95 -6.67 -0.37
CA SER A 83 8.06 -7.92 0.39
C SER A 83 7.23 -7.85 1.68
N THR A 84 6.25 -8.74 1.78
CA THR A 84 5.38 -8.77 2.96
C THR A 84 6.19 -9.08 4.22
N THR A 85 7.40 -9.58 4.04
CA THR A 85 8.27 -9.92 5.15
C THR A 85 9.21 -8.77 5.49
N THR A 86 9.18 -7.72 4.67
CA THR A 86 10.04 -6.56 4.87
C THR A 86 9.51 -5.69 6.00
N ASN A 87 10.43 -5.26 6.88
CA ASN A 87 10.07 -4.43 8.01
C ASN A 87 10.02 -2.95 7.61
N CYS A 88 8.82 -2.41 7.50
CA CYS A 88 8.63 -1.01 7.12
C CYS A 88 9.20 -0.08 8.20
N ASN A 89 9.49 -0.65 9.37
CA ASN A 89 10.02 0.13 10.48
C ASN A 89 11.51 0.42 10.28
N THR A 90 12.12 -0.30 9.34
CA THR A 90 13.53 -0.12 9.04
C THR A 90 13.74 0.95 7.97
N VAL A 91 12.66 1.33 7.30
CA VAL A 91 12.72 2.35 6.26
C VAL A 91 13.09 3.71 6.84
N LYS A 92 13.47 4.64 5.96
CA LYS A 92 13.84 5.98 6.38
C LYS A 92 13.68 6.97 5.24
N PHE A 93 13.25 8.19 5.57
CA PHE A 93 13.05 9.23 4.57
C PHE A 93 14.26 10.16 4.50
N ALA A 1 3.68 10.21 11.33
CA ALA A 1 2.58 10.33 12.29
C ALA A 1 1.26 10.56 11.56
N ILE A 2 1.08 9.87 10.44
CA ILE A 2 -0.15 10.00 9.65
C ILE A 2 -1.30 9.25 10.31
N SER A 3 -2.46 9.28 9.67
CA SER A 3 -3.64 8.60 10.18
C SER A 3 -3.78 7.21 9.60
N CYS A 4 -3.65 6.20 10.45
CA CYS A 4 -3.76 4.81 10.00
C CYS A 4 -5.05 4.58 9.23
N GLY A 5 -6.09 5.33 9.61
CA GLY A 5 -7.38 5.20 8.94
C GLY A 5 -7.33 5.63 7.49
N ALA A 6 -6.44 6.55 7.18
CA ALA A 6 -6.28 7.05 5.82
C ALA A 6 -5.37 6.15 5.00
N VAL A 7 -4.54 5.38 5.68
CA VAL A 7 -3.60 4.47 5.02
C VAL A 7 -4.35 3.33 4.34
N THR A 8 -5.18 2.62 5.10
CA THR A 8 -5.94 1.50 4.56
C THR A 8 -7.10 2.00 3.69
N SER A 9 -7.71 3.10 4.10
CA SER A 9 -8.82 3.67 3.35
C SER A 9 -8.40 4.02 1.92
N ASP A 10 -7.20 4.58 1.78
CA ASP A 10 -6.69 4.96 0.48
C ASP A 10 -6.63 3.76 -0.45
N LEU A 11 -6.57 2.56 0.13
CA LEU A 11 -6.51 1.33 -0.65
C LEU A 11 -7.86 0.63 -0.67
N SER A 12 -8.91 1.38 -0.33
CA SER A 12 -10.26 0.83 -0.31
C SER A 12 -10.62 0.20 -1.66
N PRO A 13 -10.58 1.02 -2.71
CA PRO A 13 -10.89 0.58 -4.07
C PRO A 13 -9.83 -0.36 -4.63
N CYS A 14 -8.69 -0.42 -3.95
CA CYS A 14 -7.59 -1.28 -4.39
C CYS A 14 -7.71 -2.66 -3.77
N LEU A 15 -8.30 -2.74 -2.60
CA LEU A 15 -8.48 -4.01 -1.90
C LEU A 15 -8.97 -5.09 -2.86
N THR A 16 -9.88 -4.72 -3.76
CA THR A 16 -10.42 -5.66 -4.73
C THR A 16 -9.31 -6.33 -5.53
N TYR A 17 -8.57 -5.53 -6.29
CA TYR A 17 -7.47 -6.04 -7.11
C TYR A 17 -6.38 -6.65 -6.22
N LEU A 18 -6.20 -6.08 -5.05
CA LEU A 18 -5.19 -6.56 -4.11
C LEU A 18 -5.59 -7.91 -3.52
N THR A 19 -6.89 -8.22 -3.59
CA THR A 19 -7.40 -9.48 -3.07
C THR A 19 -7.62 -10.49 -4.18
N GLY A 20 -6.88 -10.33 -5.28
CA GLY A 20 -7.01 -11.24 -6.40
C GLY A 20 -8.05 -10.78 -7.41
N GLY A 21 -8.78 -9.72 -7.05
CA GLY A 21 -9.80 -9.20 -7.94
C GLY A 21 -9.22 -8.55 -9.17
N PRO A 22 -10.09 -8.09 -10.08
CA PRO A 22 -9.69 -7.43 -11.32
C PRO A 22 -9.06 -6.06 -11.07
N GLY A 23 -8.14 -5.66 -11.95
CA GLY A 23 -7.49 -4.37 -11.80
C GLY A 23 -6.04 -4.41 -12.24
N PRO A 24 -5.25 -3.43 -11.76
CA PRO A 24 -5.74 -2.38 -10.88
C PRO A 24 -6.68 -1.41 -11.59
N SER A 25 -7.80 -1.10 -10.94
CA SER A 25 -8.79 -0.19 -11.52
C SER A 25 -8.25 1.23 -11.57
N PRO A 26 -8.90 2.09 -12.37
CA PRO A 26 -8.50 3.49 -12.53
C PRO A 26 -8.77 4.31 -11.28
N GLN A 27 -9.84 3.94 -10.56
CA GLN A 27 -10.21 4.65 -9.34
C GLN A 27 -9.29 4.27 -8.18
N CYS A 28 -8.75 3.05 -8.24
CA CYS A 28 -7.85 2.57 -7.20
C CYS A 28 -6.50 3.28 -7.26
N CYS A 29 -5.90 3.29 -8.45
CA CYS A 29 -4.61 3.94 -8.65
C CYS A 29 -4.63 5.37 -8.11
N GLY A 30 -5.78 6.03 -8.25
CA GLY A 30 -5.90 7.40 -7.77
C GLY A 30 -5.51 7.55 -6.32
N GLY A 31 -5.94 6.59 -5.49
CA GLY A 31 -5.63 6.63 -4.07
C GLY A 31 -4.20 6.25 -3.79
N VAL A 32 -3.71 5.23 -4.50
CA VAL A 32 -2.35 4.76 -4.31
C VAL A 32 -1.35 5.91 -4.39
N LYS A 33 -1.48 6.72 -5.44
CA LYS A 33 -0.59 7.86 -5.62
C LYS A 33 -0.70 8.84 -4.46
N LYS A 34 -1.92 9.08 -3.99
CA LYS A 34 -2.16 9.98 -2.88
C LYS A 34 -1.49 9.47 -1.61
N LEU A 35 -1.56 8.16 -1.39
CA LEU A 35 -0.97 7.54 -0.21
C LEU A 35 0.56 7.65 -0.26
N LEU A 36 1.14 7.23 -1.37
CA LEU A 36 2.59 7.27 -1.54
C LEU A 36 3.09 8.71 -1.51
N ALA A 37 2.36 9.60 -2.17
CA ALA A 37 2.72 11.01 -2.22
C ALA A 37 2.67 11.64 -0.83
N ALA A 38 1.94 11.02 0.07
CA ALA A 38 1.81 11.51 1.44
C ALA A 38 2.96 11.02 2.31
N ALA A 39 3.44 9.82 2.02
CA ALA A 39 4.54 9.24 2.79
C ALA A 39 5.88 9.82 2.35
N ASN A 40 6.09 11.11 2.61
CA ASN A 40 7.32 11.79 2.23
C ASN A 40 8.25 11.89 3.43
N THR A 41 7.78 11.47 4.59
CA THR A 41 8.57 11.52 5.82
C THR A 41 8.94 10.12 6.30
N THR A 42 9.84 10.05 7.27
CA THR A 42 10.27 8.77 7.81
C THR A 42 9.16 8.11 8.62
N PRO A 43 8.62 8.84 9.59
CA PRO A 43 7.54 8.35 10.45
C PRO A 43 6.21 8.20 9.70
N ASP A 44 6.19 8.69 8.47
CA ASP A 44 4.98 8.61 7.64
C ASP A 44 4.95 7.30 6.87
N ARG A 45 6.12 6.86 6.39
CA ARG A 45 6.22 5.63 5.63
C ARG A 45 6.14 4.41 6.55
N GLN A 46 6.80 4.51 7.70
CA GLN A 46 6.80 3.42 8.67
C GLN A 46 5.38 3.08 9.11
N ALA A 47 4.64 4.09 9.55
CA ALA A 47 3.27 3.89 10.00
C ALA A 47 2.38 3.43 8.85
N ALA A 48 2.47 4.12 7.71
CA ALA A 48 1.68 3.77 6.54
C ALA A 48 1.82 2.29 6.20
N CYS A 49 3.06 1.83 6.10
CA CYS A 49 3.32 0.43 5.77
C CYS A 49 2.83 -0.49 6.88
N ASN A 50 3.32 -0.25 8.10
CA ASN A 50 2.94 -1.06 9.25
C ASN A 50 1.41 -1.16 9.36
N CYS A 51 0.73 -0.12 8.88
CA CYS A 51 -0.73 -0.08 8.94
C CYS A 51 -1.33 -1.08 7.95
N LEU A 52 -0.79 -1.10 6.73
CA LEU A 52 -1.28 -2.01 5.70
C LEU A 52 -0.78 -3.43 5.96
N LYS A 53 0.53 -3.59 6.12
CA LYS A 53 1.12 -4.89 6.37
C LYS A 53 0.37 -5.62 7.47
N SER A 54 0.27 -5.00 8.63
CA SER A 54 -0.42 -5.60 9.77
C SER A 54 -1.85 -5.95 9.41
N ALA A 55 -2.52 -5.03 8.73
CA ALA A 55 -3.91 -5.24 8.32
C ALA A 55 -4.02 -6.40 7.33
N ALA A 56 -2.92 -6.67 6.63
CA ALA A 56 -2.89 -7.76 5.65
C ALA A 56 -2.87 -9.12 6.34
N GLY A 57 -2.22 -9.19 7.49
CA GLY A 57 -2.14 -10.43 8.23
C GLY A 57 -3.51 -10.98 8.58
N SER A 58 -4.50 -10.10 8.64
CA SER A 58 -5.86 -10.51 8.98
C SER A 58 -6.65 -10.87 7.72
N ILE A 59 -5.97 -10.82 6.57
CA ILE A 59 -6.61 -11.14 5.30
C ILE A 59 -6.15 -12.50 4.79
N THR A 60 -7.09 -13.28 4.26
CA THR A 60 -6.77 -14.60 3.73
C THR A 60 -6.75 -14.60 2.21
N LYS A 61 -7.54 -13.72 1.61
CA LYS A 61 -7.61 -13.61 0.16
C LYS A 61 -6.63 -12.55 -0.35
N LEU A 62 -5.70 -12.16 0.51
CA LEU A 62 -4.70 -11.16 0.14
C LEU A 62 -3.77 -11.68 -0.95
N ASN A 63 -3.67 -10.93 -2.05
CA ASN A 63 -2.82 -11.33 -3.16
C ASN A 63 -1.54 -10.49 -3.19
N THR A 64 -0.51 -10.96 -2.50
CA THR A 64 0.77 -10.26 -2.45
C THR A 64 1.26 -9.90 -3.85
N ASN A 65 0.87 -10.70 -4.82
CA ASN A 65 1.27 -10.47 -6.21
C ASN A 65 0.68 -9.17 -6.73
N ASN A 66 -0.60 -8.93 -6.42
CA ASN A 66 -1.27 -7.71 -6.87
C ASN A 66 -0.84 -6.52 -6.02
N ALA A 67 -0.25 -6.79 -4.86
CA ALA A 67 0.21 -5.73 -3.97
C ALA A 67 1.51 -5.12 -4.48
N ALA A 68 2.39 -5.96 -5.00
CA ALA A 68 3.67 -5.49 -5.53
C ALA A 68 3.50 -4.82 -6.88
N ALA A 69 2.58 -5.35 -7.69
CA ALA A 69 2.32 -4.79 -9.01
C ALA A 69 1.31 -3.66 -8.94
N LEU A 70 0.66 -3.52 -7.78
CA LEU A 70 -0.33 -2.47 -7.59
C LEU A 70 0.25 -1.10 -7.88
N PRO A 71 1.30 -0.73 -7.13
CA PRO A 71 1.98 0.56 -7.29
C PRO A 71 2.76 0.64 -8.60
N GLY A 72 3.19 -0.51 -9.10
CA GLY A 72 3.94 -0.54 -10.34
C GLY A 72 3.08 -0.30 -11.55
N LYS A 73 1.90 -0.92 -11.57
CA LYS A 73 0.97 -0.76 -12.68
C LYS A 73 0.39 0.65 -12.72
N CYS A 74 0.53 1.37 -11.60
CA CYS A 74 0.02 2.73 -11.51
C CYS A 74 1.02 3.73 -12.08
N GLY A 75 2.27 3.28 -12.24
CA GLY A 75 3.30 4.15 -12.77
C GLY A 75 4.20 4.72 -11.69
N VAL A 76 3.75 4.63 -10.45
CA VAL A 76 4.52 5.14 -9.32
C VAL A 76 5.52 4.11 -8.83
N ASN A 77 6.72 4.58 -8.48
CA ASN A 77 7.77 3.70 -8.00
C ASN A 77 7.65 3.46 -6.49
N ILE A 78 8.40 2.49 -5.98
CA ILE A 78 8.36 2.16 -4.57
C ILE A 78 9.78 1.96 -4.02
N PRO A 79 10.06 2.60 -2.88
CA PRO A 79 11.36 2.51 -2.22
C PRO A 79 11.62 1.12 -1.62
N TYR A 80 10.56 0.52 -1.09
CA TYR A 80 10.67 -0.80 -0.48
C TYR A 80 10.35 -1.89 -1.50
N LYS A 81 9.88 -1.49 -2.67
CA LYS A 81 9.54 -2.42 -3.73
C LYS A 81 8.44 -3.39 -3.28
N ILE A 82 7.69 -2.98 -2.27
CA ILE A 82 6.62 -3.81 -1.74
C ILE A 82 7.14 -5.13 -1.22
N SER A 83 7.33 -5.23 0.09
CA SER A 83 7.85 -6.44 0.72
C SER A 83 7.22 -6.66 2.09
N THR A 84 6.31 -7.62 2.17
CA THR A 84 5.62 -7.93 3.42
C THR A 84 6.58 -8.58 4.42
N THR A 85 7.77 -8.93 3.94
CA THR A 85 8.77 -9.56 4.79
C THR A 85 9.74 -8.53 5.36
N THR A 86 9.90 -7.42 4.66
CA THR A 86 10.79 -6.36 5.08
C THR A 86 10.20 -5.56 6.23
N ASN A 87 11.06 -5.11 7.14
CA ASN A 87 10.61 -4.32 8.29
C ASN A 87 10.46 -2.85 7.93
N CYS A 88 9.22 -2.40 7.79
CA CYS A 88 8.94 -1.01 7.44
C CYS A 88 9.29 -0.08 8.61
N ASN A 89 9.55 -0.67 9.76
CA ASN A 89 9.90 0.10 10.96
C ASN A 89 11.37 0.47 10.95
N THR A 90 12.15 -0.20 10.11
CA THR A 90 13.59 0.04 10.01
C THR A 90 13.90 0.93 8.81
N VAL A 91 12.86 1.54 8.24
CA VAL A 91 13.03 2.41 7.08
C VAL A 91 13.37 3.84 7.52
N LYS A 92 13.88 4.63 6.57
CA LYS A 92 14.24 6.02 6.85
C LYS A 92 13.97 6.90 5.65
N PHE A 93 14.23 8.20 5.80
CA PHE A 93 14.01 9.16 4.72
C PHE A 93 15.11 10.22 4.71
N ALA A 1 1.98 12.30 12.70
CA ALA A 1 1.68 11.00 12.13
C ALA A 1 0.42 11.06 11.26
N ILE A 2 0.32 10.15 10.30
CA ILE A 2 -0.83 10.10 9.41
C ILE A 2 -2.02 9.41 10.07
N SER A 3 -3.08 9.19 9.31
CA SER A 3 -4.27 8.54 9.83
C SER A 3 -4.42 7.14 9.27
N CYS A 4 -4.29 6.14 10.14
CA CYS A 4 -4.39 4.74 9.74
C CYS A 4 -5.70 4.49 9.00
N GLY A 5 -6.72 5.29 9.32
CA GLY A 5 -8.01 5.14 8.67
C GLY A 5 -7.97 5.54 7.20
N ALA A 6 -7.09 6.48 6.87
CA ALA A 6 -6.95 6.94 5.50
C ALA A 6 -6.00 6.04 4.70
N VAL A 7 -5.26 5.21 5.41
CA VAL A 7 -4.32 4.30 4.77
C VAL A 7 -5.04 3.15 4.09
N THR A 8 -5.96 2.51 4.82
CA THR A 8 -6.73 1.40 4.27
C THR A 8 -7.80 1.88 3.31
N SER A 9 -8.51 2.93 3.70
CA SER A 9 -9.56 3.49 2.86
C SER A 9 -9.03 3.83 1.47
N ASP A 10 -7.84 4.41 1.42
CA ASP A 10 -7.22 4.79 0.16
C ASP A 10 -7.06 3.57 -0.75
N LEU A 11 -7.08 2.38 -0.15
CA LEU A 11 -6.93 1.14 -0.91
C LEU A 11 -8.28 0.43 -1.04
N SER A 12 -9.36 1.16 -0.79
CA SER A 12 -10.70 0.60 -0.89
C SER A 12 -10.94 0.00 -2.27
N PRO A 13 -10.83 0.85 -3.30
CA PRO A 13 -11.03 0.43 -4.70
C PRO A 13 -9.90 -0.48 -5.20
N CYS A 14 -8.82 -0.53 -4.44
CA CYS A 14 -7.67 -1.37 -4.81
C CYS A 14 -7.82 -2.78 -4.24
N LEU A 15 -8.54 -2.89 -3.12
CA LEU A 15 -8.75 -4.18 -2.49
C LEU A 15 -9.13 -5.24 -3.52
N THR A 16 -10.00 -4.87 -4.46
CA THR A 16 -10.44 -5.78 -5.50
C THR A 16 -9.24 -6.38 -6.24
N TYR A 17 -8.47 -5.52 -6.91
CA TYR A 17 -7.31 -5.96 -7.66
C TYR A 17 -6.29 -6.62 -6.74
N LEU A 18 -6.22 -6.14 -5.51
CA LEU A 18 -5.28 -6.68 -4.53
C LEU A 18 -5.70 -8.06 -4.09
N THR A 19 -7.00 -8.35 -4.18
CA THR A 19 -7.52 -9.65 -3.79
C THR A 19 -7.63 -10.58 -4.99
N GLY A 20 -6.72 -10.43 -5.93
CA GLY A 20 -6.72 -11.27 -7.13
C GLY A 20 -7.69 -10.77 -8.18
N GLY A 21 -8.39 -9.68 -7.88
CA GLY A 21 -9.34 -9.12 -8.82
C GLY A 21 -8.66 -8.41 -9.98
N PRO A 22 -9.47 -7.94 -10.94
CA PRO A 22 -8.96 -7.23 -12.12
C PRO A 22 -8.40 -5.86 -11.77
N GLY A 23 -7.43 -5.41 -12.56
CA GLY A 23 -6.82 -4.11 -12.31
C GLY A 23 -5.35 -4.09 -12.66
N PRO A 24 -4.62 -3.11 -12.11
CA PRO A 24 -5.20 -2.09 -11.21
C PRO A 24 -6.13 -1.13 -11.96
N SER A 25 -7.35 -0.99 -11.46
CA SER A 25 -8.33 -0.10 -12.07
C SER A 25 -7.87 1.36 -11.99
N PRO A 26 -8.50 2.21 -12.81
CA PRO A 26 -8.17 3.65 -12.84
C PRO A 26 -8.60 4.37 -11.57
N GLN A 27 -9.66 3.88 -10.93
CA GLN A 27 -10.16 4.48 -9.70
C GLN A 27 -9.27 4.11 -8.51
N CYS A 28 -8.65 2.95 -8.59
CA CYS A 28 -7.77 2.47 -7.52
C CYS A 28 -6.47 3.27 -7.50
N CYS A 29 -5.82 3.36 -8.65
CA CYS A 29 -4.57 4.09 -8.77
C CYS A 29 -4.69 5.49 -8.16
N GLY A 30 -5.87 6.08 -8.27
CA GLY A 30 -6.09 7.40 -7.72
C GLY A 30 -5.74 7.49 -6.25
N GLY A 31 -6.15 6.48 -5.50
CA GLY A 31 -5.88 6.46 -4.07
C GLY A 31 -4.43 6.11 -3.76
N VAL A 32 -3.90 5.13 -4.48
CA VAL A 32 -2.51 4.70 -4.28
C VAL A 32 -1.56 5.89 -4.33
N LYS A 33 -1.76 6.76 -5.32
CA LYS A 33 -0.92 7.94 -5.49
C LYS A 33 -1.08 8.89 -4.31
N LYS A 34 -2.33 9.10 -3.89
CA LYS A 34 -2.63 9.99 -2.77
C LYS A 34 -2.01 9.46 -1.48
N LEU A 35 -2.06 8.14 -1.30
CA LEU A 35 -1.51 7.51 -0.11
C LEU A 35 0.01 7.65 -0.07
N LEU A 36 0.66 7.26 -1.16
CA LEU A 36 2.12 7.34 -1.26
C LEU A 36 2.58 8.80 -1.23
N ALA A 37 1.81 9.67 -1.87
CA ALA A 37 2.14 11.09 -1.92
C ALA A 37 2.08 11.71 -0.53
N ALA A 38 1.30 11.11 0.36
CA ALA A 38 1.17 11.60 1.72
C ALA A 38 2.33 11.14 2.58
N ALA A 39 2.80 9.93 2.33
CA ALA A 39 3.92 9.36 3.10
C ALA A 39 5.24 9.96 2.65
N ASN A 40 5.46 11.23 3.00
CA ASN A 40 6.70 11.92 2.63
C ASN A 40 7.67 11.95 3.80
N THR A 41 7.17 11.62 4.99
CA THR A 41 7.99 11.60 6.19
C THR A 41 8.38 10.18 6.59
N THR A 42 9.32 10.06 7.51
CA THR A 42 9.78 8.76 7.97
C THR A 42 8.69 8.05 8.76
N PRO A 43 8.16 8.74 9.79
CA PRO A 43 7.10 8.19 10.65
C PRO A 43 5.76 8.06 9.91
N ASP A 44 5.71 8.63 8.71
CA ASP A 44 4.49 8.57 7.90
C ASP A 44 4.45 7.31 7.06
N ARG A 45 5.61 6.90 6.55
CA ARG A 45 5.72 5.72 5.72
C ARG A 45 5.66 4.45 6.57
N GLN A 46 6.35 4.47 7.70
CA GLN A 46 6.37 3.34 8.61
C GLN A 46 4.96 2.95 9.05
N ALA A 47 4.22 3.94 9.54
CA ALA A 47 2.86 3.72 10.00
C ALA A 47 1.95 3.28 8.85
N ALA A 48 2.04 4.00 7.74
CA ALA A 48 1.24 3.68 6.56
C ALA A 48 1.36 2.21 6.19
N CYS A 49 2.59 1.76 5.97
CA CYS A 49 2.84 0.37 5.61
C CYS A 49 2.39 -0.57 6.71
N ASN A 50 2.96 -0.40 7.90
CA ASN A 50 2.60 -1.25 9.04
C ASN A 50 1.08 -1.37 9.17
N CYS A 51 0.38 -0.26 8.97
CA CYS A 51 -1.07 -0.24 9.07
C CYS A 51 -1.69 -1.25 8.11
N LEU A 52 -1.21 -1.25 6.87
CA LEU A 52 -1.72 -2.15 5.85
C LEU A 52 -1.22 -3.58 6.10
N LYS A 53 -0.01 -3.70 6.65
CA LYS A 53 0.57 -5.00 6.94
C LYS A 53 -0.27 -5.76 7.97
N SER A 54 -0.79 -5.02 8.95
CA SER A 54 -1.61 -5.62 10.00
C SER A 54 -3.00 -5.96 9.47
N ALA A 55 -3.58 -5.04 8.71
CA ALA A 55 -4.92 -5.25 8.16
C ALA A 55 -4.89 -6.31 7.06
N ALA A 56 -3.69 -6.66 6.60
CA ALA A 56 -3.52 -7.67 5.56
C ALA A 56 -3.55 -9.07 6.15
N GLY A 57 -3.14 -9.20 7.41
CA GLY A 57 -3.13 -10.48 8.06
C GLY A 57 -4.52 -11.07 8.22
N SER A 58 -5.53 -10.21 8.21
CA SER A 58 -6.92 -10.65 8.34
C SER A 58 -7.52 -10.98 6.99
N ILE A 59 -6.74 -10.79 5.93
CA ILE A 59 -7.19 -11.07 4.57
C ILE A 59 -6.56 -12.35 4.05
N THR A 60 -7.40 -13.34 3.75
CA THR A 60 -6.94 -14.62 3.23
C THR A 60 -6.88 -14.60 1.71
N LYS A 61 -7.74 -13.80 1.10
CA LYS A 61 -7.79 -13.69 -0.36
C LYS A 61 -6.81 -12.65 -0.86
N LEU A 62 -5.98 -12.15 0.05
CA LEU A 62 -4.98 -11.13 -0.30
C LEU A 62 -3.94 -11.70 -1.27
N ASN A 63 -3.76 -11.03 -2.39
CA ASN A 63 -2.80 -11.46 -3.40
C ASN A 63 -1.56 -10.57 -3.39
N THR A 64 -0.53 -11.01 -2.67
CA THR A 64 0.72 -10.26 -2.56
C THR A 64 1.25 -9.90 -3.94
N ASN A 65 0.91 -10.70 -4.94
CA ASN A 65 1.35 -10.48 -6.30
C ASN A 65 0.79 -9.16 -6.85
N ASN A 66 -0.50 -8.93 -6.59
CA ASN A 66 -1.15 -7.71 -7.06
C ASN A 66 -0.74 -6.52 -6.21
N ALA A 67 -0.31 -6.79 -4.97
CA ALA A 67 0.11 -5.73 -4.06
C ALA A 67 1.47 -5.16 -4.48
N ALA A 68 2.33 -6.03 -5.01
CA ALA A 68 3.65 -5.61 -5.44
C ALA A 68 3.59 -4.84 -6.76
N ALA A 69 2.76 -5.33 -7.67
CA ALA A 69 2.60 -4.69 -8.98
C ALA A 69 1.56 -3.57 -8.92
N LEU A 70 0.88 -3.47 -7.78
CA LEU A 70 -0.14 -2.44 -7.59
C LEU A 70 0.44 -1.05 -7.82
N PRO A 71 1.45 -0.69 -7.03
CA PRO A 71 2.11 0.61 -7.12
C PRO A 71 2.94 0.75 -8.39
N GLY A 72 3.39 -0.38 -8.93
CA GLY A 72 4.19 -0.36 -10.14
C GLY A 72 3.35 -0.10 -11.38
N LYS A 73 2.21 -0.78 -11.48
CA LYS A 73 1.33 -0.63 -12.62
C LYS A 73 0.66 0.74 -12.61
N CYS A 74 0.69 1.40 -11.45
CA CYS A 74 0.10 2.72 -11.31
C CYS A 74 1.14 3.82 -11.55
N GLY A 75 2.23 3.45 -12.22
CA GLY A 75 3.28 4.41 -12.49
C GLY A 75 3.72 5.16 -11.26
N VAL A 76 4.33 4.45 -10.32
CA VAL A 76 4.81 5.06 -9.09
C VAL A 76 6.29 4.78 -8.87
N ASN A 77 6.98 5.74 -8.26
CA ASN A 77 8.41 5.59 -7.99
C ASN A 77 8.65 4.86 -6.68
N ILE A 78 8.94 3.57 -6.77
CA ILE A 78 9.19 2.76 -5.59
C ILE A 78 10.23 1.68 -5.86
N PRO A 79 11.51 2.06 -5.78
CA PRO A 79 12.64 1.14 -6.02
C PRO A 79 12.76 0.09 -4.92
N TYR A 80 11.98 0.25 -3.87
CA TYR A 80 12.01 -0.69 -2.75
C TYR A 80 11.32 -2.00 -3.11
N LYS A 81 12.03 -3.11 -2.94
CA LYS A 81 11.49 -4.42 -3.24
C LYS A 81 10.33 -4.77 -2.31
N ILE A 82 9.12 -4.81 -2.88
CA ILE A 82 7.92 -5.13 -2.11
C ILE A 82 8.05 -6.47 -1.42
N SER A 83 7.88 -6.49 -0.11
CA SER A 83 7.99 -7.71 0.68
C SER A 83 7.18 -7.60 1.97
N THR A 84 6.13 -8.40 2.08
CA THR A 84 5.28 -8.39 3.26
C THR A 84 6.07 -8.77 4.51
N THR A 85 7.24 -9.37 4.30
CA THR A 85 8.09 -9.78 5.41
C THR A 85 9.06 -8.67 5.79
N THR A 86 9.11 -7.62 4.98
CA THR A 86 10.00 -6.49 5.24
C THR A 86 9.49 -5.64 6.40
N ASN A 87 10.41 -5.13 7.20
CA ASN A 87 10.06 -4.30 8.35
C ASN A 87 9.94 -2.83 7.94
N CYS A 88 8.72 -2.38 7.69
CA CYS A 88 8.47 -1.01 7.30
C CYS A 88 8.70 -0.05 8.47
N ASN A 89 8.96 -0.62 9.64
CA ASN A 89 9.19 0.17 10.84
C ASN A 89 10.66 0.60 10.93
N THR A 90 11.51 -0.08 10.17
CA THR A 90 12.93 0.22 10.16
C THR A 90 13.32 0.99 8.91
N VAL A 91 12.35 1.67 8.30
CA VAL A 91 12.59 2.44 7.09
C VAL A 91 12.90 3.90 7.42
N LYS A 92 13.37 4.64 6.42
CA LYS A 92 13.71 6.04 6.60
C LYS A 92 13.39 6.85 5.35
N PHE A 93 12.68 7.96 5.52
CA PHE A 93 12.32 8.83 4.41
C PHE A 93 13.55 9.17 3.57
N ALA A 1 2.73 11.15 12.92
CA ALA A 1 1.96 9.93 12.72
C ALA A 1 0.64 10.23 12.03
N ILE A 2 0.41 9.59 10.88
CA ILE A 2 -0.82 9.79 10.13
C ILE A 2 -1.97 8.99 10.73
N SER A 3 -3.10 8.97 10.04
CA SER A 3 -4.28 8.25 10.51
C SER A 3 -4.36 6.87 9.87
N CYS A 4 -4.19 5.83 10.70
CA CYS A 4 -4.24 4.46 10.21
C CYS A 4 -5.52 4.20 9.44
N GLY A 5 -6.59 4.86 9.84
CA GLY A 5 -7.86 4.69 9.16
C GLY A 5 -7.83 5.15 7.72
N ALA A 6 -6.95 6.11 7.43
CA ALA A 6 -6.80 6.64 6.08
C ALA A 6 -5.85 5.80 5.25
N VAL A 7 -5.00 5.04 5.93
CA VAL A 7 -4.03 4.17 5.26
C VAL A 7 -4.73 3.01 4.56
N THR A 8 -5.58 2.30 5.30
CA THR A 8 -6.31 1.16 4.75
C THR A 8 -7.45 1.62 3.86
N SER A 9 -8.09 2.72 4.24
CA SER A 9 -9.20 3.26 3.45
C SER A 9 -8.75 3.61 2.05
N ASP A 10 -7.58 4.22 1.93
CA ASP A 10 -7.04 4.62 0.64
C ASP A 10 -6.89 3.40 -0.28
N LEU A 11 -6.82 2.23 0.32
CA LEU A 11 -6.67 0.98 -0.43
C LEU A 11 -7.98 0.21 -0.47
N SER A 12 -9.07 0.89 -0.14
CA SER A 12 -10.39 0.27 -0.13
C SER A 12 -10.69 -0.37 -1.49
N PRO A 13 -10.69 0.46 -2.54
CA PRO A 13 -10.97 0.00 -3.91
C PRO A 13 -9.85 -0.86 -4.47
N CYS A 14 -8.70 -0.85 -3.80
CA CYS A 14 -7.55 -1.63 -4.23
C CYS A 14 -7.60 -3.03 -3.63
N LEU A 15 -8.21 -3.15 -2.46
CA LEU A 15 -8.32 -4.43 -1.77
C LEU A 15 -8.74 -5.53 -2.74
N THR A 16 -9.67 -5.21 -3.63
CA THR A 16 -10.16 -6.17 -4.61
C THR A 16 -9.00 -6.77 -5.41
N TYR A 17 -8.31 -5.91 -6.15
CA TYR A 17 -7.18 -6.37 -6.96
C TYR A 17 -6.07 -6.94 -6.09
N LEU A 18 -5.91 -6.37 -4.90
CA LEU A 18 -4.89 -6.81 -3.96
C LEU A 18 -5.22 -8.19 -3.40
N THR A 19 -6.50 -8.56 -3.48
CA THR A 19 -6.96 -9.85 -2.98
C THR A 19 -7.12 -10.85 -4.12
N GLY A 20 -6.37 -10.64 -5.20
CA GLY A 20 -6.45 -11.53 -6.35
C GLY A 20 -7.51 -11.11 -7.34
N GLY A 21 -8.31 -10.12 -6.96
CA GLY A 21 -9.36 -9.64 -7.84
C GLY A 21 -8.81 -8.94 -9.06
N PRO A 22 -9.71 -8.50 -9.96
CA PRO A 22 -9.34 -7.80 -11.19
C PRO A 22 -8.79 -6.41 -10.92
N GLY A 23 -7.90 -5.95 -11.78
CA GLY A 23 -7.30 -4.63 -11.63
C GLY A 23 -5.85 -4.58 -12.05
N PRO A 24 -5.12 -3.57 -11.58
CA PRO A 24 -5.67 -2.54 -10.68
C PRO A 24 -6.67 -1.63 -11.40
N SER A 25 -7.82 -1.40 -10.77
CA SER A 25 -8.85 -0.55 -11.35
C SER A 25 -8.39 0.91 -11.37
N PRO A 26 -9.10 1.73 -12.16
CA PRO A 26 -8.79 3.16 -12.29
C PRO A 26 -9.12 3.94 -11.02
N GLN A 27 -10.14 3.48 -10.31
CA GLN A 27 -10.57 4.14 -9.08
C GLN A 27 -9.60 3.82 -7.93
N CYS A 28 -8.97 2.65 -8.00
CA CYS A 28 -8.03 2.24 -6.97
C CYS A 28 -6.74 3.03 -7.07
N CYS A 29 -6.16 3.10 -8.26
CA CYS A 29 -4.92 3.83 -8.48
C CYS A 29 -5.02 5.24 -7.92
N GLY A 30 -6.21 5.83 -7.99
CA GLY A 30 -6.42 7.17 -7.49
C GLY A 30 -6.01 7.31 -6.04
N GLY A 31 -6.35 6.32 -5.23
CA GLY A 31 -6.01 6.36 -3.82
C GLY A 31 -4.54 6.05 -3.57
N VAL A 32 -4.03 5.06 -4.28
CA VAL A 32 -2.63 4.66 -4.13
C VAL A 32 -1.70 5.87 -4.23
N LYS A 33 -1.97 6.74 -5.20
CA LYS A 33 -1.17 7.94 -5.41
C LYS A 33 -1.28 8.88 -4.22
N LYS A 34 -2.51 9.08 -3.75
CA LYS A 34 -2.76 9.96 -2.61
C LYS A 34 -2.06 9.44 -1.36
N LEU A 35 -2.10 8.13 -1.17
CA LEU A 35 -1.47 7.51 -0.01
C LEU A 35 0.05 7.64 -0.08
N LEU A 36 0.63 7.23 -1.20
CA LEU A 36 2.07 7.31 -1.40
C LEU A 36 2.53 8.75 -1.40
N ALA A 37 1.65 9.66 -1.81
CA ALA A 37 1.97 11.08 -1.86
C ALA A 37 2.25 11.63 -0.46
N ALA A 38 1.63 11.03 0.54
CA ALA A 38 1.81 11.46 1.92
C ALA A 38 3.03 10.81 2.55
N ALA A 39 3.25 9.53 2.22
CA ALA A 39 4.39 8.80 2.75
C ALA A 39 5.61 8.98 1.87
N ASN A 40 6.29 10.12 2.04
CA ASN A 40 7.49 10.42 1.26
C ASN A 40 8.57 11.01 2.15
N THR A 41 8.35 10.99 3.45
CA THR A 41 9.30 11.53 4.41
C THR A 41 10.02 10.42 5.16
N THR A 42 9.32 9.80 6.12
CA THR A 42 9.90 8.72 6.91
C THR A 42 8.89 8.22 7.95
N PRO A 43 8.42 9.14 8.80
CA PRO A 43 7.45 8.81 9.85
C PRO A 43 6.07 8.47 9.30
N ASP A 44 5.81 8.91 8.08
CA ASP A 44 4.54 8.66 7.42
C ASP A 44 4.55 7.29 6.73
N ARG A 45 5.70 6.90 6.22
CA ARG A 45 5.84 5.63 5.54
C ARG A 45 5.74 4.46 6.53
N GLN A 46 6.39 4.62 7.67
CA GLN A 46 6.38 3.58 8.70
C GLN A 46 4.95 3.25 9.11
N ALA A 47 4.28 4.22 9.73
CA ALA A 47 2.90 4.03 10.18
C ALA A 47 2.02 3.52 9.05
N ALA A 48 2.02 4.26 7.94
CA ALA A 48 1.22 3.89 6.78
C ALA A 48 1.46 2.44 6.38
N CYS A 49 2.71 2.13 6.02
CA CYS A 49 3.07 0.77 5.62
C CYS A 49 2.68 -0.24 6.70
N ASN A 50 3.24 -0.08 7.89
CA ASN A 50 2.95 -0.98 9.00
C ASN A 50 1.45 -1.21 9.13
N CYS A 51 0.68 -0.13 9.07
CA CYS A 51 -0.77 -0.21 9.19
C CYS A 51 -1.34 -1.21 8.20
N LEU A 52 -0.81 -1.20 6.98
CA LEU A 52 -1.26 -2.12 5.95
C LEU A 52 -0.68 -3.51 6.15
N LYS A 53 0.59 -3.56 6.54
CA LYS A 53 1.27 -4.84 6.78
C LYS A 53 0.51 -5.66 7.81
N SER A 54 -0.02 -5.00 8.82
CA SER A 54 -0.77 -5.67 9.88
C SER A 54 -2.15 -6.10 9.38
N ALA A 55 -2.81 -5.21 8.66
CA ALA A 55 -4.13 -5.50 8.13
C ALA A 55 -4.07 -6.53 7.01
N ALA A 56 -2.86 -6.79 6.52
CA ALA A 56 -2.66 -7.77 5.46
C ALA A 56 -2.45 -9.17 6.03
N GLY A 57 -2.03 -9.23 7.29
CA GLY A 57 -1.79 -10.51 7.94
C GLY A 57 -3.08 -11.23 8.27
N SER A 58 -4.17 -10.48 8.41
CA SER A 58 -5.47 -11.05 8.74
C SER A 58 -6.24 -11.40 7.48
N ILE A 59 -5.57 -11.32 6.33
CA ILE A 59 -6.20 -11.63 5.06
C ILE A 59 -5.71 -12.97 4.53
N THR A 60 -6.65 -13.80 4.08
CA THR A 60 -6.33 -15.12 3.55
C THR A 60 -6.31 -15.10 2.03
N LYS A 61 -7.14 -14.23 1.43
CA LYS A 61 -7.23 -14.12 -0.01
C LYS A 61 -6.30 -13.03 -0.53
N LEU A 62 -5.32 -12.65 0.30
CA LEU A 62 -4.36 -11.61 -0.07
C LEU A 62 -3.49 -12.07 -1.25
N ASN A 63 -3.02 -11.12 -2.04
CA ASN A 63 -2.17 -11.42 -3.18
C ASN A 63 -0.96 -10.49 -3.23
N THR A 64 0.11 -10.89 -2.56
CA THR A 64 1.33 -10.09 -2.53
C THR A 64 1.78 -9.72 -3.94
N ASN A 65 1.41 -10.56 -4.91
CA ASN A 65 1.78 -10.30 -6.30
C ASN A 65 1.13 -9.02 -6.82
N ASN A 66 -0.14 -8.85 -6.50
CA ASN A 66 -0.88 -7.66 -6.92
C ASN A 66 -0.49 -6.44 -6.09
N ALA A 67 0.06 -6.69 -4.91
CA ALA A 67 0.48 -5.62 -4.02
C ALA A 67 1.78 -4.97 -4.52
N ALA A 68 2.67 -5.80 -5.06
CA ALA A 68 3.94 -5.31 -5.57
C ALA A 68 3.76 -4.58 -6.90
N ALA A 69 2.90 -5.13 -7.74
CA ALA A 69 2.63 -4.53 -9.05
C ALA A 69 1.55 -3.46 -8.95
N LEU A 70 0.92 -3.37 -7.79
CA LEU A 70 -0.14 -2.38 -7.57
C LEU A 70 0.37 -0.97 -7.87
N PRO A 71 1.41 -0.55 -7.15
CA PRO A 71 2.01 0.78 -7.32
C PRO A 71 2.75 0.91 -8.64
N GLY A 72 3.23 -0.21 -9.16
CA GLY A 72 3.95 -0.19 -10.43
C GLY A 72 3.04 0.05 -11.62
N LYS A 73 1.92 -0.66 -11.64
CA LYS A 73 0.96 -0.53 -12.73
C LYS A 73 0.18 0.78 -12.62
N CYS A 74 0.24 1.39 -11.44
CA CYS A 74 -0.46 2.65 -11.20
C CYS A 74 0.46 3.84 -11.47
N GLY A 75 1.57 3.57 -12.15
CA GLY A 75 2.51 4.63 -12.47
C GLY A 75 3.07 5.30 -11.23
N VAL A 76 3.84 4.56 -10.45
CA VAL A 76 4.43 5.08 -9.22
C VAL A 76 5.84 4.55 -9.03
N ASN A 77 6.71 5.37 -8.41
CA ASN A 77 8.08 4.98 -8.16
C ASN A 77 8.17 3.99 -7.01
N ILE A 78 8.78 2.84 -7.27
CA ILE A 78 8.93 1.81 -6.25
C ILE A 78 10.30 1.14 -6.34
N PRO A 79 11.32 1.78 -5.77
CA PRO A 79 12.69 1.27 -5.78
C PRO A 79 12.85 0.03 -4.89
N TYR A 80 11.81 -0.28 -4.13
CA TYR A 80 11.83 -1.42 -3.24
C TYR A 80 11.29 -2.67 -3.94
N LYS A 81 11.72 -3.84 -3.47
CA LYS A 81 11.29 -5.10 -4.04
C LYS A 81 9.94 -5.52 -3.48
N ILE A 82 9.38 -4.70 -2.61
CA ILE A 82 8.08 -4.99 -2.02
C ILE A 82 8.10 -6.32 -1.28
N SER A 83 8.30 -6.26 0.04
CA SER A 83 8.34 -7.46 0.87
C SER A 83 7.44 -7.31 2.09
N THR A 84 6.40 -8.14 2.17
CA THR A 84 5.47 -8.09 3.28
C THR A 84 6.16 -8.49 4.58
N THR A 85 7.35 -9.07 4.46
CA THR A 85 8.12 -9.50 5.63
C THR A 85 9.06 -8.39 6.11
N THR A 86 9.26 -7.39 5.27
CA THR A 86 10.13 -6.27 5.61
C THR A 86 9.47 -5.34 6.63
N ASN A 87 10.23 -4.94 7.64
CA ASN A 87 9.71 -4.04 8.67
C ASN A 87 9.82 -2.59 8.23
N CYS A 88 8.69 -2.03 7.80
CA CYS A 88 8.65 -0.64 7.35
C CYS A 88 8.88 0.31 8.52
N ASN A 89 8.89 -0.23 9.74
CA ASN A 89 9.10 0.57 10.94
C ASN A 89 10.59 0.87 11.13
N THR A 90 11.44 0.09 10.46
CA THR A 90 12.88 0.29 10.56
C THR A 90 13.42 1.07 9.37
N VAL A 91 12.53 1.78 8.69
CA VAL A 91 12.92 2.57 7.52
C VAL A 91 13.34 3.98 7.93
N LYS A 92 14.29 4.55 7.20
CA LYS A 92 14.78 5.89 7.47
C LYS A 92 15.28 6.57 6.21
N PHE A 93 14.57 7.60 5.77
CA PHE A 93 14.96 8.33 4.56
C PHE A 93 16.28 9.05 4.75
N ALA A 1 2.14 12.18 12.50
CA ALA A 1 1.73 10.78 12.41
C ALA A 1 0.38 10.65 11.72
N ILE A 2 0.33 9.83 10.68
CA ILE A 2 -0.91 9.61 9.94
C ILE A 2 -1.81 8.60 10.65
N SER A 3 -3.00 8.39 10.11
CA SER A 3 -3.96 7.46 10.70
C SER A 3 -4.31 6.34 9.70
N CYS A 4 -4.26 5.10 10.19
CA CYS A 4 -4.57 3.95 9.35
C CYS A 4 -5.91 4.13 8.63
N GLY A 5 -6.80 4.87 9.27
CA GLY A 5 -8.11 5.12 8.69
C GLY A 5 -8.02 5.62 7.26
N ALA A 6 -7.12 6.56 7.03
CA ALA A 6 -6.94 7.14 5.70
C ALA A 6 -6.00 6.29 4.86
N VAL A 7 -5.21 5.44 5.52
CA VAL A 7 -4.26 4.57 4.84
C VAL A 7 -4.98 3.44 4.13
N THR A 8 -5.92 2.80 4.82
CA THR A 8 -6.68 1.69 4.24
C THR A 8 -7.74 2.20 3.26
N SER A 9 -8.46 3.24 3.67
CA SER A 9 -9.50 3.82 2.84
C SER A 9 -8.96 4.17 1.46
N ASP A 10 -7.78 4.76 1.43
CA ASP A 10 -7.14 5.15 0.17
C ASP A 10 -6.99 3.95 -0.76
N LEU A 11 -6.99 2.75 -0.18
CA LEU A 11 -6.85 1.53 -0.95
C LEU A 11 -8.19 0.81 -1.07
N SER A 12 -9.27 1.54 -0.83
CA SER A 12 -10.62 0.97 -0.91
C SER A 12 -10.86 0.33 -2.27
N PRO A 13 -10.77 1.15 -3.33
CA PRO A 13 -10.97 0.70 -4.71
C PRO A 13 -9.84 -0.22 -5.19
N CYS A 14 -8.75 -0.24 -4.43
CA CYS A 14 -7.60 -1.08 -4.78
C CYS A 14 -7.72 -2.46 -4.15
N LEU A 15 -8.44 -2.55 -3.05
CA LEU A 15 -8.64 -3.81 -2.36
C LEU A 15 -9.03 -4.92 -3.33
N THR A 16 -9.94 -4.60 -4.24
CA THR A 16 -10.39 -5.57 -5.23
C THR A 16 -9.22 -6.16 -6.00
N TYR A 17 -8.50 -5.32 -6.73
CA TYR A 17 -7.35 -5.77 -7.50
C TYR A 17 -6.29 -6.38 -6.60
N LEU A 18 -6.18 -5.86 -5.38
CA LEU A 18 -5.20 -6.35 -4.42
C LEU A 18 -5.60 -7.74 -3.91
N THR A 19 -6.90 -8.03 -3.96
CA THR A 19 -7.41 -9.32 -3.50
C THR A 19 -7.53 -10.31 -4.67
N GLY A 20 -6.69 -10.12 -5.68
CA GLY A 20 -6.72 -11.01 -6.83
C GLY A 20 -7.70 -10.56 -7.89
N GLY A 21 -8.39 -9.45 -7.61
CA GLY A 21 -9.37 -8.93 -8.56
C GLY A 21 -8.71 -8.26 -9.75
N PRO A 22 -9.54 -7.81 -10.71
CA PRO A 22 -9.06 -7.14 -11.92
C PRO A 22 -8.49 -5.76 -11.63
N GLY A 23 -7.52 -5.34 -12.45
CA GLY A 23 -6.91 -4.04 -12.26
C GLY A 23 -5.44 -4.03 -12.63
N PRO A 24 -4.69 -3.04 -12.12
CA PRO A 24 -5.26 -2.01 -11.25
C PRO A 24 -6.18 -1.06 -11.99
N SER A 25 -7.41 -0.90 -11.48
CA SER A 25 -8.39 -0.02 -12.10
C SER A 25 -7.92 1.43 -12.06
N PRO A 26 -8.56 2.28 -12.88
CA PRO A 26 -8.23 3.70 -12.96
C PRO A 26 -8.63 4.47 -11.70
N GLN A 27 -9.68 4.00 -11.04
CA GLN A 27 -10.16 4.63 -9.82
C GLN A 27 -9.26 4.29 -8.63
N CYS A 28 -8.65 3.11 -8.69
CA CYS A 28 -7.76 2.65 -7.62
C CYS A 28 -6.45 3.44 -7.63
N CYS A 29 -5.82 3.52 -8.80
CA CYS A 29 -4.56 4.23 -8.95
C CYS A 29 -4.66 5.63 -8.36
N GLY A 30 -5.84 6.24 -8.48
CA GLY A 30 -6.04 7.57 -7.96
C GLY A 30 -5.71 7.67 -6.48
N GLY A 31 -6.11 6.67 -5.71
CA GLY A 31 -5.84 6.67 -4.28
C GLY A 31 -4.39 6.34 -3.98
N VAL A 32 -3.84 5.37 -4.69
CA VAL A 32 -2.46 4.96 -4.49
C VAL A 32 -1.52 6.16 -4.50
N LYS A 33 -1.70 7.03 -5.49
CA LYS A 33 -0.87 8.22 -5.62
C LYS A 33 -1.06 9.16 -4.43
N LYS A 34 -2.32 9.31 -4.01
CA LYS A 34 -2.64 10.17 -2.89
C LYS A 34 -2.01 9.64 -1.60
N LEU A 35 -2.01 8.33 -1.43
CA LEU A 35 -1.44 7.70 -0.25
C LEU A 35 0.08 7.90 -0.21
N LEU A 36 0.73 7.53 -1.30
CA LEU A 36 2.18 7.66 -1.40
C LEU A 36 2.60 9.13 -1.36
N ALA A 37 1.77 9.99 -1.93
CA ALA A 37 2.05 11.43 -1.97
C ALA A 37 2.05 12.01 -0.57
N ALA A 38 1.31 11.38 0.34
CA ALA A 38 1.24 11.84 1.72
C ALA A 38 2.43 11.35 2.53
N ALA A 39 2.87 10.12 2.27
CA ALA A 39 4.00 9.54 2.98
C ALA A 39 5.32 10.12 2.46
N ASN A 40 5.54 11.41 2.73
CA ASN A 40 6.76 12.08 2.29
C ASN A 40 7.79 12.13 3.42
N THR A 41 7.36 11.75 4.62
CA THR A 41 8.24 11.76 5.78
C THR A 41 8.60 10.34 6.21
N THR A 42 9.63 10.22 7.04
CA THR A 42 10.07 8.92 7.53
C THR A 42 9.00 8.26 8.40
N PRO A 43 8.54 8.99 9.41
CA PRO A 43 7.52 8.50 10.34
C PRO A 43 6.14 8.38 9.67
N ASP A 44 6.03 8.93 8.47
CA ASP A 44 4.78 8.88 7.73
C ASP A 44 4.68 7.61 6.90
N ARG A 45 5.81 7.18 6.35
CA ARG A 45 5.86 5.97 5.54
C ARG A 45 5.78 4.72 6.42
N GLN A 46 6.48 4.75 7.54
CA GLN A 46 6.49 3.61 8.45
C GLN A 46 5.08 3.25 8.89
N ALA A 47 4.35 4.25 9.38
CA ALA A 47 2.98 4.04 9.83
C ALA A 47 2.08 3.61 8.68
N ALA A 48 2.15 4.34 7.57
CA ALA A 48 1.35 4.02 6.40
C ALA A 48 1.44 2.54 6.05
N CYS A 49 2.67 2.07 5.83
CA CYS A 49 2.89 0.67 5.48
C CYS A 49 2.42 -0.25 6.61
N ASN A 50 3.00 -0.08 7.78
CA ASN A 50 2.64 -0.90 8.95
C ASN A 50 1.13 -0.99 9.10
N CYS A 51 0.44 0.12 8.81
CA CYS A 51 -1.01 0.17 8.91
C CYS A 51 -1.66 -0.84 7.98
N LEU A 52 -1.18 -0.88 6.73
CA LEU A 52 -1.70 -1.80 5.74
C LEU A 52 -1.22 -3.23 5.99
N LYS A 53 -0.01 -3.35 6.52
CA LYS A 53 0.57 -4.65 6.82
C LYS A 53 -0.29 -5.41 7.83
N SER A 54 -0.82 -4.68 8.80
CA SER A 54 -1.66 -5.29 9.83
C SER A 54 -3.04 -5.65 9.27
N ALA A 55 -3.63 -4.71 8.54
CA ALA A 55 -4.94 -4.93 7.95
C ALA A 55 -4.88 -6.01 6.87
N ALA A 56 -3.68 -6.34 6.43
CA ALA A 56 -3.49 -7.36 5.41
C ALA A 56 -3.46 -8.76 6.03
N GLY A 57 -3.02 -8.83 7.28
CA GLY A 57 -2.94 -10.11 7.97
C GLY A 57 -4.30 -10.74 8.18
N SER A 58 -5.34 -9.90 8.19
CA SER A 58 -6.70 -10.38 8.39
C SER A 58 -7.36 -10.73 7.07
N ILE A 59 -6.58 -10.63 5.99
CA ILE A 59 -7.09 -10.92 4.65
C ILE A 59 -6.55 -12.27 4.14
N THR A 60 -7.45 -13.11 3.66
CA THR A 60 -7.07 -14.42 3.13
C THR A 60 -6.94 -14.39 1.62
N LYS A 61 -7.71 -13.51 0.98
CA LYS A 61 -7.69 -13.39 -0.48
C LYS A 61 -6.67 -12.34 -0.91
N LEU A 62 -5.80 -11.94 0.01
CA LEU A 62 -4.78 -10.94 -0.28
C LEU A 62 -3.78 -11.47 -1.30
N ASN A 63 -3.61 -10.73 -2.39
CA ASN A 63 -2.68 -11.14 -3.45
C ASN A 63 -1.42 -10.27 -3.41
N THR A 64 -0.40 -10.75 -2.69
CA THR A 64 0.85 -10.03 -2.57
C THR A 64 1.40 -9.64 -3.95
N ASN A 65 1.08 -10.45 -4.94
CA ASN A 65 1.54 -10.19 -6.31
C ASN A 65 0.95 -8.89 -6.84
N ASN A 66 -0.33 -8.67 -6.58
CA ASN A 66 -1.02 -7.47 -7.04
C ASN A 66 -0.62 -6.26 -6.19
N ALA A 67 -0.11 -6.53 -5.00
CA ALA A 67 0.32 -5.47 -4.10
C ALA A 67 1.62 -4.84 -4.57
N ALA A 68 2.52 -5.66 -5.11
CA ALA A 68 3.80 -5.20 -5.59
C ALA A 68 3.65 -4.50 -6.94
N ALA A 69 2.76 -5.02 -7.78
CA ALA A 69 2.51 -4.44 -9.10
C ALA A 69 1.49 -3.32 -9.03
N LEU A 70 0.81 -3.21 -7.89
CA LEU A 70 -0.19 -2.18 -7.70
C LEU A 70 0.38 -0.79 -7.95
N PRO A 71 1.43 -0.44 -7.17
CA PRO A 71 2.10 0.86 -7.29
C PRO A 71 2.89 0.97 -8.59
N GLY A 72 3.32 -0.15 -9.12
CA GLY A 72 4.09 -0.15 -10.36
C GLY A 72 3.24 0.15 -11.57
N LYS A 73 2.15 -0.60 -11.74
CA LYS A 73 1.25 -0.40 -12.86
C LYS A 73 0.64 1.00 -12.84
N CYS A 74 0.66 1.63 -11.66
CA CYS A 74 0.12 2.98 -11.50
C CYS A 74 1.20 4.03 -11.72
N GLY A 75 2.31 3.62 -12.35
CA GLY A 75 3.39 4.54 -12.61
C GLY A 75 3.88 5.23 -11.36
N VAL A 76 4.55 4.47 -10.49
CA VAL A 76 5.08 5.01 -9.25
C VAL A 76 6.50 4.54 -9.00
N ASN A 77 7.30 5.40 -8.37
CA ASN A 77 8.70 5.07 -8.08
C ASN A 77 8.82 4.39 -6.72
N ILE A 78 9.21 3.12 -6.73
CA ILE A 78 9.37 2.37 -5.49
C ILE A 78 10.46 1.30 -5.64
N PRO A 79 11.71 1.73 -5.44
CA PRO A 79 12.87 0.83 -5.53
C PRO A 79 12.93 -0.17 -4.39
N TYR A 80 12.03 0.00 -3.41
CA TYR A 80 11.99 -0.89 -2.26
C TYR A 80 11.39 -2.24 -2.64
N LYS A 81 12.07 -3.32 -2.25
CA LYS A 81 11.61 -4.66 -2.54
C LYS A 81 10.29 -4.96 -1.83
N ILE A 82 9.19 -4.82 -2.55
CA ILE A 82 7.87 -5.08 -1.98
C ILE A 82 7.82 -6.44 -1.29
N SER A 83 7.87 -6.42 0.04
CA SER A 83 7.84 -7.65 0.82
C SER A 83 6.96 -7.49 2.05
N THR A 84 5.86 -8.26 2.10
CA THR A 84 4.93 -8.20 3.22
C THR A 84 5.62 -8.61 4.52
N THR A 85 6.77 -9.26 4.40
CA THR A 85 7.53 -9.71 5.56
C THR A 85 8.56 -8.67 5.98
N THR A 86 8.73 -7.64 5.16
CA THR A 86 9.69 -6.58 5.45
C THR A 86 9.17 -5.64 6.53
N ASN A 87 10.06 -5.18 7.40
CA ASN A 87 9.70 -4.29 8.48
C ASN A 87 9.72 -2.83 8.01
N CYS A 88 8.56 -2.32 7.62
CA CYS A 88 8.44 -0.95 7.16
C CYS A 88 8.73 0.04 8.28
N ASN A 89 8.82 -0.48 9.50
CA ASN A 89 9.10 0.35 10.67
C ASN A 89 10.58 0.67 10.77
N THR A 90 11.40 -0.11 10.08
CA THR A 90 12.85 0.08 10.09
C THR A 90 13.30 0.99 8.95
N VAL A 91 12.33 1.45 8.16
CA VAL A 91 12.63 2.34 7.04
C VAL A 91 12.82 3.77 7.50
N LYS A 92 13.36 4.60 6.62
CA LYS A 92 13.60 6.00 6.94
C LYS A 92 13.71 6.84 5.66
N PHE A 93 12.62 7.49 5.29
CA PHE A 93 12.59 8.32 4.09
C PHE A 93 13.76 9.30 4.08
N ALA A 1 2.65 12.86 12.50
CA ALA A 1 1.77 11.71 12.74
C ALA A 1 0.56 11.75 11.81
N ILE A 2 0.47 10.78 10.91
CA ILE A 2 -0.64 10.70 9.97
C ILE A 2 -1.82 9.98 10.59
N SER A 3 -2.85 9.72 9.79
CA SER A 3 -4.04 9.03 10.25
C SER A 3 -4.13 7.63 9.66
N CYS A 4 -3.95 6.62 10.52
CA CYS A 4 -4.00 5.23 10.08
C CYS A 4 -5.29 4.96 9.31
N GLY A 5 -6.40 5.49 9.81
CA GLY A 5 -7.68 5.29 9.15
C GLY A 5 -7.66 5.74 7.70
N ALA A 6 -6.81 6.71 7.39
CA ALA A 6 -6.70 7.23 6.03
C ALA A 6 -5.75 6.37 5.20
N VAL A 7 -4.89 5.61 5.88
CA VAL A 7 -3.93 4.75 5.19
C VAL A 7 -4.64 3.59 4.50
N THR A 8 -5.41 2.83 5.26
CA THR A 8 -6.12 1.69 4.71
C THR A 8 -7.30 2.14 3.85
N SER A 9 -8.00 3.18 4.31
CA SER A 9 -9.15 3.71 3.58
C SER A 9 -8.76 4.10 2.16
N ASP A 10 -7.58 4.71 2.02
CA ASP A 10 -7.09 5.14 0.71
C ASP A 10 -7.01 3.95 -0.25
N LEU A 11 -6.87 2.76 0.31
CA LEU A 11 -6.79 1.55 -0.51
C LEU A 11 -8.13 0.83 -0.57
N SER A 12 -9.19 1.57 -0.26
CA SER A 12 -10.54 1.02 -0.28
C SER A 12 -10.86 0.41 -1.65
N PRO A 13 -10.80 1.24 -2.69
CA PRO A 13 -11.08 0.82 -4.06
C PRO A 13 -9.99 -0.10 -4.62
N CYS A 14 -8.88 -0.19 -3.89
CA CYS A 14 -7.76 -1.03 -4.31
C CYS A 14 -7.88 -2.42 -3.72
N LEU A 15 -8.50 -2.52 -2.55
CA LEU A 15 -8.68 -3.81 -1.88
C LEU A 15 -9.15 -4.87 -2.85
N THR A 16 -10.04 -4.49 -3.76
CA THR A 16 -10.57 -5.40 -4.75
C THR A 16 -9.45 -6.06 -5.56
N TYR A 17 -8.72 -5.24 -6.30
CA TYR A 17 -7.61 -5.73 -7.12
C TYR A 17 -6.53 -6.36 -6.24
N LEU A 18 -6.35 -5.80 -5.05
CA LEU A 18 -5.34 -6.32 -4.12
C LEU A 18 -5.75 -7.68 -3.56
N THR A 19 -7.04 -7.97 -3.61
CA THR A 19 -7.56 -9.23 -3.12
C THR A 19 -7.77 -10.23 -4.26
N GLY A 20 -6.99 -10.06 -5.33
CA GLY A 20 -7.09 -10.95 -6.47
C GLY A 20 -8.10 -10.46 -7.49
N GLY A 21 -8.85 -9.42 -7.13
CA GLY A 21 -9.85 -8.88 -8.04
C GLY A 21 -9.23 -8.20 -9.24
N PRO A 22 -10.08 -7.72 -10.17
CA PRO A 22 -9.62 -7.05 -11.38
C PRO A 22 -9.01 -5.67 -11.09
N GLY A 23 -8.06 -5.27 -11.92
CA GLY A 23 -7.41 -3.98 -11.74
C GLY A 23 -5.95 -4.01 -12.15
N PRO A 24 -5.18 -3.02 -11.67
CA PRO A 24 -5.70 -1.98 -10.79
C PRO A 24 -6.64 -1.02 -11.51
N SER A 25 -7.82 -0.80 -10.94
CA SER A 25 -8.81 0.10 -11.53
C SER A 25 -8.31 1.54 -11.52
N PRO A 26 -8.96 2.39 -12.33
CA PRO A 26 -8.60 3.80 -12.43
C PRO A 26 -8.94 4.58 -11.17
N GLN A 27 -9.98 4.15 -10.47
CA GLN A 27 -10.41 4.81 -9.24
C GLN A 27 -9.49 4.45 -8.09
N CYS A 28 -8.91 3.25 -8.15
CA CYS A 28 -8.00 2.79 -7.10
C CYS A 28 -6.68 3.55 -7.15
N CYS A 29 -6.08 3.60 -8.33
CA CYS A 29 -4.82 4.30 -8.52
C CYS A 29 -4.87 5.70 -7.93
N GLY A 30 -6.04 6.34 -8.05
CA GLY A 30 -6.21 7.68 -7.52
C GLY A 30 -5.83 7.79 -6.06
N GLY A 31 -6.24 6.80 -5.27
CA GLY A 31 -5.94 6.80 -3.86
C GLY A 31 -4.49 6.44 -3.57
N VAL A 32 -3.97 5.46 -4.30
CA VAL A 32 -2.61 5.02 -4.13
C VAL A 32 -1.63 6.20 -4.17
N LYS A 33 -1.81 7.06 -5.16
CA LYS A 33 -0.95 8.24 -5.32
C LYS A 33 -1.10 9.18 -4.13
N LYS A 34 -2.34 9.37 -3.68
CA LYS A 34 -2.62 10.24 -2.55
C LYS A 34 -1.97 9.71 -1.28
N LEU A 35 -2.01 8.39 -1.10
CA LEU A 35 -1.43 7.76 0.07
C LEU A 35 0.09 7.91 0.07
N LEU A 36 0.72 7.52 -1.04
CA LEU A 36 2.17 7.62 -1.17
C LEU A 36 2.62 9.07 -1.13
N ALA A 37 1.83 9.95 -1.73
CA ALA A 37 2.15 11.38 -1.77
C ALA A 37 2.15 11.97 -0.36
N ALA A 38 1.43 11.32 0.56
CA ALA A 38 1.35 11.79 1.93
C ALA A 38 2.55 11.30 2.74
N ALA A 39 2.97 10.07 2.48
CA ALA A 39 4.10 9.48 3.19
C ALA A 39 5.42 10.05 2.68
N ASN A 40 5.65 11.32 2.95
CA ASN A 40 6.87 11.98 2.51
C ASN A 40 7.88 12.07 3.66
N THR A 41 7.44 11.72 4.85
CA THR A 41 8.30 11.76 6.03
C THR A 41 8.66 10.36 6.51
N THR A 42 9.60 10.27 7.43
CA THR A 42 10.04 8.99 7.96
C THR A 42 8.95 8.34 8.81
N PRO A 43 8.45 9.09 9.81
CA PRO A 43 7.40 8.61 10.70
C PRO A 43 6.05 8.48 10.00
N ASP A 44 5.98 8.99 8.77
CA ASP A 44 4.76 8.93 7.99
C ASP A 44 4.67 7.62 7.20
N ARG A 45 5.82 7.17 6.69
CA ARG A 45 5.88 5.95 5.92
C ARG A 45 5.79 4.72 6.83
N GLN A 46 6.53 4.77 7.94
CA GLN A 46 6.54 3.67 8.89
C GLN A 46 5.12 3.32 9.34
N ALA A 47 4.38 4.33 9.77
CA ALA A 47 3.01 4.14 10.23
C ALA A 47 2.12 3.64 9.09
N ALA A 48 1.98 4.45 8.05
CA ALA A 48 1.16 4.09 6.90
C ALA A 48 1.48 2.67 6.43
N CYS A 49 2.75 2.31 6.45
CA CYS A 49 3.18 0.99 6.02
C CYS A 49 2.65 -0.09 6.96
N ASN A 50 3.09 -0.06 8.20
CA ASN A 50 2.66 -1.03 9.20
C ASN A 50 1.14 -1.14 9.22
N CYS A 51 0.47 0.01 9.19
CA CYS A 51 -0.99 0.04 9.20
C CYS A 51 -1.57 -0.87 8.13
N LEU A 52 -0.98 -0.83 6.94
CA LEU A 52 -1.44 -1.65 5.83
C LEU A 52 -0.99 -3.10 6.01
N LYS A 53 0.31 -3.29 6.16
CA LYS A 53 0.87 -4.63 6.36
C LYS A 53 0.09 -5.41 7.42
N SER A 54 0.02 -4.84 8.62
CA SER A 54 -0.69 -5.47 9.72
C SER A 54 -2.13 -5.80 9.33
N ALA A 55 -2.78 -4.83 8.69
CA ALA A 55 -4.17 -5.01 8.26
C ALA A 55 -4.28 -6.12 7.21
N ALA A 56 -3.19 -6.34 6.48
CA ALA A 56 -3.17 -7.36 5.44
C ALA A 56 -3.01 -8.75 6.06
N GLY A 57 -2.33 -8.82 7.19
CA GLY A 57 -2.13 -10.09 7.86
C GLY A 57 -3.43 -10.75 8.27
N SER A 58 -4.47 -9.94 8.43
CA SER A 58 -5.78 -10.45 8.83
C SER A 58 -6.60 -10.83 7.62
N ILE A 59 -6.01 -10.71 6.43
CA ILE A 59 -6.69 -11.05 5.19
C ILE A 59 -6.17 -12.36 4.61
N THR A 60 -7.09 -13.22 4.19
CA THR A 60 -6.73 -14.51 3.62
C THR A 60 -6.76 -14.46 2.09
N LYS A 61 -7.61 -13.60 1.55
CA LYS A 61 -7.74 -13.46 0.11
C LYS A 61 -6.78 -12.40 -0.42
N LEU A 62 -5.86 -11.95 0.43
CA LEU A 62 -4.88 -10.94 0.05
C LEU A 62 -3.94 -11.47 -1.02
N ASN A 63 -3.82 -10.73 -2.12
CA ASN A 63 -2.95 -11.13 -3.22
C ASN A 63 -1.68 -10.27 -3.25
N THR A 64 -0.64 -10.75 -2.58
CA THR A 64 0.62 -10.03 -2.52
C THR A 64 1.10 -9.66 -3.92
N ASN A 65 0.69 -10.44 -4.92
CA ASN A 65 1.08 -10.17 -6.30
C ASN A 65 0.51 -8.84 -6.78
N ASN A 66 -0.76 -8.60 -6.49
CA ASN A 66 -1.42 -7.37 -6.89
C ASN A 66 -0.99 -6.20 -6.01
N ALA A 67 -0.42 -6.52 -4.85
CA ALA A 67 0.04 -5.51 -3.91
C ALA A 67 1.35 -4.89 -4.39
N ALA A 68 2.24 -5.71 -4.93
CA ALA A 68 3.52 -5.24 -5.43
C ALA A 68 3.36 -4.51 -6.76
N ALA A 69 2.46 -5.02 -7.59
CA ALA A 69 2.21 -4.41 -8.90
C ALA A 69 1.19 -3.28 -8.80
N LEU A 70 0.55 -3.17 -7.64
CA LEU A 70 -0.44 -2.13 -7.42
C LEU A 70 0.14 -0.74 -7.70
N PRO A 71 1.20 -0.40 -6.96
CA PRO A 71 1.87 0.91 -7.11
C PRO A 71 2.62 1.01 -8.43
N GLY A 72 3.03 -0.13 -8.97
CA GLY A 72 3.76 -0.14 -10.23
C GLY A 72 2.88 0.19 -11.41
N LYS A 73 1.76 -0.52 -11.54
CA LYS A 73 0.83 -0.30 -12.64
C LYS A 73 0.28 1.12 -12.60
N CYS A 74 0.32 1.73 -11.42
CA CYS A 74 -0.18 3.10 -11.25
C CYS A 74 0.91 4.12 -11.56
N GLY A 75 2.04 3.63 -12.07
CA GLY A 75 3.15 4.51 -12.39
C GLY A 75 3.68 5.25 -11.18
N VAL A 76 4.39 4.52 -10.32
CA VAL A 76 4.96 5.11 -9.11
C VAL A 76 6.41 4.66 -8.91
N ASN A 77 7.19 5.50 -8.24
CA ASN A 77 8.59 5.19 -7.98
C ASN A 77 8.74 4.30 -6.75
N ILE A 78 9.02 3.03 -6.98
CA ILE A 78 9.19 2.07 -5.90
C ILE A 78 10.15 0.95 -6.28
N PRO A 79 11.45 1.21 -6.10
CA PRO A 79 12.50 0.24 -6.42
C PRO A 79 12.49 -0.96 -5.47
N TYR A 80 11.63 -0.91 -4.46
CA TYR A 80 11.52 -1.98 -3.48
C TYR A 80 10.84 -3.20 -4.09
N LYS A 81 11.26 -4.39 -3.65
CA LYS A 81 10.68 -5.63 -4.14
C LYS A 81 9.32 -5.89 -3.51
N ILE A 82 8.92 -5.02 -2.58
CA ILE A 82 7.65 -5.17 -1.90
C ILE A 82 7.56 -6.50 -1.16
N SER A 83 7.78 -6.46 0.15
CA SER A 83 7.73 -7.65 0.98
C SER A 83 6.88 -7.42 2.22
N THR A 84 5.74 -8.11 2.29
CA THR A 84 4.84 -7.97 3.43
C THR A 84 5.53 -8.37 4.72
N THR A 85 6.64 -9.10 4.60
CA THR A 85 7.39 -9.54 5.77
C THR A 85 8.46 -8.52 6.16
N THR A 86 8.57 -7.46 5.37
CA THR A 86 9.55 -6.41 5.62
C THR A 86 9.12 -5.53 6.79
N ASN A 87 10.10 -5.09 7.58
CA ASN A 87 9.82 -4.23 8.73
C ASN A 87 9.86 -2.77 8.33
N CYS A 88 8.70 -2.13 8.29
CA CYS A 88 8.59 -0.73 7.92
C CYS A 88 9.17 0.16 9.02
N ASN A 89 9.47 -0.44 10.17
CA ASN A 89 10.04 0.29 11.29
C ASN A 89 11.51 0.58 11.08
N THR A 90 12.13 -0.17 10.16
CA THR A 90 13.54 0.01 9.85
C THR A 90 13.74 0.89 8.63
N VAL A 91 12.68 1.61 8.25
CA VAL A 91 12.74 2.50 7.09
C VAL A 91 13.05 3.93 7.51
N LYS A 92 13.41 4.76 6.55
CA LYS A 92 13.74 6.16 6.81
C LYS A 92 13.30 7.05 5.66
N PHE A 93 13.72 8.31 5.69
CA PHE A 93 13.36 9.26 4.65
C PHE A 93 14.57 10.14 4.30
N ALA A 1 2.75 11.79 11.12
CA ALA A 1 1.52 11.81 11.90
C ALA A 1 0.31 11.69 10.99
N ILE A 2 0.42 10.87 9.96
CA ILE A 2 -0.68 10.67 9.01
C ILE A 2 -1.86 9.97 9.69
N SER A 3 -2.88 9.67 8.90
CA SER A 3 -4.08 9.01 9.41
C SER A 3 -4.17 7.58 8.89
N CYS A 4 -3.94 6.62 9.79
CA CYS A 4 -4.00 5.21 9.43
C CYS A 4 -5.30 4.88 8.72
N GLY A 5 -6.36 5.62 9.06
CA GLY A 5 -7.65 5.39 8.44
C GLY A 5 -7.66 5.74 6.97
N ALA A 6 -6.85 6.72 6.59
CA ALA A 6 -6.76 7.15 5.20
C ALA A 6 -5.79 6.29 4.41
N VAL A 7 -4.97 5.53 5.12
CA VAL A 7 -3.99 4.65 4.49
C VAL A 7 -4.67 3.46 3.82
N THR A 8 -5.53 2.78 4.57
CA THR A 8 -6.25 1.62 4.05
C THR A 8 -7.38 2.05 3.12
N SER A 9 -8.14 3.06 3.52
CA SER A 9 -9.25 3.55 2.72
C SER A 9 -8.78 3.88 1.31
N ASP A 10 -7.60 4.48 1.20
CA ASP A 10 -7.05 4.85 -0.10
C ASP A 10 -6.96 3.64 -1.01
N LEU A 11 -6.81 2.45 -0.42
CA LEU A 11 -6.72 1.22 -1.18
C LEU A 11 -8.08 0.54 -1.31
N SER A 12 -9.13 1.31 -1.07
CA SER A 12 -10.50 0.79 -1.15
C SER A 12 -10.76 0.15 -2.50
N PRO A 13 -10.62 0.95 -3.57
CA PRO A 13 -10.83 0.49 -4.94
C PRO A 13 -9.74 -0.47 -5.42
N CYS A 14 -8.66 -0.53 -4.65
CA CYS A 14 -7.54 -1.41 -4.98
C CYS A 14 -7.73 -2.78 -4.35
N LEU A 15 -8.46 -2.83 -3.24
CA LEU A 15 -8.70 -4.08 -2.53
C LEU A 15 -9.15 -5.17 -3.50
N THR A 16 -10.08 -4.83 -4.38
CA THR A 16 -10.58 -5.78 -5.36
C THR A 16 -9.44 -6.46 -6.10
N TYR A 17 -8.64 -5.67 -6.81
CA TYR A 17 -7.52 -6.19 -7.57
C TYR A 17 -6.50 -6.85 -6.64
N LEU A 18 -6.37 -6.32 -5.43
CA LEU A 18 -5.45 -6.86 -4.45
C LEU A 18 -6.00 -8.12 -3.80
N THR A 19 -7.22 -8.49 -4.18
CA THR A 19 -7.87 -9.68 -3.63
C THR A 19 -8.20 -10.68 -4.73
N GLY A 20 -7.32 -10.78 -5.72
CA GLY A 20 -7.54 -11.70 -6.82
C GLY A 20 -8.45 -11.14 -7.88
N GLY A 21 -9.03 -9.96 -7.60
CA GLY A 21 -9.92 -9.33 -8.56
C GLY A 21 -9.19 -8.71 -9.73
N PRO A 22 -9.94 -8.18 -10.69
CA PRO A 22 -9.37 -7.54 -11.88
C PRO A 22 -8.69 -6.22 -11.56
N GLY A 23 -7.69 -5.85 -12.36
CA GLY A 23 -6.98 -4.61 -12.15
C GLY A 23 -5.53 -4.68 -12.57
N PRO A 24 -4.73 -3.69 -12.15
CA PRO A 24 -5.21 -2.59 -11.31
C PRO A 24 -6.14 -1.65 -12.08
N SER A 25 -7.36 -1.49 -11.58
CA SER A 25 -8.34 -0.63 -12.22
C SER A 25 -7.84 0.82 -12.25
N PRO A 26 -8.49 1.65 -13.09
CA PRO A 26 -8.14 3.06 -13.23
C PRO A 26 -8.49 3.88 -11.99
N GLN A 27 -9.54 3.46 -11.30
CA GLN A 27 -9.98 4.15 -10.09
C GLN A 27 -9.06 3.83 -8.91
N CYS A 28 -8.47 2.64 -8.94
CA CYS A 28 -7.58 2.20 -7.87
C CYS A 28 -6.26 2.96 -7.92
N CYS A 29 -5.64 2.99 -9.10
CA CYS A 29 -4.37 3.69 -9.29
C CYS A 29 -4.45 5.12 -8.74
N GLY A 30 -5.62 5.73 -8.90
CA GLY A 30 -5.80 7.09 -8.43
C GLY A 30 -5.50 7.24 -6.95
N GLY A 31 -5.94 6.26 -6.15
CA GLY A 31 -5.69 6.31 -4.73
C GLY A 31 -4.25 5.99 -4.37
N VAL A 32 -3.71 4.96 -5.01
CA VAL A 32 -2.34 4.54 -4.76
C VAL A 32 -1.37 5.73 -4.82
N LYS A 33 -1.54 6.56 -5.84
CA LYS A 33 -0.69 7.74 -6.01
C LYS A 33 -0.91 8.73 -4.87
N LYS A 34 -2.16 8.91 -4.47
CA LYS A 34 -2.50 9.82 -3.38
C LYS A 34 -1.88 9.36 -2.07
N LEU A 35 -1.91 8.05 -1.84
CA LEU A 35 -1.35 7.49 -0.62
C LEU A 35 0.16 7.66 -0.57
N LEU A 36 0.83 7.24 -1.63
CA LEU A 36 2.28 7.35 -1.72
C LEU A 36 2.71 8.82 -1.74
N ALA A 37 1.90 9.66 -2.38
CA ALA A 37 2.18 11.08 -2.47
C ALA A 37 2.16 11.74 -1.10
N ALA A 38 1.43 11.15 -0.17
CA ALA A 38 1.32 11.68 1.19
C ALA A 38 2.52 11.23 2.03
N ALA A 39 2.94 9.99 1.85
CA ALA A 39 4.07 9.45 2.60
C ALA A 39 5.39 9.98 2.06
N ASN A 40 5.69 11.24 2.39
CA ASN A 40 6.92 11.87 1.94
C ASN A 40 7.93 11.97 3.08
N THR A 41 7.47 11.68 4.29
CA THR A 41 8.32 11.74 5.47
C THR A 41 8.71 10.34 5.94
N THR A 42 9.59 10.27 6.93
CA THR A 42 10.04 9.00 7.47
C THR A 42 8.94 8.34 8.29
N PRO A 43 8.42 9.06 9.29
CA PRO A 43 7.36 8.57 10.17
C PRO A 43 6.03 8.44 9.44
N ASP A 44 5.97 8.94 8.22
CA ASP A 44 4.75 8.89 7.42
C ASP A 44 4.69 7.58 6.63
N ARG A 45 5.83 7.15 6.11
CA ARG A 45 5.89 5.91 5.34
C ARG A 45 5.83 4.68 6.26
N GLN A 46 6.54 4.76 7.38
CA GLN A 46 6.56 3.66 8.34
C GLN A 46 5.16 3.31 8.81
N ALA A 47 4.43 4.31 9.27
CA ALA A 47 3.06 4.11 9.74
C ALA A 47 2.16 3.59 8.62
N ALA A 48 2.18 4.28 7.49
CA ALA A 48 1.38 3.88 6.34
C ALA A 48 1.59 2.41 6.00
N CYS A 49 2.85 1.99 5.96
CA CYS A 49 3.19 0.61 5.65
C CYS A 49 2.69 -0.34 6.73
N ASN A 50 3.19 -0.14 7.95
CA ASN A 50 2.79 -0.98 9.08
C ASN A 50 1.27 -1.05 9.20
N CYS A 51 0.60 0.00 8.74
CA CYS A 51 -0.86 0.07 8.79
C CYS A 51 -1.48 -0.87 7.76
N LEU A 52 -0.93 -0.86 6.56
CA LEU A 52 -1.43 -1.70 5.48
C LEU A 52 -0.98 -3.15 5.67
N LYS A 53 0.32 -3.35 5.82
CA LYS A 53 0.87 -4.69 6.02
C LYS A 53 0.11 -5.44 7.10
N SER A 54 -0.01 -4.82 8.27
CA SER A 54 -0.73 -5.44 9.39
C SER A 54 -2.15 -5.80 8.99
N ALA A 55 -2.85 -4.85 8.37
CA ALA A 55 -4.23 -5.06 7.94
C ALA A 55 -4.30 -6.15 6.86
N ALA A 56 -3.18 -6.35 6.16
CA ALA A 56 -3.13 -7.36 5.11
C ALA A 56 -3.01 -8.77 5.70
N GLY A 57 -2.35 -8.87 6.85
CA GLY A 57 -2.18 -10.16 7.49
C GLY A 57 -3.51 -10.82 7.82
N SER A 58 -4.55 -10.01 7.94
CA SER A 58 -5.88 -10.53 8.26
C SER A 58 -6.66 -10.83 6.98
N ILE A 59 -6.02 -10.63 5.84
CA ILE A 59 -6.65 -10.90 4.55
C ILE A 59 -6.10 -12.17 3.92
N THR A 60 -6.99 -13.11 3.61
CA THR A 60 -6.59 -14.38 3.01
C THR A 60 -6.56 -14.26 1.48
N LYS A 61 -7.42 -13.40 0.94
CA LYS A 61 -7.48 -13.20 -0.51
C LYS A 61 -6.36 -12.29 -0.98
N LEU A 62 -5.68 -11.66 -0.03
CA LEU A 62 -4.57 -10.75 -0.36
C LEU A 62 -3.57 -11.43 -1.28
N ASN A 63 -3.35 -10.84 -2.44
CA ASN A 63 -2.40 -11.39 -3.41
C ASN A 63 -1.10 -10.58 -3.43
N THR A 64 -0.10 -11.05 -2.68
CA THR A 64 1.18 -10.38 -2.62
C THR A 64 1.71 -10.07 -4.01
N ASN A 65 1.31 -10.87 -4.99
CA ASN A 65 1.74 -10.68 -6.37
C ASN A 65 1.24 -9.36 -6.92
N ASN A 66 -0.08 -9.16 -6.86
CA ASN A 66 -0.69 -7.94 -7.36
C ASN A 66 -0.36 -6.75 -6.45
N ALA A 67 -0.01 -7.05 -5.20
CA ALA A 67 0.32 -6.02 -4.24
C ALA A 67 1.67 -5.38 -4.56
N ALA A 68 2.60 -6.20 -5.03
CA ALA A 68 3.94 -5.72 -5.38
C ALA A 68 3.91 -4.96 -6.70
N ALA A 69 3.16 -5.48 -7.67
CA ALA A 69 3.05 -4.84 -8.98
C ALA A 69 1.96 -3.78 -8.98
N LEU A 70 1.23 -3.68 -7.88
CA LEU A 70 0.15 -2.70 -7.76
C LEU A 70 0.66 -1.30 -8.03
N PRO A 71 1.64 -0.84 -7.23
CA PRO A 71 2.24 0.48 -7.38
C PRO A 71 3.08 0.61 -8.64
N GLY A 72 3.61 -0.51 -9.11
CA GLY A 72 4.43 -0.51 -10.31
C GLY A 72 3.61 -0.30 -11.57
N LYS A 73 2.56 -1.10 -11.73
CA LYS A 73 1.69 -1.00 -12.90
C LYS A 73 1.03 0.38 -12.97
N CYS A 74 0.93 1.04 -11.82
CA CYS A 74 0.33 2.36 -11.75
C CYS A 74 1.35 3.45 -12.05
N GLY A 75 2.55 3.03 -12.45
CA GLY A 75 3.60 3.99 -12.75
C GLY A 75 3.97 4.84 -11.56
N VAL A 76 4.66 4.23 -10.59
CA VAL A 76 5.08 4.94 -9.39
C VAL A 76 6.55 4.72 -9.11
N ASN A 77 7.20 5.72 -8.51
CA ASN A 77 8.61 5.63 -8.18
C ASN A 77 8.82 4.90 -6.85
N ILE A 78 9.06 3.59 -6.95
CA ILE A 78 9.27 2.78 -5.76
C ILE A 78 10.32 1.70 -6.01
N PRO A 79 11.60 2.08 -5.86
CA PRO A 79 12.73 1.16 -6.07
C PRO A 79 12.81 0.09 -4.99
N TYR A 80 11.99 0.24 -3.95
CA TYR A 80 11.98 -0.70 -2.85
C TYR A 80 11.24 -1.99 -3.23
N LYS A 81 11.93 -3.11 -3.13
CA LYS A 81 11.34 -4.40 -3.46
C LYS A 81 10.19 -4.74 -2.51
N ILE A 82 8.97 -4.63 -3.00
CA ILE A 82 7.79 -4.93 -2.19
C ILE A 82 7.91 -6.29 -1.52
N SER A 83 8.21 -6.28 -0.23
CA SER A 83 8.36 -7.52 0.52
C SER A 83 7.69 -7.40 1.89
N THR A 84 6.58 -8.12 2.07
CA THR A 84 5.85 -8.09 3.32
C THR A 84 6.72 -8.57 4.48
N THR A 85 7.82 -9.26 4.15
CA THR A 85 8.73 -9.77 5.16
C THR A 85 9.67 -8.66 5.66
N THR A 86 9.79 -7.60 4.88
CA THR A 86 10.65 -6.48 5.24
C THR A 86 10.01 -5.61 6.31
N ASN A 87 10.82 -5.11 7.22
CA ASN A 87 10.32 -4.26 8.30
C ASN A 87 10.24 -2.80 7.86
N CYS A 88 9.02 -2.30 7.73
CA CYS A 88 8.80 -0.92 7.31
C CYS A 88 9.28 0.06 8.38
N ASN A 89 9.58 -0.47 9.56
CA ASN A 89 10.06 0.36 10.67
C ASN A 89 11.52 0.74 10.47
N THR A 90 12.21 0.01 9.61
CA THR A 90 13.61 0.27 9.33
C THR A 90 13.78 1.15 8.10
N VAL A 91 12.67 1.76 7.66
CA VAL A 91 12.69 2.63 6.49
C VAL A 91 12.91 4.09 6.88
N LYS A 92 13.44 4.29 8.09
CA LYS A 92 13.70 5.63 8.58
C LYS A 92 14.88 6.27 7.86
N PHE A 93 14.67 7.46 7.33
CA PHE A 93 15.72 8.18 6.61
C PHE A 93 16.99 8.25 7.45
N ALA A 1 2.54 12.20 12.92
CA ALA A 1 2.27 11.00 12.14
C ALA A 1 0.97 11.14 11.36
N ILE A 2 0.78 10.26 10.37
CA ILE A 2 -0.43 10.28 9.56
C ILE A 2 -1.56 9.52 10.23
N SER A 3 -2.70 9.43 9.54
CA SER A 3 -3.86 8.74 10.08
C SER A 3 -3.96 7.32 9.50
N CYS A 4 -3.76 6.32 10.34
CA CYS A 4 -3.83 4.93 9.92
C CYS A 4 -5.14 4.66 9.18
N GLY A 5 -6.23 5.20 9.70
CA GLY A 5 -7.53 5.01 9.09
C GLY A 5 -7.55 5.43 7.63
N ALA A 6 -6.70 6.39 7.29
CA ALA A 6 -6.62 6.88 5.92
C ALA A 6 -5.69 6.02 5.08
N VAL A 7 -4.79 5.30 5.74
CA VAL A 7 -3.85 4.43 5.05
C VAL A 7 -4.57 3.26 4.37
N THR A 8 -5.37 2.55 5.14
CA THR A 8 -6.12 1.41 4.62
C THR A 8 -7.30 1.87 3.77
N SER A 9 -7.93 2.97 4.18
CA SER A 9 -9.08 3.51 3.46
C SER A 9 -8.70 3.85 2.02
N ASP A 10 -7.52 4.45 1.85
CA ASP A 10 -7.04 4.84 0.53
C ASP A 10 -6.97 3.63 -0.39
N LEU A 11 -6.85 2.44 0.20
CA LEU A 11 -6.77 1.20 -0.57
C LEU A 11 -8.11 0.49 -0.59
N SER A 12 -9.17 1.21 -0.26
CA SER A 12 -10.52 0.64 -0.23
C SER A 12 -10.86 0.01 -1.59
N PRO A 13 -10.83 0.84 -2.64
CA PRO A 13 -11.14 0.40 -4.00
C PRO A 13 -10.06 -0.52 -4.57
N CYS A 14 -8.90 -0.54 -3.91
CA CYS A 14 -7.79 -1.37 -4.35
C CYS A 14 -7.88 -2.77 -3.74
N LEU A 15 -8.51 -2.87 -2.57
CA LEU A 15 -8.67 -4.14 -1.89
C LEU A 15 -9.11 -5.23 -2.86
N THR A 16 -10.00 -4.88 -3.77
CA THR A 16 -10.51 -5.82 -4.77
C THR A 16 -9.36 -6.43 -5.57
N TYR A 17 -8.68 -5.61 -6.35
CA TYR A 17 -7.57 -6.06 -7.17
C TYR A 17 -6.46 -6.66 -6.30
N LEU A 18 -6.31 -6.12 -5.09
CA LEU A 18 -5.29 -6.60 -4.16
C LEU A 18 -5.66 -7.97 -3.62
N THR A 19 -6.95 -8.28 -3.62
CA THR A 19 -7.43 -9.56 -3.11
C THR A 19 -7.59 -10.56 -4.25
N GLY A 20 -6.86 -10.35 -5.33
CA GLY A 20 -6.93 -11.25 -6.47
C GLY A 20 -7.97 -10.82 -7.48
N GLY A 21 -8.75 -9.80 -7.13
CA GLY A 21 -9.78 -9.30 -8.02
C GLY A 21 -9.19 -8.61 -9.25
N PRO A 22 -10.08 -8.16 -10.15
CA PRO A 22 -9.68 -7.47 -11.38
C PRO A 22 -9.09 -6.09 -11.11
N GLY A 23 -8.18 -5.65 -11.97
CA GLY A 23 -7.57 -4.34 -11.80
C GLY A 23 -6.12 -4.32 -12.26
N PRO A 24 -5.37 -3.32 -11.79
CA PRO A 24 -5.88 -2.29 -10.89
C PRO A 24 -6.87 -1.36 -11.58
N SER A 25 -8.03 -1.17 -10.96
CA SER A 25 -9.06 -0.29 -11.52
C SER A 25 -8.59 1.16 -11.54
N PRO A 26 -9.28 2.00 -12.31
CA PRO A 26 -8.96 3.42 -12.44
C PRO A 26 -9.28 4.19 -11.17
N GLN A 27 -10.28 3.74 -10.43
CA GLN A 27 -10.68 4.40 -9.19
C GLN A 27 -9.71 4.06 -8.06
N CYS A 28 -9.10 2.88 -8.14
CA CYS A 28 -8.16 2.44 -7.13
C CYS A 28 -6.84 3.22 -7.23
N CYS A 29 -6.29 3.29 -8.43
CA CYS A 29 -5.04 3.99 -8.67
C CYS A 29 -5.10 5.40 -8.09
N GLY A 30 -6.28 6.02 -8.16
CA GLY A 30 -6.46 7.35 -7.64
C GLY A 30 -6.03 7.48 -6.19
N GLY A 31 -6.38 6.47 -5.39
CA GLY A 31 -6.04 6.49 -3.98
C GLY A 31 -4.57 6.17 -3.75
N VAL A 32 -4.07 5.16 -4.46
CA VAL A 32 -2.68 4.75 -4.31
C VAL A 32 -1.73 5.94 -4.45
N LYS A 33 -1.99 6.78 -5.45
CA LYS A 33 -1.17 7.96 -5.70
C LYS A 33 -1.30 8.95 -4.54
N LYS A 34 -2.52 9.16 -4.07
CA LYS A 34 -2.77 10.08 -2.97
C LYS A 34 -2.09 9.60 -1.69
N LEU A 35 -2.13 8.28 -1.47
CA LEU A 35 -1.52 7.70 -0.29
C LEU A 35 0.00 7.85 -0.32
N LEU A 36 0.61 7.42 -1.43
CA LEU A 36 2.05 7.51 -1.59
C LEU A 36 2.50 8.96 -1.63
N ALA A 37 1.69 9.81 -2.24
CA ALA A 37 2.00 11.23 -2.34
C ALA A 37 2.04 11.89 -0.97
N ALA A 38 1.35 11.28 -0.01
CA ALA A 38 1.31 11.81 1.35
C ALA A 38 2.51 11.33 2.16
N ALA A 39 2.93 10.11 1.91
CA ALA A 39 4.07 9.54 2.62
C ALA A 39 5.38 10.12 2.10
N ASN A 40 5.61 11.40 2.40
CA ASN A 40 6.84 12.06 1.96
C ASN A 40 7.85 12.17 3.11
N THR A 41 7.42 11.75 4.30
CA THR A 41 8.28 11.79 5.47
C THR A 41 8.67 10.39 5.92
N THR A 42 9.62 10.31 6.85
CA THR A 42 10.08 9.02 7.36
C THR A 42 9.01 8.36 8.21
N PRO A 43 8.52 9.09 9.23
CA PRO A 43 7.49 8.59 10.13
C PRO A 43 6.13 8.44 9.43
N ASP A 44 6.03 8.94 8.21
CA ASP A 44 4.80 8.87 7.44
C ASP A 44 4.72 7.56 6.66
N ARG A 45 5.85 7.14 6.12
CA ARG A 45 5.91 5.90 5.34
C ARG A 45 5.89 4.68 6.26
N GLN A 46 6.68 4.75 7.33
CA GLN A 46 6.76 3.65 8.29
C GLN A 46 5.37 3.28 8.80
N ALA A 47 4.64 4.28 9.29
CA ALA A 47 3.30 4.06 9.81
C ALA A 47 2.37 3.53 8.73
N ALA A 48 2.30 4.25 7.61
CA ALA A 48 1.45 3.84 6.50
C ALA A 48 1.71 2.40 6.10
N CYS A 49 2.98 2.02 6.06
CA CYS A 49 3.36 0.65 5.70
C CYS A 49 2.87 -0.35 6.74
N ASN A 50 3.42 -0.25 7.95
CA ASN A 50 3.05 -1.14 9.04
C ASN A 50 1.53 -1.23 9.17
N CYS A 51 0.86 -0.08 9.03
CA CYS A 51 -0.59 -0.03 9.13
C CYS A 51 -1.24 -1.07 8.22
N LEU A 52 -0.97 -0.97 6.93
CA LEU A 52 -1.52 -1.90 5.95
C LEU A 52 -1.11 -3.33 6.26
N LYS A 53 0.15 -3.50 6.63
CA LYS A 53 0.69 -4.83 6.96
C LYS A 53 -0.17 -5.50 8.03
N SER A 54 -0.68 -4.71 8.95
CA SER A 54 -1.52 -5.23 10.03
C SER A 54 -2.89 -5.65 9.51
N ALA A 55 -3.52 -4.76 8.74
CA ALA A 55 -4.83 -5.05 8.18
C ALA A 55 -4.75 -6.15 7.12
N ALA A 56 -3.54 -6.43 6.66
CA ALA A 56 -3.32 -7.46 5.66
C ALA A 56 -3.27 -8.85 6.29
N GLY A 57 -2.79 -8.90 7.53
CA GLY A 57 -2.70 -10.17 8.24
C GLY A 57 -4.05 -10.82 8.44
N SER A 58 -5.10 -10.02 8.43
CA SER A 58 -6.45 -10.52 8.63
C SER A 58 -7.09 -10.88 7.29
N ILE A 59 -6.32 -10.79 6.22
CA ILE A 59 -6.80 -11.11 4.88
C ILE A 59 -6.26 -12.44 4.39
N THR A 60 -7.15 -13.33 4.00
CA THR A 60 -6.75 -14.66 3.52
C THR A 60 -6.66 -14.66 1.99
N LYS A 61 -7.44 -13.82 1.34
CA LYS A 61 -7.43 -13.73 -0.11
C LYS A 61 -6.47 -12.65 -0.59
N LEU A 62 -5.56 -12.25 0.29
CA LEU A 62 -4.58 -11.22 -0.05
C LEU A 62 -3.63 -11.71 -1.14
N ASN A 63 -3.56 -10.97 -2.24
CA ASN A 63 -2.70 -11.32 -3.36
C ASN A 63 -1.47 -10.42 -3.40
N THR A 64 -0.39 -10.87 -2.77
CA THR A 64 0.85 -10.10 -2.73
C THR A 64 1.31 -9.74 -4.14
N ASN A 65 0.90 -10.54 -5.12
CA ASN A 65 1.28 -10.30 -6.51
C ASN A 65 0.66 -8.99 -7.01
N ASN A 66 -0.60 -8.77 -6.68
CA ASN A 66 -1.31 -7.56 -7.09
C ASN A 66 -0.86 -6.35 -6.27
N ALA A 67 -0.33 -6.63 -5.08
CA ALA A 67 0.15 -5.56 -4.20
C ALA A 67 1.46 -4.97 -4.71
N ALA A 68 2.29 -5.82 -5.29
CA ALA A 68 3.58 -5.39 -5.82
C ALA A 68 3.41 -4.64 -7.13
N ALA A 69 2.50 -5.14 -7.98
CA ALA A 69 2.25 -4.51 -9.27
C ALA A 69 1.21 -3.41 -9.14
N LEU A 70 0.59 -3.31 -7.97
CA LEU A 70 -0.43 -2.29 -7.72
C LEU A 70 0.11 -0.90 -8.00
N PRO A 71 1.18 -0.52 -7.26
CA PRO A 71 1.82 0.79 -7.42
C PRO A 71 2.56 0.92 -8.74
N GLY A 72 3.00 -0.20 -9.29
CA GLY A 72 3.70 -0.18 -10.56
C GLY A 72 2.79 0.09 -11.74
N LYS A 73 1.69 -0.66 -11.82
CA LYS A 73 0.74 -0.49 -12.91
C LYS A 73 0.09 0.89 -12.86
N CYS A 74 0.08 1.49 -11.67
CA CYS A 74 -0.51 2.81 -11.49
C CYS A 74 0.51 3.90 -11.80
N GLY A 75 1.67 3.49 -12.29
CA GLY A 75 2.72 4.45 -12.62
C GLY A 75 3.22 5.20 -11.40
N VAL A 76 3.96 4.50 -10.55
CA VAL A 76 4.51 5.11 -9.34
C VAL A 76 5.95 4.70 -9.11
N ASN A 77 6.74 5.58 -8.50
CA ASN A 77 8.14 5.31 -8.23
C ASN A 77 8.33 4.77 -6.82
N ILE A 78 8.42 3.45 -6.70
CA ILE A 78 8.61 2.82 -5.39
C ILE A 78 9.76 1.83 -5.43
N PRO A 79 10.99 2.34 -5.27
CA PRO A 79 12.19 1.51 -5.27
C PRO A 79 12.30 0.63 -4.03
N TYR A 80 11.38 0.83 -3.09
CA TYR A 80 11.38 0.05 -1.86
C TYR A 80 10.88 -1.37 -2.12
N LYS A 81 11.07 -2.23 -1.13
CA LYS A 81 10.64 -3.62 -1.24
C LYS A 81 9.17 -3.77 -0.85
N ILE A 82 8.41 -4.48 -1.68
CA ILE A 82 7.00 -4.71 -1.42
C ILE A 82 6.77 -5.96 -0.56
N SER A 83 7.77 -6.84 -0.58
CA SER A 83 7.68 -8.08 0.19
C SER A 83 7.10 -7.82 1.58
N THR A 84 6.01 -8.52 1.90
CA THR A 84 5.37 -8.37 3.19
C THR A 84 6.33 -8.69 4.33
N THR A 85 7.39 -9.42 4.01
CA THR A 85 8.39 -9.79 5.01
C THR A 85 9.37 -8.65 5.25
N THR A 86 9.24 -7.58 4.47
CA THR A 86 10.12 -6.43 4.60
C THR A 86 9.77 -5.60 5.83
N ASN A 87 10.78 -5.07 6.51
CA ASN A 87 10.57 -4.25 7.69
C ASN A 87 10.46 -2.77 7.33
N CYS A 88 9.25 -2.24 7.44
CA CYS A 88 9.01 -0.83 7.13
C CYS A 88 9.63 0.08 8.18
N ASN A 89 10.11 -0.52 9.26
CA ASN A 89 10.72 0.24 10.35
C ASN A 89 12.15 0.65 9.99
N THR A 90 12.75 -0.06 9.03
CA THR A 90 14.10 0.23 8.59
C THR A 90 14.10 1.22 7.42
N VAL A 91 12.94 1.78 7.13
CA VAL A 91 12.79 2.73 6.03
C VAL A 91 12.99 4.16 6.52
N LYS A 92 13.57 4.30 7.71
CA LYS A 92 13.82 5.62 8.29
C LYS A 92 14.96 6.32 7.57
N PHE A 93 14.63 7.42 6.90
CA PHE A 93 15.62 8.20 6.17
C PHE A 93 16.49 9.02 7.12
N ALA A 1 2.57 12.91 12.11
CA ALA A 1 1.83 11.67 12.21
C ALA A 1 0.60 11.68 11.31
N ILE A 2 0.57 10.78 10.33
CA ILE A 2 -0.54 10.69 9.41
C ILE A 2 -1.76 10.03 10.06
N SER A 3 -2.78 9.75 9.26
CA SER A 3 -3.99 9.12 9.77
C SER A 3 -4.12 7.70 9.25
N CYS A 4 -3.96 6.73 10.15
CA CYS A 4 -4.05 5.32 9.77
C CYS A 4 -5.35 5.05 9.02
N GLY A 5 -6.44 5.61 9.53
CA GLY A 5 -7.74 5.41 8.89
C GLY A 5 -7.73 5.81 7.43
N ALA A 6 -6.85 6.74 7.07
CA ALA A 6 -6.75 7.20 5.69
C ALA A 6 -5.82 6.31 4.88
N VAL A 7 -4.99 5.54 5.57
CA VAL A 7 -4.05 4.64 4.92
C VAL A 7 -4.78 3.45 4.29
N THR A 8 -5.59 2.78 5.08
CA THR A 8 -6.34 1.62 4.61
C THR A 8 -7.51 2.05 3.73
N SER A 9 -8.14 3.17 4.09
CA SER A 9 -9.28 3.69 3.33
C SER A 9 -8.85 4.07 1.91
N ASP A 10 -7.66 4.62 1.78
CA ASP A 10 -7.13 5.02 0.49
C ASP A 10 -7.01 3.82 -0.45
N LEU A 11 -6.99 2.63 0.13
CA LEU A 11 -6.88 1.41 -0.65
C LEU A 11 -8.22 0.67 -0.71
N SER A 12 -9.29 1.39 -0.37
CA SER A 12 -10.63 0.80 -0.38
C SER A 12 -10.95 0.22 -1.76
N PRO A 13 -10.91 1.07 -2.79
CA PRO A 13 -11.20 0.66 -4.16
C PRO A 13 -10.11 -0.22 -4.74
N CYS A 14 -8.97 -0.28 -4.05
CA CYS A 14 -7.84 -1.10 -4.50
C CYS A 14 -7.94 -2.50 -3.94
N LEU A 15 -8.53 -2.63 -2.76
CA LEU A 15 -8.69 -3.93 -2.10
C LEU A 15 -9.15 -4.98 -3.11
N THR A 16 -10.05 -4.60 -3.99
CA THR A 16 -10.56 -5.51 -5.01
C THR A 16 -9.43 -6.13 -5.82
N TYR A 17 -8.70 -5.29 -6.54
CA TYR A 17 -7.58 -5.76 -7.36
C TYR A 17 -6.49 -6.36 -6.49
N LEU A 18 -6.33 -5.83 -5.28
CA LEU A 18 -5.32 -6.32 -4.36
C LEU A 18 -5.70 -7.69 -3.81
N THR A 19 -6.98 -8.04 -3.93
CA THR A 19 -7.47 -9.32 -3.46
C THR A 19 -7.66 -10.31 -4.61
N GLY A 20 -6.93 -10.08 -5.69
CA GLY A 20 -7.03 -10.95 -6.85
C GLY A 20 -8.05 -10.46 -7.86
N GLY A 21 -8.84 -9.47 -7.46
CA GLY A 21 -9.85 -8.93 -8.36
C GLY A 21 -9.25 -8.20 -9.54
N PRO A 22 -10.12 -7.71 -10.43
CA PRO A 22 -9.68 -6.99 -11.64
C PRO A 22 -9.09 -5.62 -11.32
N GLY A 23 -8.16 -5.16 -12.15
CA GLY A 23 -7.54 -3.87 -11.93
C GLY A 23 -6.08 -3.86 -12.34
N PRO A 24 -5.33 -2.88 -11.82
CA PRO A 24 -5.86 -1.86 -10.91
C PRO A 24 -6.81 -0.90 -11.60
N SER A 25 -7.98 -0.68 -11.01
CA SER A 25 -8.97 0.21 -11.58
C SER A 25 -8.47 1.66 -11.57
N PRO A 26 -9.14 2.51 -12.35
CA PRO A 26 -8.78 3.93 -12.46
C PRO A 26 -9.09 4.71 -11.18
N GLN A 27 -10.14 4.29 -10.49
CA GLN A 27 -10.54 4.93 -9.24
C GLN A 27 -9.62 4.54 -8.09
N CYS A 28 -9.04 3.35 -8.18
CA CYS A 28 -8.15 2.85 -7.15
C CYS A 28 -6.82 3.60 -7.18
N CYS A 29 -6.20 3.66 -8.37
CA CYS A 29 -4.93 4.35 -8.54
C CYS A 29 -4.99 5.76 -7.97
N GLY A 30 -6.16 6.38 -8.08
CA GLY A 30 -6.33 7.73 -7.56
C GLY A 30 -5.93 7.85 -6.10
N GLY A 31 -6.35 6.87 -5.30
CA GLY A 31 -6.03 6.88 -3.88
C GLY A 31 -4.59 6.51 -3.61
N VAL A 32 -4.10 5.50 -4.32
CA VAL A 32 -2.72 5.04 -4.15
C VAL A 32 -1.75 6.20 -4.23
N LYS A 33 -1.91 7.06 -5.23
CA LYS A 33 -1.05 8.21 -5.41
C LYS A 33 -1.16 9.17 -4.22
N LYS A 34 -2.39 9.41 -3.76
CA LYS A 34 -2.63 10.30 -2.64
C LYS A 34 -1.96 9.77 -1.37
N LEU A 35 -2.03 8.46 -1.19
CA LEU A 35 -1.44 7.82 -0.01
C LEU A 35 0.09 7.93 -0.05
N LEU A 36 0.68 7.52 -1.17
CA LEU A 36 2.12 7.57 -1.34
C LEU A 36 2.62 9.02 -1.29
N ALA A 37 1.87 9.92 -1.90
CA ALA A 37 2.23 11.34 -1.92
C ALA A 37 2.23 11.93 -0.52
N ALA A 38 1.52 11.26 0.40
CA ALA A 38 1.44 11.72 1.78
C ALA A 38 2.62 11.23 2.59
N ALA A 39 3.06 10.00 2.32
CA ALA A 39 4.19 9.41 3.03
C ALA A 39 5.51 9.97 2.51
N ASN A 40 5.74 11.25 2.75
CA ASN A 40 6.97 11.91 2.31
C ASN A 40 7.97 12.02 3.45
N THR A 41 7.56 11.58 4.63
CA THR A 41 8.42 11.63 5.81
C THR A 41 8.73 10.22 6.32
N THR A 42 9.70 10.13 7.22
CA THR A 42 10.08 8.84 7.79
C THR A 42 8.97 8.26 8.65
N PRO A 43 8.49 9.06 9.61
CA PRO A 43 7.42 8.64 10.52
C PRO A 43 6.07 8.52 9.80
N ASP A 44 6.01 9.04 8.58
CA ASP A 44 4.78 8.99 7.79
C ASP A 44 4.70 7.69 6.99
N ARG A 45 5.85 7.23 6.51
CA ARG A 45 5.91 6.01 5.72
C ARG A 45 5.74 4.78 6.62
N GLN A 46 6.38 4.81 7.79
CA GLN A 46 6.30 3.70 8.73
C GLN A 46 4.85 3.39 9.09
N ALA A 47 4.16 4.38 9.65
CA ALA A 47 2.77 4.20 10.04
C ALA A 47 1.92 3.76 8.85
N ALA A 48 2.05 4.46 7.73
CA ALA A 48 1.31 4.14 6.52
C ALA A 48 1.44 2.66 6.17
N CYS A 49 2.68 2.21 6.01
CA CYS A 49 2.95 0.82 5.66
C CYS A 49 2.48 -0.12 6.77
N ASN A 50 3.05 0.06 7.96
CA ASN A 50 2.68 -0.76 9.11
C ASN A 50 1.16 -0.88 9.24
N CYS A 51 0.46 0.20 8.91
CA CYS A 51 -0.99 0.21 8.99
C CYS A 51 -1.60 -0.80 8.03
N LEU A 52 -1.10 -0.82 6.80
CA LEU A 52 -1.59 -1.75 5.79
C LEU A 52 -1.09 -3.17 6.05
N LYS A 53 0.13 -3.27 6.57
CA LYS A 53 0.73 -4.56 6.87
C LYS A 53 -0.13 -5.33 7.89
N SER A 54 -0.69 -4.60 8.85
CA SER A 54 -1.53 -5.21 9.88
C SER A 54 -2.89 -5.61 9.31
N ALA A 55 -3.52 -4.68 8.59
CA ALA A 55 -4.82 -4.94 7.99
C ALA A 55 -4.72 -5.99 6.89
N ALA A 56 -3.50 -6.29 6.47
CA ALA A 56 -3.27 -7.27 5.42
C ALA A 56 -3.11 -8.68 6.01
N GLY A 57 -2.72 -8.73 7.28
CA GLY A 57 -2.54 -10.02 7.94
C GLY A 57 -3.85 -10.71 8.23
N SER A 58 -4.92 -9.94 8.32
CA SER A 58 -6.24 -10.48 8.59
C SER A 58 -6.96 -10.85 7.30
N ILE A 59 -6.24 -10.74 6.18
CA ILE A 59 -6.81 -11.07 4.88
C ILE A 59 -6.27 -12.40 4.36
N THR A 60 -7.16 -13.27 3.90
CA THR A 60 -6.77 -14.57 3.38
C THR A 60 -6.73 -14.55 1.85
N LYS A 61 -7.55 -13.71 1.25
CA LYS A 61 -7.61 -13.60 -0.21
C LYS A 61 -6.67 -12.50 -0.70
N LEU A 62 -5.76 -12.08 0.16
CA LEU A 62 -4.79 -11.04 -0.19
C LEU A 62 -3.85 -11.52 -1.29
N ASN A 63 -3.76 -10.75 -2.37
CA ASN A 63 -2.90 -11.09 -3.49
C ASN A 63 -1.65 -10.21 -3.50
N THR A 64 -0.59 -10.67 -2.84
CA THR A 64 0.66 -9.92 -2.78
C THR A 64 1.14 -9.56 -4.18
N ASN A 65 0.73 -10.33 -5.17
CA ASN A 65 1.13 -10.08 -6.55
C ASN A 65 0.57 -8.75 -7.05
N ASN A 66 -0.70 -8.51 -6.76
CA ASN A 66 -1.36 -7.28 -7.18
C ASN A 66 -0.93 -6.10 -6.29
N ALA A 67 -0.46 -6.42 -5.09
CA ALA A 67 -0.01 -5.41 -4.15
C ALA A 67 1.33 -4.82 -4.58
N ALA A 68 2.19 -5.67 -5.12
CA ALA A 68 3.51 -5.23 -5.57
C ALA A 68 3.41 -4.44 -6.88
N ALA A 69 2.57 -4.93 -7.78
CA ALA A 69 2.38 -4.27 -9.08
C ALA A 69 1.34 -3.16 -8.99
N LEU A 70 0.69 -3.06 -7.83
CA LEU A 70 -0.33 -2.05 -7.62
C LEU A 70 0.22 -0.65 -7.89
N PRO A 71 1.28 -0.28 -7.15
CA PRO A 71 1.92 1.03 -7.29
C PRO A 71 2.69 1.17 -8.61
N GLY A 72 3.14 0.02 -9.13
CA GLY A 72 3.88 0.04 -10.38
C GLY A 72 2.99 0.27 -11.58
N LYS A 73 1.80 -0.30 -11.55
CA LYS A 73 0.84 -0.14 -12.64
C LYS A 73 0.22 1.26 -12.64
N CYS A 74 0.31 1.93 -11.49
CA CYS A 74 -0.23 3.28 -11.35
C CYS A 74 0.76 4.32 -11.84
N GLY A 75 1.96 3.86 -12.19
CA GLY A 75 2.99 4.77 -12.67
C GLY A 75 3.94 5.21 -11.56
N VAL A 76 3.83 4.57 -10.40
CA VAL A 76 4.66 4.91 -9.27
C VAL A 76 5.95 4.08 -9.27
N ASN A 77 6.94 4.53 -8.51
CA ASN A 77 8.22 3.84 -8.43
C ASN A 77 8.69 3.73 -6.98
N ILE A 78 9.06 2.52 -6.58
CA ILE A 78 9.53 2.29 -5.21
C ILE A 78 10.82 1.46 -5.21
N PRO A 79 11.81 1.92 -4.44
CA PRO A 79 13.10 1.25 -4.33
C PRO A 79 13.00 -0.07 -3.57
N TYR A 80 11.83 -0.34 -3.01
CA TYR A 80 11.61 -1.57 -2.25
C TYR A 80 11.03 -2.66 -3.15
N LYS A 81 11.33 -3.91 -2.82
CA LYS A 81 10.84 -5.04 -3.59
C LYS A 81 9.46 -5.49 -3.10
N ILE A 82 8.82 -4.63 -2.30
CA ILE A 82 7.49 -4.93 -1.77
C ILE A 82 7.49 -6.26 -1.04
N SER A 83 7.74 -6.22 0.26
CA SER A 83 7.76 -7.43 1.08
C SER A 83 6.84 -7.29 2.29
N THR A 84 5.76 -8.05 2.29
CA THR A 84 4.79 -8.01 3.38
C THR A 84 5.42 -8.50 4.68
N THR A 85 6.59 -9.12 4.57
CA THR A 85 7.29 -9.64 5.74
C THR A 85 8.33 -8.64 6.25
N THR A 86 8.60 -7.62 5.44
CA THR A 86 9.56 -6.59 5.81
C THR A 86 8.99 -5.64 6.85
N ASN A 87 9.84 -5.20 7.77
CA ASN A 87 9.41 -4.28 8.83
C ASN A 87 9.54 -2.83 8.38
N CYS A 88 8.41 -2.23 8.01
CA CYS A 88 8.40 -0.84 7.56
C CYS A 88 8.65 0.12 8.72
N ASN A 89 8.70 -0.44 9.93
CA ASN A 89 8.94 0.37 11.13
C ASN A 89 10.41 0.77 11.23
N THR A 90 11.29 -0.10 10.72
CA THR A 90 12.72 0.16 10.76
C THR A 90 13.20 0.78 9.46
N VAL A 91 12.41 1.71 8.92
CA VAL A 91 12.74 2.38 7.67
C VAL A 91 13.13 3.83 7.92
N LYS A 92 13.60 4.50 6.88
CA LYS A 92 14.00 5.90 6.99
C LYS A 92 13.68 6.66 5.70
N PHE A 93 13.95 7.96 5.70
CA PHE A 93 13.69 8.79 4.53
C PHE A 93 14.70 9.93 4.43
N ALA A 1 2.96 11.16 12.40
CA ALA A 1 2.34 10.01 11.77
C ALA A 1 0.99 10.39 11.16
N ILE A 2 0.66 9.76 10.04
CA ILE A 2 -0.60 10.02 9.35
C ILE A 2 -1.76 9.28 10.01
N SER A 3 -2.93 9.34 9.39
CA SER A 3 -4.12 8.68 9.93
C SER A 3 -4.27 7.28 9.33
N CYS A 4 -4.23 6.27 10.19
CA CYS A 4 -4.37 4.89 9.75
C CYS A 4 -5.65 4.70 8.94
N GLY A 5 -6.70 5.40 9.34
CA GLY A 5 -7.97 5.29 8.64
C GLY A 5 -7.88 5.74 7.19
N ALA A 6 -6.93 6.62 6.91
CA ALA A 6 -6.73 7.12 5.55
C ALA A 6 -5.84 6.18 4.74
N VAL A 7 -5.05 5.38 5.45
CA VAL A 7 -4.15 4.44 4.79
C VAL A 7 -4.93 3.36 4.03
N THR A 8 -5.86 2.72 4.73
CA THR A 8 -6.68 1.67 4.12
C THR A 8 -7.75 2.28 3.22
N SER A 9 -8.28 3.42 3.62
CA SER A 9 -9.32 4.09 2.84
C SER A 9 -8.84 4.39 1.43
N ASP A 10 -7.61 4.88 1.32
CA ASP A 10 -7.03 5.20 0.03
C ASP A 10 -6.87 3.95 -0.83
N LEU A 11 -6.84 2.80 -0.17
CA LEU A 11 -6.69 1.52 -0.87
C LEU A 11 -8.01 0.77 -0.93
N SER A 12 -9.11 1.47 -0.62
CA SER A 12 -10.43 0.87 -0.62
C SER A 12 -10.73 0.23 -1.98
N PRO A 13 -10.70 1.05 -3.03
CA PRO A 13 -10.97 0.59 -4.40
C PRO A 13 -9.85 -0.31 -4.94
N CYS A 14 -8.74 -0.37 -4.20
CA CYS A 14 -7.60 -1.20 -4.60
C CYS A 14 -7.69 -2.59 -3.97
N LEU A 15 -8.30 -2.66 -2.79
CA LEU A 15 -8.44 -3.92 -2.09
C LEU A 15 -8.90 -5.03 -3.04
N THR A 16 -9.83 -4.69 -3.92
CA THR A 16 -10.35 -5.64 -4.89
C THR A 16 -9.23 -6.30 -5.68
N TYR A 17 -8.50 -5.49 -6.44
CA TYR A 17 -7.40 -5.99 -7.25
C TYR A 17 -6.30 -6.57 -6.37
N LEU A 18 -6.10 -5.97 -5.21
CA LEU A 18 -5.09 -6.44 -4.27
C LEU A 18 -5.47 -7.79 -3.67
N THR A 19 -6.75 -8.12 -3.74
CA THR A 19 -7.23 -9.39 -3.22
C THR A 19 -7.44 -10.41 -4.34
N GLY A 20 -6.71 -10.23 -5.43
CA GLY A 20 -6.82 -11.15 -6.55
C GLY A 20 -7.84 -10.69 -7.57
N GLY A 21 -8.65 -9.70 -7.19
CA GLY A 21 -9.67 -9.18 -8.09
C GLY A 21 -9.08 -8.51 -9.32
N PRO A 22 -9.95 -8.05 -10.22
CA PRO A 22 -9.53 -7.39 -11.46
C PRO A 22 -8.93 -6.01 -11.20
N GLY A 23 -8.01 -5.59 -12.07
CA GLY A 23 -7.37 -4.30 -11.91
C GLY A 23 -5.92 -4.32 -12.34
N PRO A 24 -5.15 -3.32 -11.88
CA PRO A 24 -5.67 -2.27 -11.00
C PRO A 24 -6.62 -1.32 -11.73
N SER A 25 -7.78 -1.07 -11.13
CA SER A 25 -8.78 -0.19 -11.73
C SER A 25 -8.27 1.24 -11.79
N PRO A 26 -8.93 2.07 -12.61
CA PRO A 26 -8.57 3.48 -12.78
C PRO A 26 -8.86 4.31 -11.54
N GLN A 27 -9.90 3.92 -10.81
CA GLN A 27 -10.29 4.64 -9.60
C GLN A 27 -9.37 4.30 -8.44
N CYS A 28 -8.80 3.09 -8.48
CA CYS A 28 -7.90 2.64 -7.43
C CYS A 28 -6.56 3.38 -7.52
N CYS A 29 -5.97 3.39 -8.71
CA CYS A 29 -4.69 4.06 -8.93
C CYS A 29 -4.73 5.48 -8.38
N GLY A 30 -5.87 6.15 -8.54
CA GLY A 30 -6.01 7.51 -8.05
C GLY A 30 -5.65 7.65 -6.59
N GLY A 31 -6.07 6.68 -5.79
CA GLY A 31 -5.79 6.72 -4.36
C GLY A 31 -4.34 6.35 -4.06
N VAL A 32 -3.83 5.34 -4.75
CA VAL A 32 -2.46 4.89 -4.55
C VAL A 32 -1.47 6.05 -4.69
N LYS A 33 -1.56 6.76 -5.81
CA LYS A 33 -0.67 7.90 -6.06
C LYS A 33 -0.80 8.94 -4.97
N LYS A 34 -2.04 9.26 -4.60
CA LYS A 34 -2.30 10.25 -3.56
C LYS A 34 -1.70 9.79 -2.22
N LEU A 35 -1.87 8.52 -1.91
CA LEU A 35 -1.35 7.97 -0.67
C LEU A 35 0.18 7.99 -0.66
N LEU A 36 0.78 7.43 -1.70
CA LEU A 36 2.24 7.39 -1.81
C LEU A 36 2.81 8.80 -1.85
N ALA A 37 2.16 9.68 -2.60
CA ALA A 37 2.60 11.07 -2.73
C ALA A 37 2.53 11.80 -1.38
N ALA A 38 1.72 11.26 -0.47
CA ALA A 38 1.56 11.84 0.86
C ALA A 38 2.65 11.37 1.80
N ALA A 39 3.09 10.13 1.63
CA ALA A 39 4.14 9.56 2.48
C ALA A 39 5.50 10.10 2.09
N ASN A 40 5.73 11.39 2.35
CA ASN A 40 6.99 12.02 2.02
C ASN A 40 7.88 12.15 3.27
N THR A 41 7.31 11.82 4.42
CA THR A 41 8.04 11.90 5.68
C THR A 41 8.38 10.51 6.20
N THR A 42 9.26 10.46 7.20
CA THR A 42 9.68 9.19 7.78
C THR A 42 8.53 8.54 8.55
N PRO A 43 7.94 9.28 9.48
CA PRO A 43 6.83 8.79 10.31
C PRO A 43 5.55 8.63 9.50
N ASP A 44 5.58 9.08 8.25
CA ASP A 44 4.42 8.97 7.37
C ASP A 44 4.42 7.64 6.63
N ARG A 45 5.60 7.22 6.20
CA ARG A 45 5.75 5.96 5.46
C ARG A 45 5.65 4.77 6.41
N GLN A 46 6.31 4.88 7.57
CA GLN A 46 6.30 3.82 8.56
C GLN A 46 4.87 3.47 8.98
N ALA A 47 4.15 4.46 9.48
CA ALA A 47 2.78 4.28 9.91
C ALA A 47 1.92 3.71 8.79
N ALA A 48 1.96 4.36 7.63
CA ALA A 48 1.19 3.92 6.48
C ALA A 48 1.47 2.46 6.16
N CYS A 49 2.75 2.09 6.18
CA CYS A 49 3.15 0.71 5.89
C CYS A 49 2.62 -0.25 6.95
N ASN A 50 3.11 -0.09 8.18
CA ASN A 50 2.69 -0.94 9.28
C ASN A 50 1.18 -1.04 9.35
N CYS A 51 0.51 0.09 9.14
CA CYS A 51 -0.95 0.13 9.17
C CYS A 51 -1.54 -0.94 8.27
N LEU A 52 -1.11 -0.97 7.02
CA LEU A 52 -1.59 -1.94 6.05
C LEU A 52 -0.99 -3.31 6.31
N LYS A 53 0.16 -3.34 6.96
CA LYS A 53 0.85 -4.59 7.28
C LYS A 53 0.04 -5.42 8.25
N SER A 54 -0.54 -4.76 9.27
CA SER A 54 -1.34 -5.45 10.27
C SER A 54 -2.71 -5.82 9.71
N ALA A 55 -3.29 -4.90 8.94
CA ALA A 55 -4.59 -5.14 8.34
C ALA A 55 -4.51 -6.17 7.21
N ALA A 56 -3.29 -6.50 6.81
CA ALA A 56 -3.06 -7.48 5.75
C ALA A 56 -2.97 -8.89 6.32
N GLY A 57 -2.61 -9.00 7.59
CA GLY A 57 -2.49 -10.30 8.23
C GLY A 57 -3.83 -10.96 8.44
N SER A 58 -4.88 -10.15 8.51
CA SER A 58 -6.23 -10.68 8.71
C SER A 58 -6.91 -10.99 7.38
N ILE A 59 -6.15 -10.85 6.30
CA ILE A 59 -6.67 -11.12 4.96
C ILE A 59 -6.13 -12.42 4.41
N THR A 60 -7.04 -13.31 4.00
CA THR A 60 -6.64 -14.60 3.46
C THR A 60 -6.59 -14.57 1.94
N LYS A 61 -7.40 -13.68 1.34
CA LYS A 61 -7.44 -13.55 -0.11
C LYS A 61 -6.47 -12.49 -0.58
N LEU A 62 -5.55 -12.09 0.30
CA LEU A 62 -4.56 -11.07 -0.04
C LEU A 62 -3.61 -11.57 -1.13
N ASN A 63 -3.52 -10.82 -2.22
CA ASN A 63 -2.65 -11.18 -3.32
C ASN A 63 -1.40 -10.31 -3.35
N THR A 64 -0.36 -10.75 -2.66
CA THR A 64 0.89 -10.02 -2.60
C THR A 64 1.39 -9.66 -3.99
N ASN A 65 1.02 -10.48 -4.98
CA ASN A 65 1.43 -10.26 -6.35
C ASN A 65 0.84 -8.96 -6.89
N ASN A 66 -0.43 -8.72 -6.59
CA ASN A 66 -1.11 -7.51 -7.05
C ASN A 66 -0.68 -6.31 -6.23
N ALA A 67 -0.16 -6.57 -5.03
CA ALA A 67 0.29 -5.51 -4.14
C ALA A 67 1.61 -4.90 -4.63
N ALA A 68 2.48 -5.75 -5.15
CA ALA A 68 3.77 -5.30 -5.66
C ALA A 68 3.62 -4.60 -7.00
N ALA A 69 2.74 -5.14 -7.85
CA ALA A 69 2.50 -4.56 -9.16
C ALA A 69 1.46 -3.45 -9.10
N LEU A 70 0.83 -3.31 -7.95
CA LEU A 70 -0.20 -2.29 -7.76
C LEU A 70 0.36 -0.90 -8.07
N PRO A 71 1.42 -0.51 -7.34
CA PRO A 71 2.07 0.79 -7.52
C PRO A 71 2.83 0.88 -8.85
N GLY A 72 3.28 -0.27 -9.35
CA GLY A 72 4.01 -0.30 -10.60
C GLY A 72 3.12 -0.04 -11.79
N LYS A 73 1.97 -0.71 -11.83
CA LYS A 73 1.02 -0.55 -12.94
C LYS A 73 0.40 0.85 -12.93
N CYS A 74 0.43 1.49 -11.76
CA CYS A 74 -0.13 2.82 -11.61
C CYS A 74 0.93 3.89 -11.90
N GLY A 75 2.09 3.44 -12.36
CA GLY A 75 3.17 4.36 -12.67
C GLY A 75 3.58 5.20 -11.48
N VAL A 76 4.26 4.58 -10.52
CA VAL A 76 4.71 5.27 -9.32
C VAL A 76 6.19 5.00 -9.06
N ASN A 77 6.85 5.93 -8.38
CA ASN A 77 8.26 5.80 -8.05
C ASN A 77 8.45 4.87 -6.86
N ILE A 78 8.75 3.61 -7.15
CA ILE A 78 8.97 2.61 -6.10
C ILE A 78 9.96 1.54 -6.56
N PRO A 79 11.26 1.84 -6.41
CA PRO A 79 12.33 0.91 -6.80
C PRO A 79 12.40 -0.31 -5.88
N TYR A 80 11.57 -0.31 -4.85
CA TYR A 80 11.54 -1.42 -3.89
C TYR A 80 10.88 -2.65 -4.52
N LYS A 81 11.35 -3.83 -4.10
CA LYS A 81 10.81 -5.08 -4.62
C LYS A 81 9.48 -5.41 -3.96
N ILE A 82 9.07 -4.58 -3.00
CA ILE A 82 7.81 -4.78 -2.31
C ILE A 82 7.78 -6.13 -1.59
N SER A 83 8.04 -6.10 -0.29
CA SER A 83 8.06 -7.32 0.51
C SER A 83 7.32 -7.11 1.83
N THR A 84 6.16 -7.75 1.97
CA THR A 84 5.37 -7.63 3.18
C THR A 84 6.15 -8.09 4.41
N THR A 85 7.21 -8.86 4.17
CA THR A 85 8.05 -9.37 5.25
C THR A 85 9.09 -8.35 5.67
N THR A 86 9.14 -7.24 4.94
CA THR A 86 10.10 -6.18 5.23
C THR A 86 9.64 -5.34 6.42
N ASN A 87 10.58 -4.90 7.24
CA ASN A 87 10.26 -4.08 8.41
C ASN A 87 10.15 -2.61 8.02
N CYS A 88 8.93 -2.09 8.03
CA CYS A 88 8.68 -0.69 7.69
C CYS A 88 9.19 0.24 8.79
N ASN A 89 9.61 -0.35 9.90
CA ASN A 89 10.13 0.43 11.02
C ASN A 89 11.57 0.86 10.78
N THR A 90 12.24 0.16 9.85
CA THR A 90 13.63 0.48 9.53
C THR A 90 13.71 1.42 8.34
N VAL A 91 12.57 1.98 7.95
CA VAL A 91 12.51 2.90 6.82
C VAL A 91 12.66 4.35 7.29
N LYS A 92 13.12 4.52 8.52
CA LYS A 92 13.32 5.85 9.09
C LYS A 92 14.51 6.55 8.45
N PHE A 93 14.24 7.63 7.73
CA PHE A 93 15.29 8.40 7.07
C PHE A 93 16.15 9.14 8.08
N ALA A 1 2.73 11.33 11.56
CA ALA A 1 1.50 11.37 12.34
C ALA A 1 0.27 11.29 11.45
N ILE A 2 0.36 10.46 10.41
CA ILE A 2 -0.75 10.28 9.48
C ILE A 2 -1.91 9.55 10.13
N SER A 3 -3.03 9.45 9.42
CA SER A 3 -4.21 8.77 9.93
C SER A 3 -4.32 7.36 9.36
N CYS A 4 -4.11 6.36 10.21
CA CYS A 4 -4.19 4.96 9.77
C CYS A 4 -5.49 4.69 9.02
N GLY A 5 -6.58 5.27 9.52
CA GLY A 5 -7.87 5.09 8.87
C GLY A 5 -7.86 5.50 7.42
N ALA A 6 -7.01 6.46 7.08
CA ALA A 6 -6.91 6.95 5.70
C ALA A 6 -5.95 6.09 4.90
N VAL A 7 -5.08 5.36 5.58
CA VAL A 7 -4.12 4.49 4.92
C VAL A 7 -4.80 3.30 4.26
N THR A 8 -5.63 2.61 5.02
CA THR A 8 -6.36 1.45 4.51
C THR A 8 -7.51 1.88 3.61
N SER A 9 -8.15 2.98 3.96
CA SER A 9 -9.28 3.50 3.18
C SER A 9 -8.83 3.87 1.77
N ASP A 10 -7.65 4.48 1.66
CA ASP A 10 -7.11 4.87 0.36
C ASP A 10 -6.99 3.67 -0.57
N LEU A 11 -6.91 2.48 0.02
CA LEU A 11 -6.78 1.26 -0.76
C LEU A 11 -8.12 0.54 -0.85
N SER A 12 -9.20 1.26 -0.59
CA SER A 12 -10.54 0.69 -0.65
C SER A 12 -10.81 0.07 -2.02
N PRO A 13 -10.73 0.89 -3.07
CA PRO A 13 -10.96 0.44 -4.44
C PRO A 13 -9.84 -0.47 -4.95
N CYS A 14 -8.72 -0.48 -4.23
CA CYS A 14 -7.58 -1.31 -4.60
C CYS A 14 -7.70 -2.70 -4.00
N LEU A 15 -8.41 -2.79 -2.88
CA LEU A 15 -8.59 -4.06 -2.19
C LEU A 15 -8.96 -5.16 -3.19
N THR A 16 -9.91 -4.87 -4.07
CA THR A 16 -10.35 -5.83 -5.06
C THR A 16 -9.17 -6.41 -5.84
N TYR A 17 -8.46 -5.54 -6.55
CA TYR A 17 -7.30 -5.97 -7.34
C TYR A 17 -6.24 -6.59 -6.44
N LEU A 18 -6.13 -6.09 -5.21
CA LEU A 18 -5.16 -6.60 -4.26
C LEU A 18 -5.55 -7.99 -3.76
N THR A 19 -6.84 -8.29 -3.85
CA THR A 19 -7.35 -9.59 -3.41
C THR A 19 -7.46 -10.56 -4.58
N GLY A 20 -6.62 -10.37 -5.60
CA GLY A 20 -6.64 -11.24 -6.75
C GLY A 20 -7.64 -10.77 -7.80
N GLY A 21 -8.35 -9.70 -7.50
CA GLY A 21 -9.34 -9.18 -8.43
C GLY A 21 -8.70 -8.48 -9.62
N PRO A 22 -9.53 -8.03 -10.56
CA PRO A 22 -9.07 -7.35 -11.78
C PRO A 22 -8.51 -5.97 -11.47
N GLY A 23 -7.56 -5.52 -12.30
CA GLY A 23 -6.95 -4.22 -12.11
C GLY A 23 -5.48 -4.20 -12.48
N PRO A 24 -4.75 -3.19 -11.96
CA PRO A 24 -5.32 -2.18 -11.08
C PRO A 24 -6.26 -1.24 -11.81
N SER A 25 -7.47 -1.07 -11.28
CA SER A 25 -8.46 -0.20 -11.88
C SER A 25 -8.01 1.25 -11.85
N PRO A 26 -8.67 2.10 -12.65
CA PRO A 26 -8.34 3.53 -12.74
C PRO A 26 -8.73 4.28 -11.46
N GLN A 27 -9.77 3.81 -10.79
CA GLN A 27 -10.24 4.44 -9.56
C GLN A 27 -9.32 4.09 -8.39
N CYS A 28 -8.70 2.92 -8.46
CA CYS A 28 -7.80 2.46 -7.41
C CYS A 28 -6.50 3.26 -7.43
N CYS A 29 -5.88 3.34 -8.60
CA CYS A 29 -4.63 4.07 -8.77
C CYS A 29 -4.73 5.47 -8.17
N GLY A 30 -5.91 6.07 -8.28
CA GLY A 30 -6.11 7.40 -7.75
C GLY A 30 -5.76 7.51 -6.29
N GLY A 31 -6.15 6.50 -5.51
CA GLY A 31 -5.86 6.50 -4.09
C GLY A 31 -4.41 6.18 -3.79
N VAL A 32 -3.86 5.19 -4.51
CA VAL A 32 -2.48 4.79 -4.32
C VAL A 32 -1.54 5.98 -4.38
N LYS A 33 -1.74 6.84 -5.37
CA LYS A 33 -0.91 8.03 -5.54
C LYS A 33 -1.09 8.99 -4.35
N LYS A 34 -2.33 9.15 -3.92
CA LYS A 34 -2.65 10.03 -2.80
C LYS A 34 -2.00 9.52 -1.52
N LEU A 35 -2.01 8.20 -1.33
CA LEU A 35 -1.43 7.59 -0.14
C LEU A 35 0.08 7.77 -0.13
N LEU A 36 0.73 7.39 -1.22
CA LEU A 36 2.18 7.52 -1.33
C LEU A 36 2.61 8.99 -1.31
N ALA A 37 1.78 9.84 -1.91
CA ALA A 37 2.08 11.27 -1.96
C ALA A 37 2.07 11.88 -0.57
N ALA A 38 1.35 11.24 0.35
CA ALA A 38 1.26 11.71 1.73
C ALA A 38 2.45 11.25 2.55
N ALA A 39 2.90 10.02 2.29
CA ALA A 39 4.04 9.46 3.01
C ALA A 39 5.35 10.05 2.51
N ASN A 40 5.57 11.33 2.82
CA ASN A 40 6.78 12.02 2.40
C ASN A 40 7.80 12.07 3.54
N THR A 41 7.35 11.70 4.74
CA THR A 41 8.22 11.70 5.90
C THR A 41 8.60 10.27 6.31
N THR A 42 9.61 10.16 7.16
CA THR A 42 10.06 8.85 7.63
C THR A 42 8.99 8.17 8.48
N PRO A 43 8.51 8.87 9.51
CA PRO A 43 7.49 8.37 10.42
C PRO A 43 6.13 8.25 9.74
N ASP A 44 6.01 8.79 8.53
CA ASP A 44 4.77 8.74 7.78
C ASP A 44 4.69 7.47 6.94
N ARG A 45 5.83 7.05 6.40
CA ARG A 45 5.88 5.85 5.57
C ARG A 45 5.83 4.59 6.44
N GLN A 46 6.56 4.60 7.54
CA GLN A 46 6.58 3.46 8.45
C GLN A 46 5.18 3.09 8.90
N ALA A 47 4.44 4.08 9.40
CA ALA A 47 3.08 3.86 9.87
C ALA A 47 2.16 3.47 8.71
N ALA A 48 2.24 4.23 7.63
CA ALA A 48 1.41 3.96 6.45
C ALA A 48 1.50 2.49 6.05
N CYS A 49 2.72 2.04 5.78
CA CYS A 49 2.94 0.65 5.38
C CYS A 49 2.47 -0.32 6.46
N ASN A 50 3.04 -0.17 7.66
CA ASN A 50 2.67 -1.03 8.79
C ASN A 50 1.16 -1.14 8.91
N CYS A 51 0.46 -0.03 8.71
CA CYS A 51 -0.98 0.00 8.81
C CYS A 51 -1.62 -0.96 7.81
N LEU A 52 -1.11 -0.95 6.58
CA LEU A 52 -1.61 -1.82 5.53
C LEU A 52 -1.14 -3.26 5.73
N LYS A 53 0.05 -3.40 6.33
CA LYS A 53 0.62 -4.72 6.58
C LYS A 53 -0.23 -5.51 7.56
N SER A 54 -0.73 -4.82 8.59
CA SER A 54 -1.56 -5.45 9.60
C SER A 54 -2.94 -5.80 9.05
N ALA A 55 -3.54 -4.84 8.35
CA ALA A 55 -4.85 -5.04 7.75
C ALA A 55 -4.82 -6.15 6.71
N ALA A 56 -3.63 -6.45 6.20
CA ALA A 56 -3.47 -7.50 5.20
C ALA A 56 -3.44 -8.88 5.85
N GLY A 57 -2.97 -8.94 7.08
CA GLY A 57 -2.90 -10.21 7.80
C GLY A 57 -4.27 -10.81 8.04
N SER A 58 -5.30 -9.96 8.05
CA SER A 58 -6.66 -10.42 8.28
C SER A 58 -7.35 -10.77 6.96
N ILE A 59 -6.59 -10.73 5.88
CA ILE A 59 -7.12 -11.05 4.55
C ILE A 59 -6.65 -12.42 4.09
N THR A 60 -7.60 -13.26 3.69
CA THR A 60 -7.28 -14.60 3.22
C THR A 60 -7.17 -14.63 1.69
N LYS A 61 -7.91 -13.75 1.03
CA LYS A 61 -7.89 -13.68 -0.42
C LYS A 61 -6.88 -12.64 -0.90
N LEU A 62 -5.95 -12.29 -0.03
CA LEU A 62 -4.92 -11.32 -0.38
C LEU A 62 -4.01 -11.84 -1.48
N ASN A 63 -3.44 -10.93 -2.25
CA ASN A 63 -2.54 -11.30 -3.34
C ASN A 63 -1.28 -10.44 -3.34
N THR A 64 -0.26 -10.90 -2.65
CA THR A 64 1.01 -10.17 -2.55
C THR A 64 1.51 -9.78 -3.94
N ASN A 65 1.17 -10.59 -4.93
CA ASN A 65 1.59 -10.33 -6.31
C ASN A 65 0.98 -9.03 -6.83
N ASN A 66 -0.30 -8.82 -6.53
CA ASN A 66 -1.00 -7.63 -6.97
C ASN A 66 -0.59 -6.42 -6.13
N ALA A 67 -0.07 -6.69 -4.93
CA ALA A 67 0.36 -5.63 -4.03
C ALA A 67 1.66 -4.99 -4.51
N ALA A 68 2.54 -5.82 -5.06
CA ALA A 68 3.83 -5.34 -5.56
C ALA A 68 3.66 -4.63 -6.90
N ALA A 69 2.77 -5.15 -7.73
CA ALA A 69 2.51 -4.55 -9.04
C ALA A 69 1.47 -3.44 -8.96
N LEU A 70 0.80 -3.35 -7.81
CA LEU A 70 -0.21 -2.33 -7.59
C LEU A 70 0.36 -0.94 -7.84
N PRO A 71 1.40 -0.58 -7.08
CA PRO A 71 2.06 0.73 -7.20
C PRO A 71 2.84 0.86 -8.50
N GLY A 72 3.28 -0.26 -9.05
CA GLY A 72 4.02 -0.25 -10.29
C GLY A 72 3.16 0.08 -11.48
N LYS A 73 2.07 -0.67 -11.65
CA LYS A 73 1.16 -0.46 -12.76
C LYS A 73 0.55 0.93 -12.72
N CYS A 74 0.60 1.55 -11.54
CA CYS A 74 0.05 2.89 -11.35
C CYS A 74 1.13 3.94 -11.57
N GLY A 75 2.22 3.55 -12.21
CA GLY A 75 3.31 4.47 -12.47
C GLY A 75 3.83 5.13 -11.21
N VAL A 76 4.50 4.35 -10.36
CA VAL A 76 5.05 4.85 -9.11
C VAL A 76 6.45 4.32 -8.87
N ASN A 77 7.29 5.13 -8.24
CA ASN A 77 8.66 4.74 -7.94
C ASN A 77 8.76 4.07 -6.58
N ILE A 78 9.25 2.83 -6.57
CA ILE A 78 9.39 2.07 -5.33
C ILE A 78 10.70 1.31 -5.30
N PRO A 79 11.77 1.97 -4.83
CA PRO A 79 13.11 1.36 -4.74
C PRO A 79 13.18 0.28 -3.67
N TYR A 80 12.11 0.16 -2.88
CA TYR A 80 12.06 -0.83 -1.81
C TYR A 80 11.42 -2.12 -2.30
N LYS A 81 12.09 -3.24 -2.01
CA LYS A 81 11.59 -4.55 -2.42
C LYS A 81 10.28 -4.88 -1.73
N ILE A 82 9.20 -4.94 -2.51
CA ILE A 82 7.88 -5.25 -1.96
C ILE A 82 7.87 -6.63 -1.30
N SER A 83 7.92 -6.65 0.03
CA SER A 83 7.92 -7.90 0.77
C SER A 83 7.07 -7.77 2.04
N THR A 84 5.98 -8.53 2.09
CA THR A 84 5.08 -8.50 3.24
C THR A 84 5.81 -8.91 4.51
N THR A 85 6.96 -9.56 4.35
CA THR A 85 7.75 -10.01 5.49
C THR A 85 8.73 -8.92 5.94
N THR A 86 8.89 -7.90 5.11
CA THR A 86 9.79 -6.80 5.42
C THR A 86 9.18 -5.87 6.48
N ASN A 87 10.03 -5.34 7.35
CA ASN A 87 9.58 -4.44 8.40
C ASN A 87 9.63 -2.99 7.93
N CYS A 88 8.48 -2.43 7.63
CA CYS A 88 8.39 -1.05 7.16
C CYS A 88 8.64 -0.08 8.32
N ASN A 89 8.76 -0.62 9.53
CA ASN A 89 9.00 0.19 10.71
C ASN A 89 10.47 0.55 10.83
N THR A 90 11.30 -0.12 10.05
CA THR A 90 12.74 0.12 10.07
C THR A 90 13.21 0.77 8.76
N VAL A 91 12.36 1.60 8.19
CA VAL A 91 12.68 2.29 6.94
C VAL A 91 12.78 3.79 7.15
N LYS A 92 13.76 4.41 6.50
CA LYS A 92 13.96 5.86 6.61
C LYS A 92 13.32 6.59 5.44
N PHE A 93 13.63 7.87 5.31
CA PHE A 93 13.09 8.68 4.23
C PHE A 93 14.21 9.27 3.38
N ALA A 1 2.38 12.54 12.20
CA ALA A 1 1.90 11.18 12.08
C ALA A 1 0.63 11.11 11.22
N ILE A 2 0.58 10.14 10.32
CA ILE A 2 -0.57 9.98 9.44
C ILE A 2 -1.69 9.22 10.14
N SER A 3 -2.86 9.19 9.51
CA SER A 3 -4.01 8.50 10.07
C SER A 3 -4.18 7.12 9.45
N CYS A 4 -4.01 6.08 10.26
CA CYS A 4 -4.14 4.71 9.78
C CYS A 4 -5.46 4.51 9.03
N GLY A 5 -6.50 5.19 9.50
CA GLY A 5 -7.81 5.08 8.87
C GLY A 5 -7.78 5.51 7.41
N ALA A 6 -6.90 6.45 7.09
CA ALA A 6 -6.77 6.96 5.73
C ALA A 6 -5.84 6.08 4.91
N VAL A 7 -5.00 5.31 5.59
CA VAL A 7 -4.05 4.42 4.92
C VAL A 7 -4.78 3.28 4.20
N THR A 8 -5.64 2.59 4.94
CA THR A 8 -6.39 1.47 4.39
C THR A 8 -7.52 1.97 3.49
N SER A 9 -8.15 3.07 3.90
CA SER A 9 -9.25 3.64 3.13
C SER A 9 -8.80 4.04 1.73
N ASP A 10 -7.60 4.60 1.63
CA ASP A 10 -7.05 5.02 0.36
C ASP A 10 -6.95 3.83 -0.60
N LEU A 11 -6.92 2.63 -0.04
CA LEU A 11 -6.82 1.42 -0.85
C LEU A 11 -8.16 0.71 -0.94
N SER A 12 -9.24 1.44 -0.62
CA SER A 12 -10.58 0.89 -0.67
C SER A 12 -10.88 0.29 -2.04
N PRO A 13 -10.83 1.13 -3.07
CA PRO A 13 -11.09 0.72 -4.45
C PRO A 13 -9.99 -0.19 -5.00
N CYS A 14 -8.86 -0.25 -4.30
CA CYS A 14 -7.74 -1.07 -4.72
C CYS A 14 -7.86 -2.48 -4.14
N LEU A 15 -8.50 -2.59 -2.99
CA LEU A 15 -8.70 -3.89 -2.34
C LEU A 15 -9.11 -4.95 -3.34
N THR A 16 -10.00 -4.56 -4.26
CA THR A 16 -10.49 -5.48 -5.29
C THR A 16 -9.33 -6.10 -6.06
N TYR A 17 -8.58 -5.26 -6.76
CA TYR A 17 -7.44 -5.74 -7.54
C TYR A 17 -6.38 -6.35 -6.65
N LEU A 18 -6.26 -5.83 -5.43
CA LEU A 18 -5.27 -6.33 -4.48
C LEU A 18 -5.68 -7.70 -3.96
N THR A 19 -6.97 -8.03 -4.09
CA THR A 19 -7.48 -9.31 -3.63
C THR A 19 -7.63 -10.29 -4.78
N GLY A 20 -6.84 -10.08 -5.83
CA GLY A 20 -6.90 -10.95 -6.99
C GLY A 20 -7.88 -10.46 -8.04
N GLY A 21 -8.66 -9.43 -7.68
CA GLY A 21 -9.63 -8.89 -8.61
C GLY A 21 -8.98 -8.17 -9.79
N PRO A 22 -9.81 -7.69 -10.71
CA PRO A 22 -9.35 -6.98 -11.91
C PRO A 22 -8.76 -5.62 -11.57
N GLY A 23 -7.80 -5.17 -12.38
CA GLY A 23 -7.17 -3.88 -12.16
C GLY A 23 -5.70 -3.88 -12.52
N PRO A 24 -4.96 -2.90 -11.99
CA PRO A 24 -5.52 -1.87 -11.10
C PRO A 24 -6.44 -0.91 -11.84
N SER A 25 -7.63 -0.70 -11.29
CA SER A 25 -8.60 0.20 -11.90
C SER A 25 -8.12 1.64 -11.86
N PRO A 26 -8.75 2.50 -12.67
CA PRO A 26 -8.40 3.92 -12.75
C PRO A 26 -8.77 4.68 -11.48
N GLN A 27 -9.83 4.24 -10.83
CA GLN A 27 -10.30 4.88 -9.60
C GLN A 27 -9.41 4.50 -8.42
N CYS A 28 -8.82 3.31 -8.48
CA CYS A 28 -7.95 2.83 -7.42
C CYS A 28 -6.63 3.58 -7.41
N CYS A 29 -5.99 3.66 -8.58
CA CYS A 29 -4.71 4.35 -8.71
C CYS A 29 -4.80 5.76 -8.13
N GLY A 30 -5.98 6.38 -8.26
CA GLY A 30 -6.17 7.72 -7.75
C GLY A 30 -5.81 7.84 -6.28
N GLY A 31 -6.23 6.86 -5.49
CA GLY A 31 -5.94 6.88 -4.07
C GLY A 31 -4.51 6.50 -3.76
N VAL A 32 -4.00 5.51 -4.47
CA VAL A 32 -2.62 5.05 -4.27
C VAL A 32 -1.65 6.22 -4.33
N LYS A 33 -1.82 7.09 -5.30
CA LYS A 33 -0.96 8.26 -5.47
C LYS A 33 -1.09 9.19 -4.27
N LYS A 34 -2.32 9.41 -3.82
CA LYS A 34 -2.58 10.29 -2.68
C LYS A 34 -1.95 9.72 -1.41
N LEU A 35 -2.00 8.41 -1.26
CA LEU A 35 -1.42 7.75 -0.09
C LEU A 35 0.09 7.89 -0.08
N LEU A 36 0.73 7.50 -1.18
CA LEU A 36 2.18 7.59 -1.29
C LEU A 36 2.64 9.04 -1.25
N ALA A 37 1.86 9.93 -1.86
CA ALA A 37 2.19 11.34 -1.89
C ALA A 37 2.18 11.94 -0.48
N ALA A 38 1.46 11.29 0.42
CA ALA A 38 1.36 11.76 1.79
C ALA A 38 2.53 11.25 2.64
N ALA A 39 2.96 10.03 2.35
CA ALA A 39 4.08 9.43 3.08
C ALA A 39 5.41 10.00 2.61
N ASN A 40 5.64 11.28 2.90
CA ASN A 40 6.87 11.94 2.50
C ASN A 40 7.88 11.95 3.65
N THR A 41 7.41 11.57 4.84
CA THR A 41 8.27 11.54 6.02
C THR A 41 8.63 10.10 6.40
N THR A 42 9.64 9.95 7.23
CA THR A 42 10.08 8.63 7.67
C THR A 42 9.01 7.96 8.52
N PRO A 43 8.55 8.67 9.57
CA PRO A 43 7.52 8.15 10.48
C PRO A 43 6.15 8.05 9.81
N ASP A 44 6.05 8.61 8.61
CA ASP A 44 4.80 8.58 7.86
C ASP A 44 4.69 7.31 7.02
N ARG A 45 5.82 6.88 6.47
CA ARG A 45 5.85 5.69 5.64
C ARG A 45 5.78 4.43 6.50
N GLN A 46 6.51 4.44 7.62
CA GLN A 46 6.54 3.30 8.52
C GLN A 46 5.12 2.91 8.95
N ALA A 47 4.36 3.90 9.42
CA ALA A 47 3.00 3.67 9.86
C ALA A 47 2.11 3.24 8.69
N ALA A 48 2.24 3.94 7.57
CA ALA A 48 1.44 3.63 6.39
C ALA A 48 1.53 2.15 6.04
N CYS A 49 2.76 1.66 5.89
CA CYS A 49 2.99 0.25 5.56
C CYS A 49 2.51 -0.66 6.68
N ASN A 50 3.04 -0.43 7.87
CA ASN A 50 2.67 -1.23 9.04
C ASN A 50 1.16 -1.32 9.18
N CYS A 51 0.47 -0.28 8.72
CA CYS A 51 -1.00 -0.24 8.80
C CYS A 51 -1.61 -1.25 7.83
N LEU A 52 -1.28 -1.11 6.54
CA LEU A 52 -1.81 -2.01 5.52
C LEU A 52 -1.35 -3.43 5.76
N LYS A 53 -0.06 -3.60 6.03
CA LYS A 53 0.51 -4.92 6.28
C LYS A 53 -0.32 -5.68 7.31
N SER A 54 -0.47 -5.11 8.49
CA SER A 54 -1.24 -5.74 9.56
C SER A 54 -2.66 -6.06 9.09
N ALA A 55 -3.27 -5.11 8.39
CA ALA A 55 -4.63 -5.29 7.88
C ALA A 55 -4.68 -6.43 6.86
N ALA A 56 -3.55 -6.68 6.20
CA ALA A 56 -3.48 -7.74 5.20
C ALA A 56 -3.44 -9.12 5.86
N GLY A 57 -2.81 -9.18 7.04
CA GLY A 57 -2.71 -10.43 7.75
C GLY A 57 -4.07 -11.05 8.07
N SER A 58 -5.09 -10.20 8.11
CA SER A 58 -6.44 -10.65 8.40
C SER A 58 -7.19 -11.01 7.13
N ILE A 59 -6.49 -10.91 6.00
CA ILE A 59 -7.09 -11.24 4.70
C ILE A 59 -6.57 -12.57 4.18
N THR A 60 -7.46 -13.35 3.58
CA THR A 60 -7.11 -14.65 3.03
C THR A 60 -7.01 -14.60 1.51
N LYS A 61 -7.79 -13.71 0.90
CA LYS A 61 -7.79 -13.57 -0.55
C LYS A 61 -6.81 -12.48 -0.98
N LEU A 62 -5.94 -12.09 -0.07
CA LEU A 62 -4.94 -11.06 -0.36
C LEU A 62 -3.94 -11.54 -1.42
N ASN A 63 -3.81 -10.77 -2.49
CA ASN A 63 -2.89 -11.12 -3.57
C ASN A 63 -1.64 -10.24 -3.53
N THR A 64 -0.62 -10.71 -2.80
CA THR A 64 0.63 -9.97 -2.67
C THR A 64 1.18 -9.58 -4.05
N ASN A 65 0.83 -10.37 -5.06
CA ASN A 65 1.29 -10.11 -6.42
C ASN A 65 0.72 -8.79 -6.94
N ASN A 66 -0.56 -8.56 -6.67
CA ASN A 66 -1.22 -7.34 -7.11
C ASN A 66 -0.81 -6.15 -6.25
N ALA A 67 -0.34 -6.45 -5.04
CA ALA A 67 0.09 -5.41 -4.10
C ALA A 67 1.42 -4.81 -4.53
N ALA A 68 2.31 -5.66 -5.05
CA ALA A 68 3.62 -5.21 -5.50
C ALA A 68 3.53 -4.46 -6.82
N ALA A 69 2.69 -4.96 -7.72
CA ALA A 69 2.50 -4.33 -9.02
C ALA A 69 1.46 -3.21 -8.96
N LEU A 70 0.78 -3.12 -7.83
CA LEU A 70 -0.24 -2.09 -7.64
C LEU A 70 0.33 -0.70 -7.89
N PRO A 71 1.36 -0.33 -7.11
CA PRO A 71 2.02 0.98 -7.24
C PRO A 71 2.82 1.10 -8.53
N GLY A 72 3.27 -0.04 -9.05
CA GLY A 72 4.04 -0.03 -10.28
C GLY A 72 3.19 0.24 -11.51
N LYS A 73 2.02 -0.38 -11.55
CA LYS A 73 1.10 -0.21 -12.68
C LYS A 73 0.51 1.19 -12.68
N CYS A 74 0.55 1.85 -11.53
CA CYS A 74 0.02 3.21 -11.40
C CYS A 74 1.05 4.24 -11.82
N GLY A 75 2.23 3.76 -12.21
CA GLY A 75 3.29 4.66 -12.63
C GLY A 75 4.08 5.22 -11.46
N VAL A 76 4.11 4.48 -10.36
CA VAL A 76 4.83 4.90 -9.17
C VAL A 76 6.15 4.16 -9.04
N ASN A 77 7.06 4.72 -8.24
CA ASN A 77 8.37 4.12 -8.03
C ASN A 77 8.73 4.12 -6.54
N ILE A 78 9.09 2.94 -6.03
CA ILE A 78 9.46 2.82 -4.62
C ILE A 78 10.79 2.08 -4.48
N PRO A 79 11.78 2.77 -3.91
CA PRO A 79 13.12 2.21 -3.69
C PRO A 79 13.13 1.11 -2.62
N TYR A 80 12.01 0.97 -1.92
CA TYR A 80 11.89 -0.03 -0.88
C TYR A 80 11.19 -1.28 -1.40
N LYS A 81 11.19 -2.34 -0.59
CA LYS A 81 10.56 -3.59 -0.97
C LYS A 81 9.07 -3.58 -0.62
N ILE A 82 8.32 -4.47 -1.24
CA ILE A 82 6.88 -4.57 -1.00
C ILE A 82 6.55 -5.76 -0.12
N SER A 83 7.40 -6.78 -0.16
CA SER A 83 7.20 -7.99 0.63
C SER A 83 6.79 -7.64 2.06
N THR A 84 5.71 -8.25 2.52
CA THR A 84 5.21 -8.01 3.87
C THR A 84 6.16 -8.57 4.92
N THR A 85 7.15 -9.35 4.47
CA THR A 85 8.12 -9.95 5.37
C THR A 85 9.11 -8.91 5.88
N THR A 86 9.31 -7.85 5.10
CA THR A 86 10.22 -6.78 5.48
C THR A 86 9.62 -5.89 6.56
N ASN A 87 10.47 -5.37 7.44
CA ASN A 87 10.03 -4.51 8.52
C ASN A 87 9.96 -3.06 8.06
N CYS A 88 8.74 -2.58 7.82
CA CYS A 88 8.53 -1.21 7.36
C CYS A 88 8.76 -0.22 8.50
N ASN A 89 9.02 -0.75 9.70
CA ASN A 89 9.26 0.08 10.87
C ASN A 89 10.68 0.65 10.85
N THR A 90 11.60 -0.09 10.22
CA THR A 90 12.98 0.34 10.13
C THR A 90 13.29 0.95 8.77
N VAL A 91 12.37 1.76 8.26
CA VAL A 91 12.53 2.41 6.97
C VAL A 91 12.61 3.92 7.12
N LYS A 92 13.38 4.57 6.24
CA LYS A 92 13.55 6.01 6.27
C LYS A 92 12.59 6.68 5.28
N PHE A 93 12.82 7.97 5.04
CA PHE A 93 11.98 8.73 4.12
C PHE A 93 12.60 8.77 2.73
N ALA A 1 2.77 12.22 12.34
CA ALA A 1 2.15 10.90 12.34
C ALA A 1 0.87 10.90 11.52
N ILE A 2 0.78 9.98 10.56
CA ILE A 2 -0.38 9.87 9.70
C ILE A 2 -1.51 9.11 10.39
N SER A 3 -2.67 9.06 9.75
CA SER A 3 -3.82 8.37 10.31
C SER A 3 -3.99 7.00 9.66
N CYS A 4 -3.83 5.94 10.45
CA CYS A 4 -3.96 4.58 9.96
C CYS A 4 -5.27 4.40 9.21
N GLY A 5 -6.30 5.14 9.63
CA GLY A 5 -7.59 5.05 8.99
C GLY A 5 -7.56 5.49 7.54
N ALA A 6 -6.69 6.44 7.24
CA ALA A 6 -6.56 6.96 5.87
C ALA A 6 -5.62 6.08 5.05
N VAL A 7 -4.87 5.22 5.73
CA VAL A 7 -3.92 4.34 5.06
C VAL A 7 -4.65 3.23 4.32
N THR A 8 -5.56 2.56 5.02
CA THR A 8 -6.33 1.46 4.43
C THR A 8 -7.41 2.00 3.50
N SER A 9 -8.12 3.02 3.94
CA SER A 9 -9.18 3.62 3.15
C SER A 9 -8.67 4.01 1.77
N ASP A 10 -7.47 4.59 1.73
CA ASP A 10 -6.87 5.01 0.46
C ASP A 10 -6.76 3.83 -0.50
N LEU A 11 -6.74 2.63 0.05
CA LEU A 11 -6.63 1.42 -0.77
C LEU A 11 -7.98 0.70 -0.86
N SER A 12 -9.04 1.43 -0.56
CA SER A 12 -10.39 0.86 -0.62
C SER A 12 -10.67 0.25 -1.98
N PRO A 13 -10.61 1.09 -3.03
CA PRO A 13 -10.86 0.64 -4.41
C PRO A 13 -9.75 -0.27 -4.93
N CYS A 14 -8.63 -0.29 -4.22
CA CYS A 14 -7.49 -1.12 -4.62
C CYS A 14 -7.61 -2.52 -4.03
N LEU A 15 -8.27 -2.62 -2.88
CA LEU A 15 -8.45 -3.91 -2.22
C LEU A 15 -8.87 -4.98 -3.21
N THR A 16 -9.75 -4.61 -4.14
CA THR A 16 -10.23 -5.55 -5.16
C THR A 16 -9.06 -6.16 -5.93
N TYR A 17 -8.33 -5.32 -6.66
CA TYR A 17 -7.19 -5.78 -7.44
C TYR A 17 -6.11 -6.40 -6.54
N LEU A 18 -6.01 -5.87 -5.32
CA LEU A 18 -5.03 -6.37 -4.36
C LEU A 18 -5.43 -7.74 -3.83
N THR A 19 -6.72 -8.06 -3.94
CA THR A 19 -7.23 -9.33 -3.46
C THR A 19 -7.37 -10.33 -4.61
N GLY A 20 -6.58 -10.12 -5.66
CA GLY A 20 -6.64 -11.01 -6.82
C GLY A 20 -7.61 -10.52 -7.87
N GLY A 21 -8.41 -9.52 -7.53
CA GLY A 21 -9.38 -8.99 -8.46
C GLY A 21 -8.73 -8.30 -9.64
N PRO A 22 -9.55 -7.83 -10.59
CA PRO A 22 -9.07 -7.14 -11.80
C PRO A 22 -8.50 -5.77 -11.48
N GLY A 23 -7.53 -5.33 -12.29
CA GLY A 23 -6.91 -4.03 -12.07
C GLY A 23 -5.46 -4.02 -12.47
N PRO A 24 -4.70 -3.02 -11.97
CA PRO A 24 -5.25 -1.99 -11.07
C PRO A 24 -6.21 -1.05 -11.80
N SER A 25 -7.40 -0.86 -11.24
CA SER A 25 -8.40 0.02 -11.83
C SER A 25 -7.94 1.47 -11.81
N PRO A 26 -8.59 2.31 -12.62
CA PRO A 26 -8.25 3.74 -12.71
C PRO A 26 -8.64 4.51 -11.45
N GLN A 27 -9.68 4.03 -10.78
CA GLN A 27 -10.16 4.68 -9.55
C GLN A 27 -9.25 4.33 -8.38
N CYS A 28 -8.62 3.16 -8.44
CA CYS A 28 -7.73 2.71 -7.38
C CYS A 28 -6.42 3.50 -7.41
N CYS A 29 -5.80 3.57 -8.57
CA CYS A 29 -4.54 4.29 -8.73
C CYS A 29 -4.64 5.70 -8.14
N GLY A 30 -5.81 6.31 -8.27
CA GLY A 30 -6.02 7.64 -7.74
C GLY A 30 -5.67 7.74 -6.26
N GLY A 31 -6.08 6.73 -5.49
CA GLY A 31 -5.80 6.73 -4.07
C GLY A 31 -4.36 6.39 -3.76
N VAL A 32 -3.81 5.42 -4.49
CA VAL A 32 -2.43 5.00 -4.28
C VAL A 32 -1.48 6.20 -4.29
N LYS A 33 -1.70 7.10 -5.25
CA LYS A 33 -0.87 8.29 -5.38
C LYS A 33 -1.03 9.20 -4.15
N LYS A 34 -2.27 9.36 -3.71
CA LYS A 34 -2.57 10.21 -2.55
C LYS A 34 -1.93 9.64 -1.30
N LEU A 35 -1.95 8.32 -1.16
CA LEU A 35 -1.35 7.65 0.00
C LEU A 35 0.15 7.84 0.02
N LEU A 36 0.81 7.51 -1.08
CA LEU A 36 2.26 7.64 -1.19
C LEU A 36 2.67 9.11 -1.12
N ALA A 37 1.85 9.98 -1.68
CA ALA A 37 2.12 11.41 -1.68
C ALA A 37 2.12 11.97 -0.27
N ALA A 38 1.42 11.29 0.63
CA ALA A 38 1.33 11.73 2.02
C ALA A 38 2.52 11.22 2.83
N ALA A 39 2.98 10.01 2.51
CA ALA A 39 4.10 9.41 3.20
C ALA A 39 5.42 9.99 2.70
N ASN A 40 5.68 11.26 3.04
CA ASN A 40 6.91 11.93 2.62
C ASN A 40 7.94 11.92 3.75
N THR A 41 7.50 11.56 4.95
CA THR A 41 8.38 11.51 6.10
C THR A 41 8.75 10.09 6.46
N THR A 42 9.76 9.93 7.32
CA THR A 42 10.20 8.61 7.73
C THR A 42 9.16 7.91 8.58
N PRO A 43 8.70 8.59 9.64
CA PRO A 43 7.68 8.05 10.55
C PRO A 43 6.31 7.96 9.90
N ASP A 44 6.18 8.53 8.71
CA ASP A 44 4.93 8.51 7.97
C ASP A 44 4.81 7.25 7.12
N ARG A 45 5.94 6.84 6.53
CA ARG A 45 5.97 5.65 5.69
C ARG A 45 5.92 4.38 6.54
N GLN A 46 6.67 4.38 7.63
CA GLN A 46 6.72 3.23 8.52
C GLN A 46 5.32 2.83 8.98
N ALA A 47 4.58 3.82 9.47
CA ALA A 47 3.22 3.56 9.94
C ALA A 47 2.31 3.12 8.80
N ALA A 48 2.42 3.79 7.66
CA ALA A 48 1.61 3.45 6.49
C ALA A 48 1.71 1.97 6.17
N CYS A 49 2.94 1.48 6.02
CA CYS A 49 3.17 0.07 5.71
C CYS A 49 2.70 -0.82 6.85
N ASN A 50 3.24 -0.59 8.04
CA ASN A 50 2.89 -1.37 9.22
C ASN A 50 1.38 -1.45 9.38
N CYS A 51 0.68 -0.42 8.91
CA CYS A 51 -0.78 -0.37 9.00
C CYS A 51 -1.41 -1.36 8.04
N LEU A 52 -1.06 -1.26 6.76
CA LEU A 52 -1.60 -2.14 5.74
C LEU A 52 -1.14 -3.58 5.97
N LYS A 53 0.16 -3.75 6.15
CA LYS A 53 0.73 -5.08 6.38
C LYS A 53 -0.06 -5.83 7.46
N SER A 54 -0.18 -5.23 8.64
CA SER A 54 -0.90 -5.84 9.73
C SER A 54 -2.32 -6.21 9.30
N ALA A 55 -3.00 -5.27 8.65
CA ALA A 55 -4.37 -5.49 8.19
C ALA A 55 -4.41 -6.60 7.13
N ALA A 56 -3.27 -6.82 6.46
CA ALA A 56 -3.19 -7.84 5.42
C ALA A 56 -3.12 -9.23 6.03
N GLY A 57 -2.50 -9.34 7.20
CA GLY A 57 -2.39 -10.62 7.87
C GLY A 57 -3.73 -11.25 8.16
N SER A 58 -4.77 -10.43 8.24
CA SER A 58 -6.11 -10.91 8.51
C SER A 58 -6.86 -11.21 7.22
N ILE A 59 -6.16 -11.07 6.09
CA ILE A 59 -6.75 -11.34 4.78
C ILE A 59 -6.24 -12.66 4.20
N THR A 60 -7.14 -13.44 3.64
CA THR A 60 -6.79 -14.72 3.05
C THR A 60 -6.70 -14.62 1.53
N LYS A 61 -7.48 -13.71 0.96
CA LYS A 61 -7.51 -13.51 -0.49
C LYS A 61 -6.49 -12.44 -0.90
N LEU A 62 -5.61 -12.09 0.01
CA LEU A 62 -4.59 -11.08 -0.25
C LEU A 62 -3.61 -11.56 -1.31
N ASN A 63 -3.48 -10.78 -2.39
CA ASN A 63 -2.58 -11.14 -3.48
C ASN A 63 -1.33 -10.26 -3.44
N THR A 64 -0.30 -10.73 -2.74
CA THR A 64 0.95 -9.99 -2.64
C THR A 64 1.48 -9.60 -4.01
N ASN A 65 1.13 -10.39 -5.02
CA ASN A 65 1.57 -10.12 -6.39
C ASN A 65 0.98 -8.81 -6.90
N ASN A 66 -0.30 -8.59 -6.61
CA ASN A 66 -0.98 -7.38 -7.05
C ASN A 66 -0.58 -6.19 -6.17
N ALA A 67 -0.06 -6.47 -4.99
CA ALA A 67 0.37 -5.44 -4.08
C ALA A 67 1.68 -4.80 -4.53
N ALA A 68 2.58 -5.62 -5.07
CA ALA A 68 3.87 -5.14 -5.55
C ALA A 68 3.72 -4.42 -6.87
N ALA A 69 2.84 -4.94 -7.73
CA ALA A 69 2.61 -4.34 -9.05
C ALA A 69 1.56 -3.23 -8.96
N LEU A 70 0.91 -3.13 -7.81
CA LEU A 70 -0.12 -2.11 -7.61
C LEU A 70 0.44 -0.72 -7.86
N PRO A 71 1.48 -0.34 -7.09
CA PRO A 71 2.12 0.96 -7.22
C PRO A 71 2.91 1.09 -8.52
N GLY A 72 3.37 -0.04 -9.05
CA GLY A 72 4.13 -0.03 -10.28
C GLY A 72 3.26 0.28 -11.49
N LYS A 73 2.14 -0.43 -11.62
CA LYS A 73 1.24 -0.23 -12.73
C LYS A 73 0.62 1.17 -12.69
N CYS A 74 0.66 1.80 -11.51
CA CYS A 74 0.11 3.13 -11.34
C CYS A 74 1.18 4.20 -11.55
N GLY A 75 2.27 3.81 -12.19
CA GLY A 75 3.36 4.74 -12.45
C GLY A 75 3.87 5.39 -11.17
N VAL A 76 4.53 4.61 -10.34
CA VAL A 76 5.07 5.11 -9.08
C VAL A 76 6.46 4.53 -8.81
N ASN A 77 7.31 5.33 -8.17
CA ASN A 77 8.66 4.91 -7.85
C ASN A 77 8.74 4.34 -6.44
N ILE A 78 9.12 3.07 -6.34
CA ILE A 78 9.23 2.41 -5.04
C ILE A 78 10.34 1.37 -5.06
N PRO A 79 11.58 1.83 -4.88
CA PRO A 79 12.76 0.95 -4.87
C PRO A 79 12.81 0.07 -3.62
N TYR A 80 11.88 0.30 -2.69
CA TYR A 80 11.83 -0.46 -1.46
C TYR A 80 11.27 -1.86 -1.72
N LYS A 81 11.45 -2.74 -0.74
CA LYS A 81 10.97 -4.11 -0.86
C LYS A 81 9.51 -4.22 -0.43
N ILE A 82 8.62 -4.40 -1.41
CA ILE A 82 7.19 -4.52 -1.12
C ILE A 82 6.90 -5.74 -0.26
N SER A 83 7.78 -6.74 -0.35
CA SER A 83 7.61 -7.97 0.41
C SER A 83 7.21 -7.66 1.85
N THR A 84 6.12 -8.27 2.30
CA THR A 84 5.63 -8.07 3.66
C THR A 84 6.64 -8.58 4.69
N THR A 85 7.61 -9.36 4.23
CA THR A 85 8.63 -9.92 5.10
C THR A 85 9.62 -8.85 5.54
N THR A 86 9.68 -7.76 4.78
CA THR A 86 10.59 -6.66 5.09
C THR A 86 10.07 -5.83 6.26
N ASN A 87 10.99 -5.28 7.04
CA ASN A 87 10.62 -4.46 8.20
C ASN A 87 10.42 -3.00 7.77
N CYS A 88 9.16 -2.59 7.71
CA CYS A 88 8.82 -1.22 7.33
C CYS A 88 9.09 -0.26 8.48
N ASN A 89 9.53 -0.79 9.61
CA ASN A 89 9.82 0.03 10.79
C ASN A 89 11.24 0.57 10.72
N THR A 90 12.09 -0.07 9.92
CA THR A 90 13.47 0.35 9.77
C THR A 90 13.69 1.06 8.44
N VAL A 91 12.66 1.76 7.97
CA VAL A 91 12.74 2.48 6.70
C VAL A 91 12.81 3.98 6.93
N LYS A 92 13.57 4.67 6.09
CA LYS A 92 13.73 6.12 6.19
C LYS A 92 12.78 6.84 5.24
N PHE A 93 13.00 8.13 5.07
CA PHE A 93 12.17 8.94 4.18
C PHE A 93 12.81 9.07 2.81
N ALA A 1 1.38 12.91 13.26
CA ALA A 1 1.26 11.61 12.62
C ALA A 1 0.05 11.57 11.68
N ILE A 2 0.12 10.69 10.68
CA ILE A 2 -0.96 10.56 9.72
C ILE A 2 -2.11 9.72 10.29
N SER A 3 -3.17 9.58 9.51
CA SER A 3 -4.33 8.81 9.93
C SER A 3 -4.32 7.42 9.30
N CYS A 4 -3.96 6.42 10.11
CA CYS A 4 -3.90 5.04 9.64
C CYS A 4 -5.20 4.65 8.92
N GLY A 5 -6.32 5.17 9.43
CA GLY A 5 -7.61 4.87 8.82
C GLY A 5 -7.68 5.29 7.37
N ALA A 6 -6.92 6.31 7.01
CA ALA A 6 -6.90 6.81 5.64
C ALA A 6 -5.90 6.03 4.78
N VAL A 7 -4.95 5.39 5.45
CA VAL A 7 -3.93 4.60 4.75
C VAL A 7 -4.55 3.41 4.05
N THR A 8 -5.30 2.61 4.80
CA THR A 8 -5.95 1.42 4.24
C THR A 8 -7.16 1.80 3.39
N SER A 9 -7.90 2.82 3.84
CA SER A 9 -9.08 3.28 3.11
C SER A 9 -8.73 3.68 1.69
N ASP A 10 -7.59 4.36 1.54
CA ASP A 10 -7.13 4.81 0.24
C ASP A 10 -6.99 3.63 -0.73
N LEU A 11 -6.73 2.45 -0.16
CA LEU A 11 -6.56 1.25 -0.96
C LEU A 11 -7.89 0.49 -1.08
N SER A 12 -8.98 1.19 -0.81
CA SER A 12 -10.31 0.58 -0.89
C SER A 12 -10.54 -0.04 -2.26
N PRO A 13 -10.48 0.81 -3.30
CA PRO A 13 -10.70 0.37 -4.69
C PRO A 13 -9.55 -0.49 -5.20
N CYS A 14 -8.48 -0.58 -4.43
CA CYS A 14 -7.31 -1.38 -4.80
C CYS A 14 -7.41 -2.78 -4.20
N LEU A 15 -8.06 -2.89 -3.05
CA LEU A 15 -8.22 -4.17 -2.37
C LEU A 15 -8.64 -5.25 -3.36
N THR A 16 -9.53 -4.90 -4.28
CA THR A 16 -10.00 -5.84 -5.29
C THR A 16 -8.84 -6.46 -6.06
N TYR A 17 -8.09 -5.63 -6.77
CA TYR A 17 -6.96 -6.09 -7.55
C TYR A 17 -5.88 -6.69 -6.64
N LEU A 18 -5.76 -6.14 -5.43
CA LEU A 18 -4.78 -6.61 -4.47
C LEU A 18 -5.18 -7.97 -3.91
N THR A 19 -6.46 -8.31 -4.04
CA THR A 19 -6.96 -9.59 -3.55
C THR A 19 -7.10 -10.60 -4.68
N GLY A 20 -6.33 -10.40 -5.74
CA GLY A 20 -6.38 -11.30 -6.87
C GLY A 20 -7.35 -10.83 -7.95
N GLY A 21 -8.15 -9.82 -7.62
CA GLY A 21 -9.11 -9.30 -8.57
C GLY A 21 -8.45 -8.61 -9.74
N PRO A 22 -9.27 -8.15 -10.70
CA PRO A 22 -8.76 -7.47 -11.90
C PRO A 22 -8.21 -6.08 -11.58
N GLY A 23 -7.23 -5.65 -12.38
CA GLY A 23 -6.63 -4.34 -12.17
C GLY A 23 -5.16 -4.32 -12.53
N PRO A 24 -4.44 -3.31 -12.03
CA PRO A 24 -5.02 -2.27 -11.17
C PRO A 24 -5.96 -1.35 -11.94
N SER A 25 -7.17 -1.18 -11.41
CA SER A 25 -8.17 -0.33 -12.05
C SER A 25 -7.73 1.13 -12.03
N PRO A 26 -8.38 1.95 -12.86
CA PRO A 26 -8.07 3.39 -12.95
C PRO A 26 -8.48 4.16 -11.71
N GLN A 27 -9.53 3.68 -11.04
CA GLN A 27 -10.02 4.32 -9.83
C GLN A 27 -9.12 4.00 -8.64
N CYS A 28 -8.48 2.84 -8.69
CA CYS A 28 -7.58 2.42 -7.61
C CYS A 28 -6.29 3.22 -7.63
N CYS A 29 -5.66 3.30 -8.80
CA CYS A 29 -4.41 4.04 -8.96
C CYS A 29 -4.54 5.44 -8.39
N GLY A 30 -5.74 6.03 -8.52
CA GLY A 30 -5.97 7.37 -8.00
C GLY A 30 -5.62 7.49 -6.53
N GLY A 31 -6.01 6.50 -5.75
CA GLY A 31 -5.73 6.52 -4.32
C GLY A 31 -4.27 6.21 -4.01
N VAL A 32 -3.72 5.23 -4.72
CA VAL A 32 -2.33 4.83 -4.51
C VAL A 32 -1.41 6.04 -4.56
N LYS A 33 -1.62 6.91 -5.54
CA LYS A 33 -0.80 8.11 -5.69
C LYS A 33 -0.99 9.04 -4.51
N LYS A 34 -2.23 9.22 -4.09
CA LYS A 34 -2.55 10.10 -2.96
C LYS A 34 -1.89 9.59 -1.68
N LEU A 35 -1.91 8.27 -1.49
CA LEU A 35 -1.32 7.66 -0.30
C LEU A 35 0.21 7.82 -0.31
N LEU A 36 0.82 7.42 -1.42
CA LEU A 36 2.28 7.52 -1.55
C LEU A 36 2.72 8.98 -1.56
N ALA A 37 1.83 9.87 -1.98
CA ALA A 37 2.13 11.29 -2.04
C ALA A 37 2.36 11.86 -0.63
N ALA A 38 1.71 11.26 0.36
CA ALA A 38 1.85 11.69 1.74
C ALA A 38 3.06 11.05 2.40
N ALA A 39 3.28 9.77 2.11
CA ALA A 39 4.41 9.04 2.68
C ALA A 39 5.65 9.17 1.80
N ASN A 40 6.32 10.32 1.91
CA ASN A 40 7.52 10.58 1.13
C ASN A 40 8.63 11.16 2.00
N THR A 41 8.38 11.21 3.31
CA THR A 41 9.35 11.75 4.26
C THR A 41 10.09 10.62 4.97
N THR A 42 9.43 10.01 5.94
CA THR A 42 10.02 8.92 6.71
C THR A 42 9.06 8.41 7.77
N PRO A 43 8.63 9.31 8.66
CA PRO A 43 7.69 8.97 9.75
C PRO A 43 6.29 8.65 9.22
N ASP A 44 6.01 9.06 8.00
CA ASP A 44 4.72 8.82 7.39
C ASP A 44 4.67 7.44 6.73
N ARG A 45 5.80 7.01 6.19
CA ARG A 45 5.90 5.71 5.53
C ARG A 45 5.88 4.59 6.56
N GLN A 46 6.61 4.78 7.66
CA GLN A 46 6.67 3.78 8.72
C GLN A 46 5.28 3.38 9.19
N ALA A 47 4.49 4.38 9.57
CA ALA A 47 3.13 4.14 10.04
C ALA A 47 2.26 3.55 8.94
N ALA A 48 2.10 4.31 7.85
CA ALA A 48 1.30 3.86 6.72
C ALA A 48 1.64 2.42 6.34
N CYS A 49 2.93 2.10 6.38
CA CYS A 49 3.39 0.77 6.03
C CYS A 49 2.90 -0.26 7.04
N ASN A 50 3.42 -0.19 8.26
CA ASN A 50 3.03 -1.12 9.31
C ASN A 50 1.52 -1.28 9.37
N CYS A 51 0.82 -0.15 9.57
CA CYS A 51 -0.64 -0.17 9.63
C CYS A 51 -1.24 -0.95 8.48
N LEU A 52 -0.60 -0.85 7.30
CA LEU A 52 -1.06 -1.55 6.11
C LEU A 52 -0.68 -3.02 6.17
N LYS A 53 0.49 -3.31 6.71
CA LYS A 53 0.97 -4.68 6.82
C LYS A 53 0.10 -5.49 7.78
N SER A 54 -0.41 -4.81 8.81
CA SER A 54 -1.26 -5.47 9.81
C SER A 54 -2.62 -5.81 9.21
N ALA A 55 -3.23 -4.84 8.54
CA ALA A 55 -4.53 -5.04 7.93
C ALA A 55 -4.46 -6.08 6.82
N ALA A 56 -3.28 -6.23 6.22
CA ALA A 56 -3.09 -7.20 5.15
C ALA A 56 -2.81 -8.59 5.71
N GLY A 57 -2.30 -8.65 6.93
CA GLY A 57 -2.01 -9.93 7.55
C GLY A 57 -3.26 -10.68 7.94
N SER A 58 -4.36 -9.95 8.12
CA SER A 58 -5.64 -10.57 8.50
C SER A 58 -6.42 -11.00 7.26
N ILE A 59 -5.78 -10.89 6.10
CA ILE A 59 -6.41 -11.27 4.84
C ILE A 59 -5.85 -12.60 4.32
N THR A 60 -6.75 -13.47 3.84
CA THR A 60 -6.35 -14.76 3.31
C THR A 60 -6.31 -14.74 1.79
N LYS A 61 -7.14 -13.91 1.18
CA LYS A 61 -7.19 -13.80 -0.27
C LYS A 61 -6.24 -12.71 -0.77
N LEU A 62 -5.35 -12.26 0.11
CA LEU A 62 -4.39 -11.23 -0.24
C LEU A 62 -3.40 -11.74 -1.29
N ASN A 63 -3.27 -10.99 -2.38
CA ASN A 63 -2.36 -11.37 -3.45
C ASN A 63 -1.11 -10.49 -3.45
N THR A 64 -0.08 -10.94 -2.73
CA THR A 64 1.17 -10.21 -2.64
C THR A 64 1.70 -9.84 -4.02
N ASN A 65 1.34 -10.65 -5.01
CA ASN A 65 1.78 -10.41 -6.38
C ASN A 65 1.21 -9.10 -6.92
N ASN A 66 -0.08 -8.87 -6.65
CA ASN A 66 -0.75 -7.66 -7.10
C ASN A 66 -0.35 -6.47 -6.25
N ALA A 67 0.14 -6.74 -5.05
CA ALA A 67 0.56 -5.68 -4.14
C ALA A 67 1.90 -5.08 -4.58
N ALA A 68 2.78 -5.94 -5.09
CA ALA A 68 4.09 -5.50 -5.55
C ALA A 68 3.99 -4.76 -6.89
N ALA A 69 3.14 -5.27 -7.77
CA ALA A 69 2.95 -4.67 -9.08
C ALA A 69 1.90 -3.56 -9.03
N LEU A 70 1.23 -3.44 -7.88
CA LEU A 70 0.21 -2.42 -7.71
C LEU A 70 0.76 -1.03 -8.01
N PRO A 71 1.80 -0.63 -7.26
CA PRO A 71 2.44 0.68 -7.42
C PRO A 71 3.22 0.78 -8.74
N GLY A 72 3.67 -0.37 -9.24
CA GLY A 72 4.42 -0.39 -10.48
C GLY A 72 3.55 -0.16 -11.70
N LYS A 73 2.37 -0.80 -11.70
CA LYS A 73 1.44 -0.67 -12.81
C LYS A 73 0.78 0.70 -12.81
N CYS A 74 0.80 1.36 -11.65
CA CYS A 74 0.20 2.68 -11.52
C CYS A 74 1.23 3.78 -11.78
N GLY A 75 2.35 3.39 -12.41
CA GLY A 75 3.40 4.36 -12.70
C GLY A 75 3.85 5.10 -11.47
N VAL A 76 4.52 4.40 -10.55
CA VAL A 76 5.01 5.01 -9.33
C VAL A 76 6.47 4.64 -9.08
N ASN A 77 7.22 5.56 -8.49
CA ASN A 77 8.63 5.32 -8.19
C ASN A 77 8.80 4.63 -6.83
N ILE A 78 9.21 3.37 -6.88
CA ILE A 78 9.41 2.58 -5.66
C ILE A 78 10.51 1.55 -5.84
N PRO A 79 11.77 2.00 -5.72
CA PRO A 79 12.94 1.14 -5.87
C PRO A 79 13.07 0.15 -4.71
N TYR A 80 12.22 0.30 -3.70
CA TYR A 80 12.25 -0.58 -2.53
C TYR A 80 11.67 -1.94 -2.87
N LYS A 81 12.39 -3.00 -2.50
CA LYS A 81 11.95 -4.36 -2.77
C LYS A 81 10.67 -4.68 -1.99
N ILE A 82 9.57 -4.84 -2.71
CA ILE A 82 8.29 -5.14 -2.08
C ILE A 82 8.34 -6.48 -1.36
N SER A 83 8.41 -6.43 -0.03
CA SER A 83 8.46 -7.64 0.79
C SER A 83 7.62 -7.48 2.05
N THR A 84 6.59 -8.31 2.17
CA THR A 84 5.72 -8.27 3.33
C THR A 84 6.47 -8.59 4.61
N THR A 85 7.66 -9.16 4.46
CA THR A 85 8.49 -9.51 5.61
C THR A 85 9.48 -8.40 5.94
N THR A 86 9.47 -7.35 5.12
CA THR A 86 10.37 -6.22 5.32
C THR A 86 9.89 -5.34 6.47
N ASN A 87 10.83 -4.82 7.25
CA ASN A 87 10.50 -3.96 8.38
C ASN A 87 10.39 -2.50 7.93
N CYS A 88 9.21 -1.92 8.10
CA CYS A 88 8.97 -0.53 7.73
C CYS A 88 9.60 0.42 8.75
N ASN A 89 10.13 -0.14 9.83
CA ASN A 89 10.76 0.66 10.87
C ASN A 89 12.18 1.04 10.47
N THR A 90 12.75 0.30 9.53
CA THR A 90 14.11 0.56 9.06
C THR A 90 14.09 1.43 7.81
N VAL A 91 12.96 2.07 7.54
CA VAL A 91 12.82 2.94 6.39
C VAL A 91 13.04 4.40 6.75
N LYS A 92 13.66 4.62 7.90
CA LYS A 92 13.93 5.97 8.38
C LYS A 92 15.04 6.62 7.56
N PHE A 93 14.67 7.53 6.66
CA PHE A 93 15.64 8.21 5.82
C PHE A 93 16.28 9.38 6.57
N ALA A 1 3.18 11.17 12.97
CA ALA A 1 2.51 9.99 12.41
C ALA A 1 1.21 10.38 11.72
N ILE A 2 0.87 9.67 10.65
CA ILE A 2 -0.36 9.94 9.90
C ILE A 2 -1.55 9.23 10.55
N SER A 3 -2.70 9.32 9.89
CA SER A 3 -3.92 8.69 10.40
C SER A 3 -4.10 7.30 9.80
N CYS A 4 -3.99 6.27 10.65
CA CYS A 4 -4.15 4.90 10.21
C CYS A 4 -5.46 4.70 9.45
N GLY A 5 -6.47 5.49 9.82
CA GLY A 5 -7.76 5.39 9.16
C GLY A 5 -7.71 5.84 7.71
N ALA A 6 -6.78 6.73 7.41
CA ALA A 6 -6.62 7.25 6.05
C ALA A 6 -5.75 6.33 5.21
N VAL A 7 -4.92 5.53 5.88
CA VAL A 7 -4.04 4.59 5.19
C VAL A 7 -4.83 3.50 4.48
N THR A 8 -5.70 2.83 5.23
CA THR A 8 -6.51 1.76 4.67
C THR A 8 -7.62 2.31 3.79
N SER A 9 -8.17 3.45 4.18
CA SER A 9 -9.24 4.09 3.41
C SER A 9 -8.77 4.42 2.00
N ASP A 10 -7.55 4.96 1.90
CA ASP A 10 -6.99 5.33 0.61
C ASP A 10 -6.89 4.11 -0.31
N LEU A 11 -6.86 2.93 0.29
CA LEU A 11 -6.76 1.69 -0.46
C LEU A 11 -8.10 0.96 -0.50
N SER A 12 -9.16 1.68 -0.17
CA SER A 12 -10.50 1.10 -0.15
C SER A 12 -10.84 0.48 -1.50
N PRO A 13 -10.81 1.31 -2.56
CA PRO A 13 -11.11 0.88 -3.93
C PRO A 13 -10.02 -0.05 -4.49
N CYS A 14 -8.87 -0.06 -3.82
CA CYS A 14 -7.75 -0.89 -4.26
C CYS A 14 -7.85 -2.29 -3.66
N LEU A 15 -8.46 -2.39 -2.48
CA LEU A 15 -8.62 -3.66 -1.80
C LEU A 15 -9.09 -4.75 -2.77
N THR A 16 -10.02 -4.38 -3.64
CA THR A 16 -10.57 -5.32 -4.62
C THR A 16 -9.45 -5.95 -5.45
N TYR A 17 -8.74 -5.12 -6.21
CA TYR A 17 -7.65 -5.60 -7.05
C TYR A 17 -6.55 -6.22 -6.20
N LEU A 18 -6.37 -5.69 -4.99
CA LEU A 18 -5.35 -6.19 -4.08
C LEU A 18 -5.75 -7.55 -3.52
N THR A 19 -7.04 -7.86 -3.57
CA THR A 19 -7.55 -9.14 -3.07
C THR A 19 -7.76 -10.12 -4.20
N GLY A 20 -7.01 -9.96 -5.28
CA GLY A 20 -7.14 -10.85 -6.42
C GLY A 20 -8.19 -10.38 -7.41
N GLY A 21 -8.88 -9.29 -7.06
CA GLY A 21 -9.91 -8.76 -7.93
C GLY A 21 -9.33 -8.08 -9.16
N PRO A 22 -10.22 -7.62 -10.05
CA PRO A 22 -9.82 -6.94 -11.29
C PRO A 22 -9.22 -5.56 -11.02
N GLY A 23 -8.31 -5.14 -11.90
CA GLY A 23 -7.68 -3.85 -11.74
C GLY A 23 -6.23 -3.85 -12.20
N PRO A 24 -5.45 -2.86 -11.72
CA PRO A 24 -5.96 -1.83 -10.81
C PRO A 24 -6.92 -0.87 -11.49
N SER A 25 -8.06 -0.62 -10.86
CA SER A 25 -9.07 0.27 -11.41
C SER A 25 -8.56 1.71 -11.41
N PRO A 26 -9.24 2.57 -12.20
CA PRO A 26 -8.88 3.99 -12.31
C PRO A 26 -9.18 4.77 -11.04
N GLN A 27 -10.20 4.32 -10.31
CA GLN A 27 -10.60 4.99 -9.07
C GLN A 27 -9.64 4.63 -7.94
N CYS A 28 -9.04 3.44 -8.02
CA CYS A 28 -8.10 2.98 -7.01
C CYS A 28 -6.78 3.74 -7.11
N CYS A 29 -6.22 3.79 -8.31
CA CYS A 29 -4.96 4.47 -8.55
C CYS A 29 -4.99 5.89 -7.96
N GLY A 30 -6.16 6.52 -8.02
CA GLY A 30 -6.30 7.86 -7.49
C GLY A 30 -5.86 7.97 -6.04
N GLY A 31 -6.25 6.98 -5.23
CA GLY A 31 -5.88 6.99 -3.83
C GLY A 31 -4.43 6.60 -3.61
N VAL A 32 -3.96 5.60 -4.35
CA VAL A 32 -2.58 5.13 -4.24
C VAL A 32 -1.60 6.30 -4.32
N LYS A 33 -1.84 7.20 -5.27
CA LYS A 33 -0.98 8.36 -5.45
C LYS A 33 -1.04 9.28 -4.24
N LYS A 34 -2.25 9.54 -3.76
CA LYS A 34 -2.44 10.40 -2.60
C LYS A 34 -1.74 9.84 -1.37
N LEU A 35 -1.82 8.52 -1.21
CA LEU A 35 -1.18 7.85 -0.07
C LEU A 35 0.34 7.94 -0.17
N LEU A 36 0.88 7.55 -1.33
CA LEU A 36 2.31 7.59 -1.55
C LEU A 36 2.84 9.03 -1.51
N ALA A 37 1.98 9.97 -1.87
CA ALA A 37 2.35 11.38 -1.88
C ALA A 37 2.65 11.87 -0.47
N ALA A 38 2.03 11.24 0.51
CA ALA A 38 2.23 11.61 1.92
C ALA A 38 3.46 10.92 2.50
N ALA A 39 3.63 9.64 2.16
CA ALA A 39 4.75 8.86 2.65
C ALA A 39 5.99 9.08 1.78
N ASN A 40 6.66 10.22 1.98
CA ASN A 40 7.85 10.55 1.20
C ASN A 40 8.93 11.14 2.11
N THR A 41 8.70 11.09 3.41
CA THR A 41 9.65 11.62 4.38
C THR A 41 10.37 10.51 5.12
N THR A 42 9.67 9.88 6.07
CA THR A 42 10.25 8.80 6.85
C THR A 42 9.25 8.28 7.88
N PRO A 43 8.76 9.18 8.75
CA PRO A 43 7.79 8.84 9.79
C PRO A 43 6.42 8.51 9.22
N ASP A 44 6.16 8.96 8.00
CA ASP A 44 4.89 8.70 7.34
C ASP A 44 4.88 7.31 6.69
N ARG A 45 6.03 6.89 6.19
CA ARG A 45 6.15 5.59 5.55
C ARG A 45 6.07 4.46 6.57
N GLN A 46 6.78 4.64 7.68
CA GLN A 46 6.78 3.63 8.74
C GLN A 46 5.36 3.33 9.21
N ALA A 47 4.65 4.36 9.65
CA ALA A 47 3.29 4.21 10.11
C ALA A 47 2.38 3.71 9.01
N ALA A 48 2.36 4.42 7.89
CA ALA A 48 1.52 4.03 6.76
C ALA A 48 1.70 2.55 6.42
N CYS A 49 2.95 2.11 6.36
CA CYS A 49 3.26 0.72 6.05
C CYS A 49 2.74 -0.21 7.14
N ASN A 50 3.29 -0.07 8.34
CA ASN A 50 2.89 -0.90 9.47
C ASN A 50 1.37 -0.98 9.57
N CYS A 51 0.70 0.16 9.37
CA CYS A 51 -0.75 0.21 9.44
C CYS A 51 -1.38 -0.83 8.51
N LEU A 52 -0.95 -0.83 7.26
CA LEU A 52 -1.46 -1.78 6.27
C LEU A 52 -0.88 -3.17 6.50
N LYS A 53 0.25 -3.23 7.20
CA LYS A 53 0.91 -4.50 7.49
C LYS A 53 0.08 -5.32 8.47
N SER A 54 -0.45 -4.65 9.50
CA SER A 54 -1.26 -5.32 10.52
C SER A 54 -2.64 -5.67 9.96
N ALA A 55 -3.23 -4.74 9.23
CA ALA A 55 -4.55 -4.94 8.65
C ALA A 55 -4.49 -5.95 7.51
N ALA A 56 -3.29 -6.29 7.09
CA ALA A 56 -3.10 -7.25 6.00
C ALA A 56 -3.07 -8.68 6.54
N GLY A 57 -2.65 -8.82 7.79
CA GLY A 57 -2.58 -10.14 8.41
C GLY A 57 -3.94 -10.78 8.61
N SER A 58 -4.97 -9.93 8.69
CA SER A 58 -6.33 -10.41 8.88
C SER A 58 -7.00 -10.69 7.54
N ILE A 59 -6.25 -10.55 6.46
CA ILE A 59 -6.78 -10.78 5.12
C ILE A 59 -6.27 -12.10 4.56
N THR A 60 -7.21 -12.97 4.18
CA THR A 60 -6.86 -14.28 3.64
C THR A 60 -6.83 -14.23 2.11
N LYS A 61 -7.62 -13.33 1.53
CA LYS A 61 -7.68 -13.18 0.09
C LYS A 61 -6.67 -12.15 -0.40
N LEU A 62 -5.73 -11.79 0.47
CA LEU A 62 -4.71 -10.80 0.12
C LEU A 62 -3.80 -11.32 -0.99
N ASN A 63 -3.73 -10.58 -2.09
CA ASN A 63 -2.90 -10.97 -3.22
C ASN A 63 -1.64 -10.11 -3.29
N THR A 64 -0.57 -10.59 -2.67
CA THR A 64 0.70 -9.86 -2.65
C THR A 64 1.14 -9.52 -4.07
N ASN A 65 0.71 -10.32 -5.03
CA ASN A 65 1.06 -10.10 -6.43
C ASN A 65 0.48 -8.79 -6.94
N ASN A 66 -0.77 -8.52 -6.57
CA ASN A 66 -1.45 -7.30 -6.99
C ASN A 66 -0.95 -6.10 -6.20
N ALA A 67 -0.41 -6.37 -5.01
CA ALA A 67 0.10 -5.30 -4.16
C ALA A 67 1.41 -4.75 -4.70
N ALA A 68 2.23 -5.62 -5.30
CA ALA A 68 3.51 -5.21 -5.86
C ALA A 68 3.31 -4.48 -7.19
N ALA A 69 2.39 -4.98 -8.01
CA ALA A 69 2.10 -4.37 -9.30
C ALA A 69 1.08 -3.25 -9.16
N LEU A 70 0.51 -3.12 -7.97
CA LEU A 70 -0.49 -2.09 -7.72
C LEU A 70 0.05 -0.71 -8.06
N PRO A 71 1.16 -0.34 -7.40
CA PRO A 71 1.81 0.97 -7.61
C PRO A 71 2.47 1.06 -8.99
N GLY A 72 2.88 -0.09 -9.52
CA GLY A 72 3.52 -0.11 -10.82
C GLY A 72 2.56 0.21 -11.94
N LYS A 73 1.38 -0.39 -11.91
CA LYS A 73 0.37 -0.17 -12.94
C LYS A 73 -0.21 1.24 -12.83
N CYS A 74 -0.04 1.86 -11.66
CA CYS A 74 -0.55 3.20 -11.43
C CYS A 74 0.53 4.25 -11.71
N GLY A 75 1.52 3.86 -12.51
CA GLY A 75 2.59 4.78 -12.85
C GLY A 75 3.30 5.33 -11.62
N VAL A 76 3.99 4.45 -10.90
CA VAL A 76 4.71 4.86 -9.69
C VAL A 76 6.03 4.11 -9.57
N ASN A 77 6.98 4.70 -8.84
CA ASN A 77 8.27 4.09 -8.64
C ASN A 77 8.71 4.17 -7.18
N ILE A 78 9.16 3.05 -6.63
CA ILE A 78 9.60 3.00 -5.25
C ILE A 78 10.92 2.24 -5.11
N PRO A 79 11.88 2.84 -4.39
CA PRO A 79 13.20 2.24 -4.17
C PRO A 79 13.13 1.02 -3.25
N TYR A 80 12.26 1.10 -2.25
CA TYR A 80 12.10 0.00 -1.29
C TYR A 80 11.34 -1.16 -1.92
N LYS A 81 11.44 -2.33 -1.30
CA LYS A 81 10.77 -3.52 -1.80
C LYS A 81 9.33 -3.59 -1.29
N ILE A 82 8.48 -4.31 -2.01
CA ILE A 82 7.09 -4.45 -1.64
C ILE A 82 6.89 -5.60 -0.65
N SER A 83 7.93 -6.43 -0.52
CA SER A 83 7.87 -7.58 0.38
C SER A 83 7.26 -7.19 1.72
N THR A 84 6.01 -7.62 1.94
CA THR A 84 5.31 -7.31 3.18
C THR A 84 6.05 -7.86 4.39
N THR A 85 6.97 -8.79 4.14
CA THR A 85 7.76 -9.39 5.21
C THR A 85 8.85 -8.45 5.68
N THR A 86 8.98 -7.31 5.01
CA THR A 86 9.99 -6.32 5.36
C THR A 86 9.58 -5.53 6.59
N ASN A 87 10.57 -5.05 7.35
CA ASN A 87 10.30 -4.27 8.55
C ASN A 87 10.21 -2.78 8.23
N CYS A 88 8.99 -2.28 8.18
CA CYS A 88 8.75 -0.86 7.89
C CYS A 88 9.09 0.01 9.09
N ASN A 89 9.43 -0.63 10.20
CA ASN A 89 9.78 0.09 11.42
C ASN A 89 11.24 0.52 11.40
N THR A 90 12.04 -0.14 10.57
CA THR A 90 13.46 0.17 10.45
C THR A 90 13.77 0.81 9.12
N VAL A 91 12.89 1.69 8.66
CA VAL A 91 13.07 2.38 7.39
C VAL A 91 13.43 3.85 7.60
N LYS A 92 14.18 4.41 6.66
CA LYS A 92 14.59 5.80 6.74
C LYS A 92 14.65 6.43 5.36
N PHE A 93 14.63 7.77 5.32
CA PHE A 93 14.67 8.49 4.06
C PHE A 93 15.98 8.20 3.32
N ALA A 1 2.19 12.39 12.66
CA ALA A 1 1.87 10.97 12.47
C ALA A 1 0.52 10.80 11.78
N ILE A 2 0.47 9.91 10.80
CA ILE A 2 -0.75 9.64 10.06
C ILE A 2 -1.64 8.65 10.81
N SER A 3 -2.78 8.33 10.22
CA SER A 3 -3.72 7.39 10.83
C SER A 3 -4.06 6.26 9.86
N CYS A 4 -3.97 5.03 10.36
CA CYS A 4 -4.27 3.85 9.55
C CYS A 4 -5.63 3.99 8.86
N GLY A 5 -6.53 4.72 9.50
CA GLY A 5 -7.85 4.93 8.94
C GLY A 5 -7.80 5.42 7.50
N ALA A 6 -6.92 6.37 7.24
CA ALA A 6 -6.78 6.93 5.89
C ALA A 6 -5.83 6.08 5.05
N VAL A 7 -5.04 5.24 5.72
CA VAL A 7 -4.08 4.38 5.04
C VAL A 7 -4.78 3.24 4.32
N THR A 8 -5.70 2.57 5.04
CA THR A 8 -6.45 1.46 4.47
C THR A 8 -7.53 1.95 3.52
N SER A 9 -8.27 2.97 3.94
CA SER A 9 -9.33 3.53 3.12
C SER A 9 -8.82 3.90 1.73
N ASP A 10 -7.64 4.51 1.69
CA ASP A 10 -7.03 4.92 0.42
C ASP A 10 -6.88 3.72 -0.51
N LEU A 11 -6.83 2.53 0.06
CA LEU A 11 -6.67 1.30 -0.71
C LEU A 11 -7.98 0.54 -0.78
N SER A 12 -9.08 1.21 -0.46
CA SER A 12 -10.40 0.59 -0.49
C SER A 12 -10.69 -0.01 -1.85
N PRO A 13 -10.68 0.84 -2.89
CA PRO A 13 -10.94 0.41 -4.27
C PRO A 13 -9.80 -0.45 -4.84
N CYS A 14 -8.68 -0.47 -4.13
CA CYS A 14 -7.53 -1.25 -4.56
C CYS A 14 -7.57 -2.65 -3.97
N LEU A 15 -8.19 -2.79 -2.80
CA LEU A 15 -8.31 -4.07 -2.13
C LEU A 15 -8.73 -5.17 -3.11
N THR A 16 -9.69 -4.84 -3.96
CA THR A 16 -10.19 -5.80 -4.95
C THR A 16 -9.05 -6.37 -5.79
N TYR A 17 -8.37 -5.49 -6.51
CA TYR A 17 -7.25 -5.92 -7.35
C TYR A 17 -6.13 -6.52 -6.52
N LEU A 18 -5.95 -5.99 -5.31
CA LEU A 18 -4.91 -6.47 -4.41
C LEU A 18 -5.24 -7.88 -3.90
N THR A 19 -6.53 -8.21 -3.91
CA THR A 19 -6.97 -9.52 -3.46
C THR A 19 -7.12 -10.49 -4.61
N GLY A 20 -6.37 -10.24 -5.70
CA GLY A 20 -6.44 -11.10 -6.85
C GLY A 20 -7.50 -10.66 -7.85
N GLY A 21 -8.22 -9.59 -7.51
CA GLY A 21 -9.26 -9.09 -8.37
C GLY A 21 -8.70 -8.37 -9.59
N PRO A 22 -9.59 -7.91 -10.47
CA PRO A 22 -9.20 -7.19 -11.69
C PRO A 22 -8.66 -5.80 -11.39
N GLY A 23 -7.75 -5.33 -12.23
CA GLY A 23 -7.15 -4.01 -12.04
C GLY A 23 -5.70 -3.97 -12.45
N PRO A 24 -4.97 -2.97 -11.94
CA PRO A 24 -5.53 -1.96 -11.02
C PRO A 24 -6.50 -1.02 -11.72
N SER A 25 -7.70 -0.89 -11.15
CA SER A 25 -8.71 -0.01 -11.71
C SER A 25 -8.26 1.44 -11.70
N PRO A 26 -8.96 2.29 -12.49
CA PRO A 26 -8.64 3.71 -12.59
C PRO A 26 -8.98 4.47 -11.31
N GLN A 27 -10.00 4.00 -10.60
CA GLN A 27 -10.43 4.63 -9.36
C GLN A 27 -9.49 4.28 -8.21
N CYS A 28 -8.88 3.09 -8.30
CA CYS A 28 -7.96 2.63 -7.27
C CYS A 28 -6.66 3.41 -7.31
N CYS A 29 -6.06 3.50 -8.50
CA CYS A 29 -4.81 4.22 -8.67
C CYS A 29 -4.90 5.62 -8.08
N GLY A 30 -6.08 6.23 -8.19
CA GLY A 30 -6.28 7.57 -7.65
C GLY A 30 -5.91 7.66 -6.18
N GLY A 31 -6.29 6.65 -5.41
CA GLY A 31 -5.98 6.65 -3.99
C GLY A 31 -4.53 6.32 -3.71
N VAL A 32 -3.99 5.36 -4.45
CA VAL A 32 -2.59 4.96 -4.27
C VAL A 32 -1.66 6.17 -4.31
N LYS A 33 -1.87 7.05 -5.28
CA LYS A 33 -1.06 8.24 -5.42
C LYS A 33 -1.22 9.16 -4.21
N LYS A 34 -2.46 9.31 -3.75
CA LYS A 34 -2.74 10.15 -2.59
C LYS A 34 -2.06 9.61 -1.34
N LEU A 35 -2.07 8.28 -1.19
CA LEU A 35 -1.45 7.64 -0.03
C LEU A 35 0.06 7.83 -0.06
N LEU A 36 0.68 7.49 -1.18
CA LEU A 36 2.13 7.61 -1.33
C LEU A 36 2.55 9.08 -1.28
N ALA A 37 1.70 9.96 -1.81
CA ALA A 37 1.98 11.38 -1.82
C ALA A 37 2.04 11.95 -0.40
N ALA A 38 1.36 11.29 0.52
CA ALA A 38 1.34 11.72 1.92
C ALA A 38 2.57 11.22 2.66
N ALA A 39 2.97 9.99 2.37
CA ALA A 39 4.14 9.38 3.02
C ALA A 39 5.43 9.96 2.45
N ASN A 40 5.71 11.22 2.78
CA ASN A 40 6.91 11.89 2.30
C ASN A 40 7.97 11.93 3.39
N THR A 41 7.57 11.63 4.62
CA THR A 41 8.49 11.64 5.76
C THR A 41 8.85 10.22 6.18
N THR A 42 9.80 10.10 7.11
CA THR A 42 10.22 8.80 7.59
C THR A 42 9.14 8.15 8.44
N PRO A 43 8.67 8.86 9.46
CA PRO A 43 7.62 8.38 10.36
C PRO A 43 6.26 8.28 9.68
N ASP A 44 6.17 8.86 8.48
CA ASP A 44 4.92 8.84 7.72
C ASP A 44 4.83 7.59 6.86
N ARG A 45 5.97 7.14 6.34
CA ARG A 45 6.02 5.95 5.50
C ARG A 45 5.91 4.68 6.34
N GLN A 46 6.63 4.65 7.45
CA GLN A 46 6.61 3.50 8.35
C GLN A 46 5.18 3.20 8.82
N ALA A 47 4.51 4.22 9.34
CA ALA A 47 3.15 4.07 9.82
C ALA A 47 2.23 3.56 8.73
N ALA A 48 2.10 4.32 7.66
CA ALA A 48 1.25 3.95 6.53
C ALA A 48 1.49 2.50 6.14
N CYS A 49 2.76 2.13 6.01
CA CYS A 49 3.13 0.76 5.63
C CYS A 49 2.68 -0.24 6.69
N ASN A 50 3.22 -0.11 7.89
CA ASN A 50 2.88 -1.00 9.00
C ASN A 50 1.37 -1.15 9.12
N CYS A 51 0.65 -0.05 8.95
CA CYS A 51 -0.80 -0.06 9.03
C CYS A 51 -1.40 -1.09 8.09
N LEU A 52 -0.97 -1.04 6.83
CA LEU A 52 -1.46 -1.98 5.83
C LEU A 52 -0.90 -3.39 6.06
N LYS A 53 0.31 -3.45 6.60
CA LYS A 53 0.96 -4.72 6.88
C LYS A 53 0.12 -5.55 7.85
N SER A 54 -0.44 -4.89 8.86
CA SER A 54 -1.26 -5.57 9.85
C SER A 54 -2.61 -5.96 9.27
N ALA A 55 -3.24 -5.03 8.55
CA ALA A 55 -4.53 -5.28 7.94
C ALA A 55 -4.42 -6.33 6.83
N ALA A 56 -3.20 -6.61 6.41
CA ALA A 56 -2.95 -7.58 5.36
C ALA A 56 -2.82 -8.99 5.94
N GLY A 57 -2.40 -9.07 7.20
CA GLY A 57 -2.24 -10.35 7.85
C GLY A 57 -3.56 -11.07 8.07
N SER A 58 -4.63 -10.29 8.14
CA SER A 58 -5.96 -10.86 8.35
C SER A 58 -6.63 -11.22 7.03
N ILE A 59 -5.89 -11.04 5.94
CA ILE A 59 -6.40 -11.35 4.62
C ILE A 59 -5.79 -12.64 4.07
N THR A 60 -6.64 -13.56 3.63
CA THR A 60 -6.19 -14.83 3.10
C THR A 60 -6.13 -14.80 1.57
N LYS A 61 -7.00 -13.98 0.98
CA LYS A 61 -7.04 -13.84 -0.48
C LYS A 61 -6.13 -12.72 -0.96
N LEU A 62 -5.25 -12.27 -0.07
CA LEU A 62 -4.32 -11.19 -0.40
C LEU A 62 -3.32 -11.65 -1.46
N ASN A 63 -3.20 -10.88 -2.53
CA ASN A 63 -2.28 -11.20 -3.62
C ASN A 63 -1.06 -10.29 -3.58
N THR A 64 -0.03 -10.74 -2.86
CA THR A 64 1.21 -9.96 -2.74
C THR A 64 1.72 -9.55 -4.11
N ASN A 65 1.42 -10.34 -5.13
CA ASN A 65 1.85 -10.05 -6.49
C ASN A 65 1.22 -8.77 -7.00
N ASN A 66 -0.07 -8.59 -6.69
CA ASN A 66 -0.80 -7.41 -7.11
C ASN A 66 -0.43 -6.20 -6.27
N ALA A 67 0.11 -6.45 -5.08
CA ALA A 67 0.51 -5.39 -4.18
C ALA A 67 1.81 -4.73 -4.65
N ALA A 68 2.71 -5.54 -5.20
CA ALA A 68 3.98 -5.04 -5.68
C ALA A 68 3.81 -4.31 -7.01
N ALA A 69 2.96 -4.86 -7.88
CA ALA A 69 2.71 -4.26 -9.18
C ALA A 69 1.62 -3.19 -9.10
N LEU A 70 0.98 -3.09 -7.93
CA LEU A 70 -0.08 -2.12 -7.72
C LEU A 70 0.40 -0.71 -8.03
N PRO A 71 1.45 -0.27 -7.32
CA PRO A 71 2.03 1.06 -7.51
C PRO A 71 2.76 1.20 -8.85
N GLY A 72 3.25 0.08 -9.37
CA GLY A 72 3.95 0.09 -10.64
C GLY A 72 3.03 0.36 -11.80
N LYS A 73 1.85 -0.25 -11.78
CA LYS A 73 0.88 -0.07 -12.86
C LYS A 73 0.25 1.32 -12.80
N CYS A 74 0.39 1.98 -11.64
CA CYS A 74 -0.16 3.31 -11.46
C CYS A 74 0.88 4.39 -11.78
N GLY A 75 1.92 3.98 -12.50
CA GLY A 75 2.97 4.92 -12.87
C GLY A 75 3.83 5.33 -11.69
N VAL A 76 3.62 4.67 -10.55
CA VAL A 76 4.37 4.98 -9.34
C VAL A 76 5.53 4.00 -9.16
N ASN A 77 6.55 4.44 -8.42
CA ASN A 77 7.72 3.60 -8.17
C ASN A 77 8.11 3.64 -6.69
N ILE A 78 8.90 2.65 -6.27
CA ILE A 78 9.33 2.57 -4.88
C ILE A 78 10.74 2.00 -4.79
N PRO A 79 11.60 2.65 -3.99
CA PRO A 79 12.99 2.22 -3.79
C PRO A 79 13.09 0.93 -3.00
N TYR A 80 12.26 0.81 -1.96
CA TYR A 80 12.26 -0.38 -1.12
C TYR A 80 11.58 -1.54 -1.83
N LYS A 81 12.21 -2.71 -1.77
CA LYS A 81 11.66 -3.91 -2.41
C LYS A 81 10.35 -4.32 -1.75
N ILE A 82 9.28 -4.37 -2.54
CA ILE A 82 7.96 -4.75 -2.05
C ILE A 82 8.00 -6.13 -1.38
N SER A 83 7.62 -6.17 -0.11
CA SER A 83 7.63 -7.42 0.64
C SER A 83 6.76 -7.31 1.89
N THR A 84 5.70 -8.10 1.95
CA THR A 84 4.79 -8.09 3.09
C THR A 84 5.47 -8.64 4.34
N THR A 85 6.63 -9.24 4.16
CA THR A 85 7.38 -9.81 5.27
C THR A 85 8.43 -8.83 5.78
N THR A 86 8.71 -7.80 4.98
CA THR A 86 9.70 -6.79 5.35
C THR A 86 9.15 -5.85 6.42
N ASN A 87 10.02 -5.44 7.34
CA ASN A 87 9.62 -4.54 8.41
C ASN A 87 9.78 -3.08 7.98
N CYS A 88 8.67 -2.48 7.55
CA CYS A 88 8.67 -1.09 7.11
C CYS A 88 9.11 -0.17 8.24
N ASN A 89 9.10 -0.68 9.46
CA ASN A 89 9.50 0.09 10.63
C ASN A 89 11.01 0.34 10.63
N THR A 90 11.72 -0.41 9.80
CA THR A 90 13.17 -0.28 9.70
C THR A 90 13.58 0.47 8.45
N VAL A 91 12.65 1.27 7.92
CA VAL A 91 12.92 2.05 6.72
C VAL A 91 13.34 3.48 7.07
N LYS A 92 13.60 4.28 6.05
CA LYS A 92 14.01 5.67 6.25
C LYS A 92 13.77 6.49 4.99
N PHE A 93 13.32 7.73 5.17
CA PHE A 93 13.05 8.62 4.05
C PHE A 93 14.29 8.78 3.17
N ALA A 1 3.16 11.30 11.54
CA ALA A 1 1.96 11.54 12.31
C ALA A 1 0.72 11.44 11.44
N ILE A 2 0.72 10.48 10.52
CA ILE A 2 -0.40 10.28 9.61
C ILE A 2 -1.55 9.57 10.31
N SER A 3 -2.63 9.33 9.57
CA SER A 3 -3.80 8.65 10.13
C SER A 3 -3.93 7.23 9.57
N CYS A 4 -3.70 6.25 10.42
CA CYS A 4 -3.79 4.85 10.02
C CYS A 4 -5.10 4.57 9.31
N GLY A 5 -6.19 5.11 9.85
CA GLY A 5 -7.50 4.91 9.26
C GLY A 5 -7.55 5.32 7.80
N ALA A 6 -6.71 6.29 7.43
CA ALA A 6 -6.65 6.77 6.06
C ALA A 6 -5.73 5.92 5.21
N VAL A 7 -4.82 5.19 5.87
CA VAL A 7 -3.89 4.33 5.17
C VAL A 7 -4.60 3.15 4.50
N THR A 8 -5.40 2.43 5.28
CA THR A 8 -6.14 1.29 4.77
C THR A 8 -7.33 1.73 3.92
N SER A 9 -7.97 2.82 4.36
CA SER A 9 -9.14 3.34 3.64
C SER A 9 -8.75 3.74 2.21
N ASP A 10 -7.57 4.32 2.06
CA ASP A 10 -7.09 4.74 0.75
C ASP A 10 -6.99 3.56 -0.20
N LEU A 11 -6.88 2.36 0.36
CA LEU A 11 -6.77 1.14 -0.43
C LEU A 11 -8.11 0.40 -0.47
N SER A 12 -9.17 1.09 -0.11
CA SER A 12 -10.51 0.50 -0.09
C SER A 12 -10.85 -0.10 -1.46
N PRO A 13 -10.84 0.75 -2.50
CA PRO A 13 -11.14 0.33 -3.87
C PRO A 13 -10.04 -0.55 -4.46
N CYS A 14 -8.88 -0.55 -3.82
CA CYS A 14 -7.76 -1.35 -4.28
C CYS A 14 -7.82 -2.77 -3.71
N LEU A 15 -8.45 -2.90 -2.54
CA LEU A 15 -8.58 -4.20 -1.88
C LEU A 15 -9.00 -5.27 -2.88
N THR A 16 -9.93 -4.93 -3.77
CA THR A 16 -10.41 -5.86 -4.77
C THR A 16 -9.26 -6.43 -5.59
N TYR A 17 -8.60 -5.56 -6.35
CA TYR A 17 -7.48 -5.98 -7.19
C TYR A 17 -6.36 -6.59 -6.34
N LEU A 18 -6.21 -6.08 -5.12
CA LEU A 18 -5.18 -6.58 -4.21
C LEU A 18 -5.52 -7.97 -3.70
N THR A 19 -6.81 -8.29 -3.70
CA THR A 19 -7.27 -9.60 -3.25
C THR A 19 -7.43 -10.56 -4.41
N GLY A 20 -6.66 -10.33 -5.47
CA GLY A 20 -6.72 -11.19 -6.64
C GLY A 20 -7.80 -10.76 -7.62
N GLY A 21 -8.52 -9.71 -7.27
CA GLY A 21 -9.58 -9.21 -8.14
C GLY A 21 -9.04 -8.48 -9.35
N PRO A 22 -9.95 -8.04 -10.24
CA PRO A 22 -9.58 -7.33 -11.46
C PRO A 22 -9.04 -5.93 -11.16
N GLY A 23 -8.15 -5.46 -12.04
CA GLY A 23 -7.57 -4.13 -11.85
C GLY A 23 -6.12 -4.07 -12.30
N PRO A 24 -5.38 -3.07 -11.79
CA PRO A 24 -5.93 -2.09 -10.85
C PRO A 24 -6.93 -1.14 -11.51
N SER A 25 -8.08 -0.97 -10.87
CA SER A 25 -9.12 -0.09 -11.39
C SER A 25 -8.66 1.36 -11.38
N PRO A 26 -9.36 2.21 -12.14
CA PRO A 26 -9.05 3.64 -12.24
C PRO A 26 -9.37 4.39 -10.95
N GLN A 27 -10.37 3.91 -10.22
CA GLN A 27 -10.78 4.53 -8.97
C GLN A 27 -9.80 4.18 -7.85
N CYS A 28 -9.18 3.01 -7.96
CA CYS A 28 -8.23 2.56 -6.96
C CYS A 28 -6.92 3.35 -7.04
N CYS A 29 -6.37 3.44 -8.24
CA CYS A 29 -5.13 4.17 -8.45
C CYS A 29 -5.20 5.56 -7.85
N GLY A 30 -6.39 6.16 -7.90
CA GLY A 30 -6.57 7.49 -7.35
C GLY A 30 -6.14 7.59 -5.90
N GLY A 31 -6.49 6.58 -5.11
CA GLY A 31 -6.13 6.58 -3.71
C GLY A 31 -4.66 6.24 -3.50
N VAL A 32 -4.16 5.26 -4.24
CA VAL A 32 -2.77 4.84 -4.12
C VAL A 32 -1.83 6.04 -4.20
N LYS A 33 -2.10 6.94 -5.14
CA LYS A 33 -1.28 8.13 -5.33
C LYS A 33 -1.38 9.05 -4.12
N LYS A 34 -2.60 9.23 -3.61
CA LYS A 34 -2.83 10.08 -2.45
C LYS A 34 -2.12 9.52 -1.22
N LEU A 35 -2.14 8.20 -1.08
CA LEU A 35 -1.50 7.54 0.05
C LEU A 35 0.01 7.70 0.00
N LEU A 36 0.61 7.36 -1.14
CA LEU A 36 2.05 7.47 -1.31
C LEU A 36 2.48 8.94 -1.28
N ALA A 37 1.64 9.82 -1.81
CA ALA A 37 1.94 11.24 -1.83
C ALA A 37 2.00 11.81 -0.42
N ALA A 38 1.36 11.13 0.52
CA ALA A 38 1.35 11.57 1.91
C ALA A 38 2.58 11.07 2.65
N ALA A 39 2.99 9.84 2.35
CA ALA A 39 4.15 9.25 3.00
C ALA A 39 5.45 9.80 2.41
N ASN A 40 5.70 11.08 2.66
CA ASN A 40 6.90 11.73 2.16
C ASN A 40 7.99 11.76 3.22
N THR A 41 7.63 11.40 4.45
CA THR A 41 8.57 11.38 5.55
C THR A 41 8.92 9.95 5.96
N THR A 42 9.98 9.81 6.75
CA THR A 42 10.42 8.50 7.20
C THR A 42 9.39 7.88 8.15
N PRO A 43 9.01 8.63 9.19
CA PRO A 43 8.03 8.17 10.17
C PRO A 43 6.62 8.07 9.60
N ASP A 44 6.44 8.62 8.40
CA ASP A 44 5.14 8.60 7.73
C ASP A 44 4.97 7.32 6.94
N ARG A 45 6.05 6.84 6.33
CA ARG A 45 6.01 5.63 5.52
C ARG A 45 5.96 4.39 6.41
N GLN A 46 6.73 4.41 7.49
CA GLN A 46 6.77 3.29 8.43
C GLN A 46 5.37 2.97 8.94
N ALA A 47 4.67 3.98 9.43
CA ALA A 47 3.32 3.80 9.93
C ALA A 47 2.36 3.33 8.84
N ALA A 48 2.35 4.06 7.73
CA ALA A 48 1.50 3.72 6.60
C ALA A 48 1.65 2.25 6.22
N CYS A 49 2.89 1.81 6.08
CA CYS A 49 3.17 0.42 5.71
C CYS A 49 2.72 -0.53 6.81
N ASN A 50 3.23 -0.31 8.02
CA ASN A 50 2.87 -1.16 9.16
C ASN A 50 1.36 -1.28 9.29
N CYS A 51 0.64 -0.24 8.88
CA CYS A 51 -0.81 -0.24 8.95
C CYS A 51 -1.41 -1.23 7.96
N LEU A 52 -0.99 -1.13 6.71
CA LEU A 52 -1.48 -2.02 5.66
C LEU A 52 -0.99 -3.45 5.88
N LYS A 53 0.32 -3.59 6.07
CA LYS A 53 0.92 -4.90 6.29
C LYS A 53 0.15 -5.68 7.35
N SER A 54 -0.04 -5.07 8.51
CA SER A 54 -0.76 -5.71 9.61
C SER A 54 -2.18 -6.09 9.17
N ALA A 55 -2.85 -5.16 8.48
CA ALA A 55 -4.21 -5.40 8.00
C ALA A 55 -4.23 -6.53 6.98
N ALA A 56 -3.11 -6.75 6.31
CA ALA A 56 -3.01 -7.80 5.30
C ALA A 56 -2.87 -9.16 5.95
N GLY A 57 -2.24 -9.20 7.12
CA GLY A 57 -2.05 -10.46 7.82
C GLY A 57 -3.36 -11.13 8.18
N SER A 58 -4.42 -10.34 8.27
CA SER A 58 -5.73 -10.87 8.61
C SER A 58 -6.51 -11.26 7.35
N ILE A 59 -5.85 -11.13 6.20
CA ILE A 59 -6.48 -11.47 4.93
C ILE A 59 -5.92 -12.79 4.38
N THR A 60 -6.81 -13.62 3.85
CA THR A 60 -6.41 -14.91 3.29
C THR A 60 -6.37 -14.86 1.76
N LYS A 61 -7.20 -14.00 1.18
CA LYS A 61 -7.27 -13.85 -0.27
C LYS A 61 -6.33 -12.75 -0.74
N LEU A 62 -5.45 -12.31 0.14
CA LEU A 62 -4.49 -11.26 -0.19
C LEU A 62 -3.51 -11.73 -1.26
N ASN A 63 -3.41 -10.96 -2.34
CA ASN A 63 -2.51 -11.29 -3.44
C ASN A 63 -1.29 -10.38 -3.43
N THR A 64 -0.23 -10.82 -2.74
CA THR A 64 1.00 -10.06 -2.66
C THR A 64 1.49 -9.65 -4.04
N ASN A 65 1.17 -10.45 -5.04
CA ASN A 65 1.58 -10.18 -6.41
C ASN A 65 0.93 -8.89 -6.92
N ASN A 66 -0.35 -8.71 -6.59
CA ASN A 66 -1.09 -7.52 -7.02
C ASN A 66 -0.68 -6.31 -6.19
N ALA A 67 -0.15 -6.56 -5.00
CA ALA A 67 0.28 -5.48 -4.11
C ALA A 67 1.58 -4.85 -4.61
N ALA A 68 2.45 -5.67 -5.18
CA ALA A 68 3.73 -5.18 -5.69
C ALA A 68 3.54 -4.45 -7.01
N ALA A 69 2.67 -4.98 -7.86
CA ALA A 69 2.40 -4.36 -9.16
C ALA A 69 1.32 -3.30 -9.04
N LEU A 70 0.69 -3.22 -7.88
CA LEU A 70 -0.37 -2.24 -7.64
C LEU A 70 0.13 -0.83 -7.92
N PRO A 71 1.18 -0.42 -7.20
CA PRO A 71 1.78 0.92 -7.36
C PRO A 71 2.50 1.08 -8.69
N GLY A 72 2.98 -0.04 -9.23
CA GLY A 72 3.67 0.00 -10.50
C GLY A 72 2.74 0.23 -11.67
N LYS A 73 1.63 -0.48 -11.69
CA LYS A 73 0.66 -0.35 -12.76
C LYS A 73 -0.09 0.98 -12.67
N CYS A 74 -0.05 1.59 -11.49
CA CYS A 74 -0.72 2.86 -11.26
C CYS A 74 0.23 4.03 -11.54
N GLY A 75 1.31 3.75 -12.27
CA GLY A 75 2.28 4.78 -12.58
C GLY A 75 2.90 5.40 -11.34
N VAL A 76 3.63 4.58 -10.58
CA VAL A 76 4.28 5.06 -9.36
C VAL A 76 5.66 4.44 -9.20
N ASN A 77 6.46 5.02 -8.31
CA ASN A 77 7.80 4.52 -8.05
C ASN A 77 8.05 4.37 -6.55
N ILE A 78 8.34 3.15 -6.12
CA ILE A 78 8.60 2.88 -4.71
C ILE A 78 9.81 1.96 -4.54
N PRO A 79 10.99 2.58 -4.39
CA PRO A 79 12.25 1.83 -4.23
C PRO A 79 12.32 1.15 -2.86
N TYR A 80 11.57 0.06 -2.71
CA TYR A 80 11.56 -0.69 -1.47
C TYR A 80 11.05 -2.12 -1.70
N LYS A 81 11.21 -2.96 -0.68
CA LYS A 81 10.77 -4.35 -0.76
C LYS A 81 9.29 -4.47 -0.39
N ILE A 82 8.43 -4.46 -1.40
CA ILE A 82 6.99 -4.58 -1.18
C ILE A 82 6.67 -5.79 -0.32
N SER A 83 7.52 -6.81 -0.39
CA SER A 83 7.32 -8.03 0.38
C SER A 83 6.95 -7.70 1.82
N THR A 84 5.90 -8.35 2.32
CA THR A 84 5.43 -8.14 3.68
C THR A 84 6.42 -8.70 4.69
N THR A 85 7.42 -9.43 4.20
CA THR A 85 8.42 -10.03 5.07
C THR A 85 9.40 -8.99 5.59
N THR A 86 9.59 -7.92 4.82
CA THR A 86 10.49 -6.85 5.20
C THR A 86 9.86 -5.95 6.27
N ASN A 87 10.68 -5.46 7.19
CA ASN A 87 10.21 -4.60 8.26
C ASN A 87 10.16 -3.15 7.80
N CYS A 88 8.96 -2.62 7.60
CA CYS A 88 8.78 -1.25 7.17
C CYS A 88 9.27 -0.27 8.24
N ASN A 89 9.51 -0.78 9.44
CA ASN A 89 9.98 0.04 10.54
C ASN A 89 11.47 0.32 10.41
N THR A 90 12.14 -0.41 9.53
CA THR A 90 13.57 -0.24 9.32
C THR A 90 13.84 0.76 8.20
N VAL A 91 12.78 1.12 7.46
CA VAL A 91 12.91 2.06 6.36
C VAL A 91 13.28 3.45 6.87
N LYS A 92 13.89 4.25 6.01
CA LYS A 92 14.30 5.61 6.37
C LYS A 92 14.53 6.46 5.13
N PHE A 93 13.57 7.32 4.82
CA PHE A 93 13.67 8.19 3.66
C PHE A 93 15.02 8.90 3.63
N ALA A 1 2.27 12.04 13.23
CA ALA A 1 2.17 10.89 12.31
C ALA A 1 0.88 10.96 11.50
N ILE A 2 0.74 10.02 10.57
CA ILE A 2 -0.45 9.96 9.72
C ILE A 2 -1.57 9.19 10.41
N SER A 3 -2.75 9.19 9.79
CA SER A 3 -3.91 8.50 10.34
C SER A 3 -4.05 7.11 9.73
N CYS A 4 -3.87 6.08 10.57
CA CYS A 4 -3.97 4.70 10.12
C CYS A 4 -5.29 4.47 9.38
N GLY A 5 -6.34 5.17 9.80
CA GLY A 5 -7.63 5.04 9.16
C GLY A 5 -7.61 5.46 7.71
N ALA A 6 -6.74 6.41 7.38
CA ALA A 6 -6.63 6.90 6.02
C ALA A 6 -5.69 6.04 5.19
N VAL A 7 -4.85 5.27 5.87
CA VAL A 7 -3.90 4.38 5.20
C VAL A 7 -4.63 3.23 4.51
N THR A 8 -5.47 2.54 5.26
CA THR A 8 -6.22 1.41 4.73
C THR A 8 -7.37 1.88 3.84
N SER A 9 -7.98 3.00 4.21
CA SER A 9 -9.10 3.55 3.45
C SER A 9 -8.64 3.94 2.04
N ASP A 10 -7.43 4.51 1.95
CA ASP A 10 -6.89 4.92 0.66
C ASP A 10 -6.77 3.74 -0.29
N LEU A 11 -6.76 2.53 0.27
CA LEU A 11 -6.65 1.32 -0.52
C LEU A 11 -8.00 0.59 -0.61
N SER A 12 -9.07 1.31 -0.27
CA SER A 12 -10.41 0.74 -0.32
C SER A 12 -10.71 0.17 -1.69
N PRO A 13 -10.67 1.04 -2.72
CA PRO A 13 -10.94 0.63 -4.10
C PRO A 13 -9.83 -0.25 -4.68
N CYS A 14 -8.71 -0.32 -3.97
CA CYS A 14 -7.59 -1.13 -4.42
C CYS A 14 -7.70 -2.56 -3.87
N LEU A 15 -8.33 -2.69 -2.70
CA LEU A 15 -8.51 -4.00 -2.09
C LEU A 15 -8.93 -5.04 -3.11
N THR A 16 -9.81 -4.65 -4.02
CA THR A 16 -10.29 -5.55 -5.06
C THR A 16 -9.14 -6.16 -5.85
N TYR A 17 -8.39 -5.30 -6.55
CA TYR A 17 -7.26 -5.75 -7.34
C TYR A 17 -6.18 -6.37 -6.44
N LEU A 18 -6.07 -5.86 -5.22
CA LEU A 18 -5.09 -6.36 -4.27
C LEU A 18 -5.48 -7.73 -3.75
N THR A 19 -6.75 -8.08 -3.91
CA THR A 19 -7.25 -9.37 -3.46
C THR A 19 -7.41 -10.35 -4.62
N GLY A 20 -6.67 -10.10 -5.70
CA GLY A 20 -6.74 -10.96 -6.86
C GLY A 20 -7.72 -10.46 -7.89
N GLY A 21 -8.53 -9.47 -7.51
CA GLY A 21 -9.52 -8.92 -8.43
C GLY A 21 -8.88 -8.19 -9.60
N PRO A 22 -9.72 -7.69 -10.52
CA PRO A 22 -9.26 -6.97 -11.70
C PRO A 22 -8.68 -5.59 -11.35
N GLY A 23 -7.72 -5.14 -12.15
CA GLY A 23 -7.11 -3.84 -11.91
C GLY A 23 -5.65 -3.82 -12.30
N PRO A 24 -4.90 -2.85 -11.76
CA PRO A 24 -5.46 -1.84 -10.84
C PRO A 24 -6.40 -0.87 -11.54
N SER A 25 -7.60 -0.71 -10.99
CA SER A 25 -8.60 0.18 -11.56
C SER A 25 -8.11 1.63 -11.51
N PRO A 26 -8.77 2.50 -12.31
CA PRO A 26 -8.42 3.92 -12.37
C PRO A 26 -8.79 4.66 -11.09
N GLN A 27 -9.83 4.20 -10.42
CA GLN A 27 -10.28 4.82 -9.18
C GLN A 27 -9.37 4.44 -8.02
N CYS A 28 -8.75 3.28 -8.11
CA CYS A 28 -7.85 2.79 -7.07
C CYS A 28 -6.53 3.57 -7.09
N CYS A 29 -5.93 3.66 -8.27
CA CYS A 29 -4.66 4.37 -8.43
C CYS A 29 -4.74 5.76 -7.81
N GLY A 30 -5.91 6.39 -7.91
CA GLY A 30 -6.09 7.71 -7.35
C GLY A 30 -5.71 7.78 -5.88
N GLY A 31 -6.10 6.76 -5.12
CA GLY A 31 -5.79 6.72 -3.71
C GLY A 31 -4.34 6.37 -3.43
N VAL A 32 -3.82 5.40 -4.17
CA VAL A 32 -2.45 4.96 -4.00
C VAL A 32 -1.49 6.14 -4.06
N LYS A 33 -1.70 7.01 -5.04
CA LYS A 33 -0.85 8.19 -5.21
C LYS A 33 -0.96 9.12 -4.00
N LYS A 34 -2.18 9.31 -3.52
CA LYS A 34 -2.43 10.16 -2.37
C LYS A 34 -1.74 9.61 -1.12
N LEU A 35 -1.79 8.28 -0.97
CA LEU A 35 -1.17 7.62 0.18
C LEU A 35 0.34 7.78 0.15
N LEU A 36 0.96 7.42 -0.98
CA LEU A 36 2.39 7.53 -1.14
C LEU A 36 2.85 8.98 -1.09
N ALA A 37 2.05 9.85 -1.68
CA ALA A 37 2.36 11.28 -1.71
C ALA A 37 2.36 11.87 -0.30
N ALA A 38 1.64 11.21 0.60
CA ALA A 38 1.55 11.67 1.99
C ALA A 38 2.75 11.21 2.79
N ALA A 39 3.24 10.01 2.50
CA ALA A 39 4.39 9.44 3.19
C ALA A 39 5.68 10.09 2.72
N ASN A 40 5.86 11.36 3.04
CA ASN A 40 7.06 12.10 2.64
C ASN A 40 8.08 12.13 3.78
N THR A 41 7.63 11.76 4.98
CA THR A 41 8.50 11.75 6.15
C THR A 41 8.86 10.33 6.54
N THR A 42 9.85 10.20 7.43
CA THR A 42 10.30 8.89 7.90
C THR A 42 9.21 8.20 8.72
N PRO A 43 8.72 8.90 9.75
CA PRO A 43 7.67 8.38 10.64
C PRO A 43 6.32 8.27 9.93
N ASP A 44 6.23 8.84 8.75
CA ASP A 44 5.00 8.80 7.97
C ASP A 44 4.93 7.53 7.11
N ARG A 45 6.07 7.11 6.60
CA ARG A 45 6.14 5.91 5.76
C ARG A 45 6.05 4.65 6.62
N GLN A 46 6.77 4.64 7.73
CA GLN A 46 6.77 3.50 8.63
C GLN A 46 5.35 3.14 9.06
N ALA A 47 4.65 4.11 9.63
CA ALA A 47 3.28 3.90 10.08
C ALA A 47 2.39 3.45 8.93
N ALA A 48 2.49 4.15 7.80
CA ALA A 48 1.69 3.83 6.62
C ALA A 48 1.79 2.34 6.28
N CYS A 49 3.02 1.87 6.08
CA CYS A 49 3.25 0.47 5.73
C CYS A 49 2.76 -0.44 6.86
N ASN A 50 3.33 -0.26 8.05
CA ASN A 50 2.96 -1.06 9.21
C ASN A 50 1.44 -1.16 9.35
N CYS A 51 0.76 -0.05 9.07
CA CYS A 51 -0.70 -0.01 9.17
C CYS A 51 -1.33 -1.02 8.22
N LEU A 52 -0.85 -1.05 6.98
CA LEU A 52 -1.36 -1.98 5.98
C LEU A 52 -0.86 -3.40 6.23
N LYS A 53 0.28 -3.50 6.90
CA LYS A 53 0.88 -4.80 7.21
C LYS A 53 0.02 -5.56 8.21
N SER A 54 -0.47 -4.85 9.22
CA SER A 54 -1.31 -5.46 10.24
C SER A 54 -2.69 -5.80 9.70
N ALA A 55 -3.27 -4.87 8.93
CA ALA A 55 -4.57 -5.08 8.34
C ALA A 55 -4.54 -6.18 7.28
N ALA A 56 -3.33 -6.50 6.82
CA ALA A 56 -3.16 -7.53 5.81
C ALA A 56 -3.17 -8.92 6.43
N GLY A 57 -2.72 -9.01 7.67
CA GLY A 57 -2.68 -10.29 8.36
C GLY A 57 -4.05 -10.90 8.53
N SER A 58 -5.08 -10.05 8.51
CA SER A 58 -6.44 -10.52 8.68
C SER A 58 -7.07 -10.87 7.32
N ILE A 59 -6.28 -10.72 6.26
CA ILE A 59 -6.74 -11.03 4.91
C ILE A 59 -6.15 -12.34 4.41
N THR A 60 -7.02 -13.26 4.02
CA THR A 60 -6.58 -14.56 3.51
C THR A 60 -6.53 -14.56 1.99
N LYS A 61 -7.38 -13.75 1.37
CA LYS A 61 -7.43 -13.66 -0.08
C LYS A 61 -6.51 -12.56 -0.60
N LEU A 62 -5.61 -12.09 0.27
CA LEU A 62 -4.67 -11.05 -0.10
C LEU A 62 -3.70 -11.54 -1.17
N ASN A 63 -3.58 -10.77 -2.24
CA ASN A 63 -2.69 -11.12 -3.34
C ASN A 63 -1.43 -10.25 -3.32
N THR A 64 -0.41 -10.71 -2.60
CA THR A 64 0.84 -9.97 -2.50
C THR A 64 1.37 -9.60 -3.88
N ASN A 65 0.99 -10.37 -4.89
CA ASN A 65 1.42 -10.12 -6.26
C ASN A 65 0.88 -8.79 -6.77
N ASN A 66 -0.40 -8.55 -6.51
CA ASN A 66 -1.04 -7.31 -6.95
C ASN A 66 -0.62 -6.14 -6.06
N ALA A 67 -0.19 -6.45 -4.83
CA ALA A 67 0.24 -5.43 -3.89
C ALA A 67 1.58 -4.83 -4.30
N ALA A 68 2.45 -5.68 -4.85
CA ALA A 68 3.76 -5.23 -5.30
C ALA A 68 3.67 -4.44 -6.61
N ALA A 69 2.86 -4.94 -7.53
CA ALA A 69 2.67 -4.29 -8.82
C ALA A 69 1.60 -3.21 -8.75
N LEU A 70 0.97 -3.09 -7.58
CA LEU A 70 -0.08 -2.10 -7.39
C LEU A 70 0.43 -0.70 -7.70
N PRO A 71 1.47 -0.27 -6.98
CA PRO A 71 2.09 1.05 -7.16
C PRO A 71 2.83 1.16 -8.49
N GLY A 72 3.29 0.03 -9.00
CA GLY A 72 4.01 0.02 -10.26
C GLY A 72 3.11 0.34 -11.45
N LYS A 73 1.96 -0.31 -11.50
CA LYS A 73 1.01 -0.09 -12.58
C LYS A 73 0.43 1.31 -12.53
N CYS A 74 0.51 1.94 -11.36
CA CYS A 74 -0.01 3.28 -11.18
C CYS A 74 1.08 4.32 -11.43
N GLY A 75 2.17 3.88 -12.05
CA GLY A 75 3.27 4.79 -12.34
C GLY A 75 3.81 5.47 -11.11
N VAL A 76 4.49 4.70 -10.26
CA VAL A 76 5.07 5.24 -9.03
C VAL A 76 6.47 4.69 -8.79
N ASN A 77 7.30 5.49 -8.14
CA ASN A 77 8.67 5.08 -7.85
C ASN A 77 8.71 4.06 -6.71
N ILE A 78 9.07 2.83 -7.03
CA ILE A 78 9.14 1.77 -6.04
C ILE A 78 10.51 1.08 -6.06
N PRO A 79 11.49 1.71 -5.40
CA PRO A 79 12.86 1.18 -5.34
C PRO A 79 12.95 -0.08 -4.48
N TYR A 80 11.86 -0.42 -3.81
CA TYR A 80 11.81 -1.59 -2.95
C TYR A 80 11.24 -2.79 -3.70
N LYS A 81 11.62 -3.99 -3.26
CA LYS A 81 11.15 -5.22 -3.89
C LYS A 81 9.80 -5.63 -3.33
N ILE A 82 9.24 -4.80 -2.46
CA ILE A 82 7.94 -5.08 -1.85
C ILE A 82 7.95 -6.42 -1.13
N SER A 83 8.16 -6.38 0.19
CA SER A 83 8.20 -7.60 0.99
C SER A 83 7.31 -7.46 2.23
N THR A 84 6.31 -8.31 2.33
CA THR A 84 5.39 -8.28 3.46
C THR A 84 6.08 -8.75 4.74
N THR A 85 7.28 -9.30 4.60
CA THR A 85 8.03 -9.79 5.73
C THR A 85 9.05 -8.75 6.20
N THR A 86 9.20 -7.68 5.42
CA THR A 86 10.14 -6.62 5.76
C THR A 86 9.59 -5.73 6.87
N ASN A 87 10.49 -5.27 7.74
CA ASN A 87 10.09 -4.41 8.85
C ASN A 87 10.04 -2.95 8.41
N CYS A 88 8.83 -2.44 8.21
CA CYS A 88 8.64 -1.06 7.79
C CYS A 88 8.83 -0.11 8.96
N ASN A 89 9.07 -0.67 10.14
CA ASN A 89 9.26 0.12 11.35
C ASN A 89 10.71 0.58 11.48
N THR A 90 11.60 -0.08 10.73
CA THR A 90 13.01 0.26 10.76
C THR A 90 13.47 0.83 9.43
N VAL A 91 12.64 1.69 8.83
CA VAL A 91 12.97 2.31 7.56
C VAL A 91 13.02 3.82 7.68
N LYS A 92 13.74 4.46 6.76
CA LYS A 92 13.88 5.92 6.76
C LYS A 92 12.87 6.55 5.81
N PHE A 93 13.06 7.84 5.53
CA PHE A 93 12.18 8.57 4.63
C PHE A 93 12.47 8.22 3.18
N ALA A 1 3.22 12.88 11.66
CA ALA A 1 2.40 11.73 12.00
C ALA A 1 1.14 11.68 11.15
N ILE A 2 1.02 10.64 10.32
CA ILE A 2 -0.13 10.47 9.45
C ILE A 2 -1.30 9.82 10.21
N SER A 3 -2.35 9.49 9.48
CA SER A 3 -3.53 8.87 10.07
C SER A 3 -3.71 7.45 9.53
N CYS A 4 -3.51 6.47 10.41
CA CYS A 4 -3.66 5.07 10.03
C CYS A 4 -5.00 4.83 9.35
N GLY A 5 -6.03 5.53 9.82
CA GLY A 5 -7.36 5.37 9.25
C GLY A 5 -7.38 5.70 7.77
N ALA A 6 -6.51 6.61 7.35
CA ALA A 6 -6.45 7.00 5.95
C ALA A 6 -5.56 6.06 5.15
N VAL A 7 -4.69 5.34 5.85
CA VAL A 7 -3.78 4.39 5.20
C VAL A 7 -4.55 3.22 4.61
N THR A 8 -5.39 2.60 5.42
CA THR A 8 -6.19 1.46 4.97
C THR A 8 -7.34 1.90 4.08
N SER A 9 -8.01 2.99 4.47
CA SER A 9 -9.13 3.52 3.72
C SER A 9 -8.71 3.85 2.29
N ASP A 10 -7.48 4.32 2.13
CA ASP A 10 -6.96 4.67 0.82
C ASP A 10 -6.89 3.44 -0.09
N LEU A 11 -6.84 2.27 0.53
CA LEU A 11 -6.77 1.02 -0.21
C LEU A 11 -8.12 0.30 -0.20
N SER A 12 -9.17 1.02 0.18
CA SER A 12 -10.51 0.45 0.24
C SER A 12 -10.90 -0.16 -1.11
N PRO A 13 -10.90 0.68 -2.15
CA PRO A 13 -11.25 0.26 -3.52
C PRO A 13 -10.19 -0.66 -4.13
N CYS A 14 -9.01 -0.69 -3.51
CA CYS A 14 -7.92 -1.52 -4.00
C CYS A 14 -8.02 -2.93 -3.41
N LEU A 15 -8.62 -3.04 -2.24
CA LEU A 15 -8.78 -4.32 -1.57
C LEU A 15 -9.28 -5.39 -2.55
N THR A 16 -10.31 -5.03 -3.32
CA THR A 16 -10.89 -5.95 -4.28
C THR A 16 -9.81 -6.57 -5.16
N TYR A 17 -9.10 -5.73 -5.91
CA TYR A 17 -8.03 -6.20 -6.79
C TYR A 17 -6.93 -6.87 -5.99
N LEU A 18 -6.71 -6.38 -4.77
CA LEU A 18 -5.67 -6.94 -3.91
C LEU A 18 -6.13 -8.24 -3.27
N THR A 19 -7.37 -8.62 -3.56
CA THR A 19 -7.93 -9.86 -3.00
C THR A 19 -8.34 -10.82 -4.12
N GLY A 20 -7.54 -10.85 -5.18
CA GLY A 20 -7.84 -11.73 -6.30
C GLY A 20 -8.87 -11.14 -7.25
N GLY A 21 -9.44 -10.00 -6.86
CA GLY A 21 -10.45 -9.37 -7.69
C GLY A 21 -9.84 -8.67 -8.89
N PRO A 22 -10.72 -8.13 -9.77
CA PRO A 22 -10.29 -7.43 -10.98
C PRO A 22 -9.63 -6.09 -10.67
N GLY A 23 -8.73 -5.66 -11.55
CA GLY A 23 -8.04 -4.39 -11.34
C GLY A 23 -6.63 -4.40 -11.88
N PRO A 24 -5.82 -3.43 -11.45
CA PRO A 24 -6.26 -2.39 -10.51
C PRO A 24 -7.25 -1.42 -11.15
N SER A 25 -8.39 -1.24 -10.49
CA SER A 25 -9.42 -0.33 -11.00
C SER A 25 -8.93 1.10 -11.04
N PRO A 26 -9.63 1.95 -11.80
CA PRO A 26 -9.28 3.37 -11.96
C PRO A 26 -9.52 4.16 -10.67
N GLN A 27 -10.52 3.75 -9.90
CA GLN A 27 -10.85 4.43 -8.66
C GLN A 27 -9.86 4.05 -7.55
N CYS A 28 -9.29 2.85 -7.67
CA CYS A 28 -8.34 2.36 -6.68
C CYS A 28 -7.01 3.11 -6.80
N CYS A 29 -6.46 3.15 -8.01
CA CYS A 29 -5.20 3.84 -8.25
C CYS A 29 -5.23 5.26 -7.69
N GLY A 30 -6.40 5.89 -7.77
CA GLY A 30 -6.53 7.24 -7.26
C GLY A 30 -6.09 7.37 -5.81
N GLY A 31 -6.46 6.39 -4.99
CA GLY A 31 -6.10 6.42 -3.59
C GLY A 31 -4.65 6.05 -3.36
N VAL A 32 -4.16 5.04 -4.08
CA VAL A 32 -2.78 4.60 -3.94
C VAL A 32 -1.82 5.78 -4.06
N LYS A 33 -2.00 6.60 -5.09
CA LYS A 33 -1.16 7.77 -5.31
C LYS A 33 -1.23 8.72 -4.12
N LYS A 34 -2.43 8.92 -3.60
CA LYS A 34 -2.63 9.81 -2.45
C LYS A 34 -1.92 9.28 -1.23
N LEU A 35 -1.94 7.96 -1.05
CA LEU A 35 -1.29 7.34 0.10
C LEU A 35 0.23 7.49 0.02
N LEU A 36 0.80 7.12 -1.12
CA LEU A 36 2.24 7.22 -1.32
C LEU A 36 2.68 8.69 -1.33
N ALA A 37 1.86 9.55 -1.91
CA ALA A 37 2.16 10.97 -1.98
C ALA A 37 2.19 11.59 -0.59
N ALA A 38 1.52 10.94 0.35
CA ALA A 38 1.47 11.43 1.73
C ALA A 38 2.69 10.98 2.51
N ALA A 39 3.16 9.77 2.24
CA ALA A 39 4.33 9.23 2.92
C ALA A 39 5.62 9.81 2.37
N ASN A 40 5.87 11.08 2.68
CA ASN A 40 7.07 11.76 2.21
C ASN A 40 8.12 11.85 3.31
N THR A 41 7.72 11.49 4.52
CA THR A 41 8.62 11.54 5.66
C THR A 41 8.97 10.13 6.14
N THR A 42 9.93 10.03 7.06
CA THR A 42 10.36 8.74 7.59
C THR A 42 9.26 8.11 8.44
N PRO A 43 8.78 8.87 9.44
CA PRO A 43 7.72 8.40 10.34
C PRO A 43 6.37 8.29 9.65
N ASP A 44 6.28 8.82 8.44
CA ASP A 44 5.06 8.78 7.66
C ASP A 44 4.98 7.50 6.84
N ARG A 45 6.12 7.05 6.33
CA ARG A 45 6.19 5.85 5.52
C ARG A 45 6.08 4.60 6.39
N GLN A 46 6.77 4.61 7.52
CA GLN A 46 6.74 3.48 8.44
C GLN A 46 5.32 3.17 8.88
N ALA A 47 4.67 4.14 9.52
CA ALA A 47 3.31 3.97 9.99
C ALA A 47 2.39 3.53 8.86
N ALA A 48 2.47 4.22 7.73
CA ALA A 48 1.64 3.89 6.58
C ALA A 48 1.77 2.41 6.21
N CYS A 49 3.00 1.98 5.96
CA CYS A 49 3.25 0.59 5.60
C CYS A 49 2.85 -0.36 6.73
N ASN A 50 3.45 -0.15 7.90
CA ASN A 50 3.15 -0.99 9.06
C ASN A 50 1.64 -1.13 9.25
N CYS A 51 0.92 -0.04 9.00
CA CYS A 51 -0.53 -0.04 9.15
C CYS A 51 -1.17 -1.05 8.20
N LEU A 52 -0.71 -1.07 6.97
CA LEU A 52 -1.24 -2.00 5.96
C LEU A 52 -0.69 -3.40 6.18
N LYS A 53 0.52 -3.49 6.71
CA LYS A 53 1.16 -4.77 6.97
C LYS A 53 0.37 -5.57 8.00
N SER A 54 -0.12 -4.89 9.02
CA SER A 54 -0.90 -5.54 10.08
C SER A 54 -2.29 -5.92 9.57
N ALA A 55 -2.93 -4.99 8.87
CA ALA A 55 -4.26 -5.23 8.33
C ALA A 55 -4.23 -6.29 7.24
N ALA A 56 -3.03 -6.59 6.74
CA ALA A 56 -2.88 -7.59 5.69
C ALA A 56 -2.81 -8.99 6.27
N GLY A 57 -2.29 -9.09 7.49
CA GLY A 57 -2.18 -10.39 8.14
C GLY A 57 -3.53 -11.05 8.36
N SER A 58 -4.58 -10.23 8.42
CA SER A 58 -5.93 -10.74 8.64
C SER A 58 -6.60 -11.05 7.30
N ILE A 59 -5.87 -10.88 6.21
CA ILE A 59 -6.39 -11.15 4.89
C ILE A 59 -5.82 -12.45 4.32
N THR A 60 -6.70 -13.37 3.95
CA THR A 60 -6.29 -14.65 3.39
C THR A 60 -6.25 -14.60 1.87
N LYS A 61 -7.11 -13.77 1.29
CA LYS A 61 -7.18 -13.62 -0.16
C LYS A 61 -6.15 -12.61 -0.65
N LEU A 62 -5.33 -12.11 0.27
CA LEU A 62 -4.30 -11.13 -0.08
C LEU A 62 -3.35 -11.68 -1.14
N ASN A 63 -3.25 -10.98 -2.27
CA ASN A 63 -2.38 -11.41 -3.36
C ASN A 63 -1.12 -10.55 -3.41
N THR A 64 -0.06 -11.02 -2.76
CA THR A 64 1.21 -10.29 -2.73
C THR A 64 1.64 -9.88 -4.14
N ASN A 65 1.20 -10.66 -5.13
CA ASN A 65 1.54 -10.37 -6.52
C ASN A 65 0.94 -9.05 -6.98
N ASN A 66 -0.38 -8.93 -6.83
CA ASN A 66 -1.08 -7.72 -7.23
C ASN A 66 -0.73 -6.56 -6.29
N ALA A 67 -0.28 -6.90 -5.09
CA ALA A 67 0.09 -5.89 -4.10
C ALA A 67 1.37 -5.17 -4.49
N ALA A 68 2.31 -5.92 -5.07
CA ALA A 68 3.58 -5.36 -5.51
C ALA A 68 3.41 -4.54 -6.79
N ALA A 69 2.62 -5.06 -7.71
CA ALA A 69 2.38 -4.39 -8.98
C ALA A 69 1.24 -3.39 -8.86
N LEU A 70 0.59 -3.37 -7.70
CA LEU A 70 -0.52 -2.46 -7.46
C LEU A 70 -0.12 -1.02 -7.72
N PRO A 71 0.90 -0.54 -6.99
CA PRO A 71 1.41 0.83 -7.13
C PRO A 71 2.14 1.04 -8.46
N GLY A 72 2.71 -0.02 -8.99
CA GLY A 72 3.43 0.06 -10.25
C GLY A 72 2.50 0.28 -11.44
N LYS A 73 1.43 -0.51 -11.50
CA LYS A 73 0.47 -0.40 -12.59
C LYS A 73 -0.21 0.97 -12.57
N CYS A 74 -0.10 1.66 -11.45
CA CYS A 74 -0.71 2.99 -11.31
C CYS A 74 0.21 4.06 -11.88
N GLY A 75 1.33 3.64 -12.43
CA GLY A 75 2.28 4.58 -13.02
C GLY A 75 3.35 5.01 -12.04
N VAL A 76 3.01 4.99 -10.74
CA VAL A 76 3.96 5.38 -9.71
C VAL A 76 4.85 4.21 -9.31
N ASN A 77 6.02 4.53 -8.76
CA ASN A 77 6.97 3.51 -8.34
C ASN A 77 7.50 3.80 -6.94
N ILE A 78 7.91 2.75 -6.24
CA ILE A 78 8.43 2.89 -4.89
C ILE A 78 9.88 2.40 -4.80
N PRO A 79 10.75 3.20 -4.19
CA PRO A 79 12.16 2.85 -4.02
C PRO A 79 12.38 1.72 -3.03
N TYR A 80 11.30 1.31 -2.38
CA TYR A 80 11.37 0.22 -1.40
C TYR A 80 10.82 -1.08 -1.99
N LYS A 81 11.58 -2.15 -1.83
CA LYS A 81 11.17 -3.46 -2.34
C LYS A 81 9.91 -3.95 -1.64
N ILE A 82 8.90 -4.29 -2.42
CA ILE A 82 7.64 -4.78 -1.87
C ILE A 82 7.82 -6.15 -1.23
N SER A 83 7.74 -6.19 0.10
CA SER A 83 7.90 -7.43 0.84
C SER A 83 7.06 -7.41 2.11
N THR A 84 6.05 -8.27 2.17
CA THR A 84 5.17 -8.36 3.33
C THR A 84 5.93 -8.87 4.55
N THR A 85 7.13 -9.40 4.33
CA THR A 85 7.96 -9.92 5.41
C THR A 85 8.96 -8.87 5.89
N THR A 86 9.14 -7.83 5.08
CA THR A 86 10.07 -6.76 5.44
C THR A 86 9.49 -5.85 6.51
N ASN A 87 10.35 -5.38 7.41
CA ASN A 87 9.92 -4.50 8.49
C ASN A 87 9.97 -3.04 8.06
N CYS A 88 8.80 -2.46 7.80
CA CYS A 88 8.72 -1.07 7.38
C CYS A 88 8.95 -0.13 8.56
N ASN A 89 9.17 -0.71 9.74
CA ASN A 89 9.41 0.08 10.94
C ASN A 89 10.87 0.52 11.01
N THR A 90 11.74 -0.21 10.34
CA THR A 90 13.16 0.11 10.32
C THR A 90 13.58 0.71 8.99
N VAL A 91 12.74 1.58 8.45
CA VAL A 91 13.02 2.24 7.18
C VAL A 91 13.38 3.70 7.38
N LYS A 92 13.76 4.37 6.30
CA LYS A 92 14.14 5.77 6.36
C LYS A 92 13.79 6.49 5.05
N PHE A 93 13.16 7.65 5.17
CA PHE A 93 12.77 8.43 4.00
C PHE A 93 13.96 8.63 3.07
#